data_2X7F
#
_entry.id   2X7F
#
_cell.length_a   52.972
_cell.length_b   79.074
_cell.length_c   214.159
_cell.angle_alpha   90.00
_cell.angle_beta   91.87
_cell.angle_gamma   90.00
#
_symmetry.space_group_name_H-M   'P 1 21 1'
#
loop_
_entity.id
_entity.type
_entity.pdbx_description
1 polymer 'TRAF2 AND NCK-INTERACTING PROTEIN KINASE'
2 non-polymer 9-HYDROXY-4-PHENYLPYRROLO[3,4-C]CARBAZOLE-1,3(2H,6H)-DIONE
3 non-polymer 'SODIUM ION'
4 water water
#
_entity_poly.entity_id   1
_entity_poly.type   'polypeptide(L)'
_entity_poly.pdbx_seq_one_letter_code
;SMASDSPARSLDEIDLSALRDPAGIFELVELVGNGTYGQVYKGRHVKTGQLAAIKVMDVTGDEEEEIKQEINMLKKYSHH
RNIATYYGAFIKKNPPGMDDQLWLVMEFCGAGSVTDLIKNTKGNTLKEEWIAYICREILRGLSHLHQHKVIHRDIKGQNV
LLTENAEVKLVDFGVSAQLDRTVGRRNTFIGTPYWMAPEVIACDENPDATYDFKSDLWSLGITAIEMAEGAPPLCDMHPM
RALFLIPRNPAPRLKSKKWSKKFQSFIESCLVKNHSQRPATEQLMKHPFIRDQPNERQVRIQLKDHIDRTKKKRGEKDET
EYEYSG
;
_entity_poly.pdbx_strand_id   A,B,C,D,E
#
# COMPACT_ATOMS: atom_id res chain seq x y z
N LEU A 16 38.15 2.61 12.06
CA LEU A 16 38.85 2.69 13.33
C LEU A 16 37.99 2.09 14.43
N SER A 17 38.35 0.86 14.84
CA SER A 17 37.64 0.07 15.85
C SER A 17 37.56 0.62 17.27
N ALA A 18 38.03 1.88 17.50
CA ALA A 18 37.91 2.57 18.78
C ALA A 18 36.58 3.37 18.76
N LEU A 19 35.46 2.61 18.78
CA LEU A 19 34.08 3.09 18.74
C LEU A 19 33.53 3.18 20.17
N ARG A 20 32.35 3.81 20.32
CA ARG A 20 31.68 4.01 21.61
C ARG A 20 30.90 2.77 22.07
N ASP A 21 30.66 2.64 23.40
CA ASP A 21 29.83 1.58 23.99
C ASP A 21 28.37 2.01 23.78
N PRO A 22 27.45 1.11 23.41
CA PRO A 22 26.08 1.55 23.13
C PRO A 22 25.22 1.98 24.31
N ALA A 23 25.66 1.66 25.56
CA ALA A 23 24.99 1.94 26.83
C ALA A 23 24.47 3.33 26.89
N GLY A 24 23.15 3.44 27.07
CA GLY A 24 22.44 4.71 27.18
C GLY A 24 22.07 5.36 25.86
N ILE A 25 22.63 4.86 24.74
CA ILE A 25 22.36 5.35 23.38
C ILE A 25 21.35 4.43 22.68
N PHE A 26 21.65 3.12 22.59
CA PHE A 26 20.79 2.13 21.93
C PHE A 26 20.54 0.96 22.82
N GLU A 27 19.30 0.46 22.81
CA GLU A 27 18.87 -0.68 23.61
C GLU A 27 18.25 -1.76 22.75
N LEU A 28 18.58 -3.03 23.02
CA LEU A 28 17.99 -4.16 22.28
C LEU A 28 16.58 -4.43 22.81
N VAL A 29 15.61 -4.66 21.92
CA VAL A 29 14.22 -4.87 22.31
C VAL A 29 13.82 -6.34 22.12
N GLU A 30 13.91 -6.87 20.87
CA GLU A 30 13.55 -8.24 20.51
C GLU A 30 14.42 -8.70 19.35
N LEU A 31 14.66 -10.02 19.24
CA LEU A 31 15.41 -10.57 18.11
C LEU A 31 14.45 -10.68 16.92
N VAL A 32 14.87 -10.22 15.74
CA VAL A 32 14.02 -10.25 14.54
C VAL A 32 14.58 -11.15 13.43
N GLY A 33 15.90 -11.17 13.28
CA GLY A 33 16.59 -11.91 12.25
C GLY A 33 17.57 -12.95 12.75
N ASN A 34 17.71 -14.04 11.98
CA ASN A 34 18.60 -15.17 12.23
C ASN A 34 18.79 -15.93 10.91
N GLY A 35 19.56 -15.33 10.02
CA GLY A 35 19.87 -15.87 8.71
C GLY A 35 21.36 -15.84 8.41
N THR A 36 21.70 -15.72 7.10
CA THR A 36 23.08 -15.65 6.59
C THR A 36 23.81 -14.39 7.11
N TYR A 37 23.03 -13.36 7.48
CA TYR A 37 23.49 -12.08 8.04
C TYR A 37 23.79 -12.12 9.56
N GLY A 38 23.37 -13.20 10.25
CA GLY A 38 23.61 -13.39 11.68
C GLY A 38 22.41 -13.11 12.57
N GLN A 39 22.69 -12.72 13.84
CA GLN A 39 21.70 -12.38 14.89
C GLN A 39 21.37 -10.87 14.90
N VAL A 40 20.19 -10.53 14.35
CA VAL A 40 19.67 -9.17 14.19
C VAL A 40 18.55 -8.93 15.18
N TYR A 41 18.63 -7.77 15.86
CA TYR A 41 17.68 -7.34 16.88
C TYR A 41 16.94 -6.10 16.46
N LYS A 42 15.73 -5.91 17.01
CA LYS A 42 14.95 -4.69 16.88
C LYS A 42 15.46 -3.86 18.06
N GLY A 43 16.13 -2.75 17.76
CA GLY A 43 16.71 -1.86 18.76
C GLY A 43 15.94 -0.57 18.87
N ARG A 44 16.23 0.21 19.91
CA ARG A 44 15.57 1.49 20.17
C ARG A 44 16.61 2.53 20.58
N HIS A 45 16.54 3.72 19.95
CA HIS A 45 17.41 4.84 20.29
C HIS A 45 16.80 5.44 21.55
N VAL A 46 17.57 5.46 22.64
CA VAL A 46 17.11 5.89 23.96
C VAL A 46 16.49 7.29 23.98
N LYS A 47 17.25 8.30 23.53
CA LYS A 47 16.77 9.70 23.55
C LYS A 47 15.60 10.03 22.63
N THR A 48 15.50 9.42 21.46
CA THR A 48 14.44 9.76 20.52
C THR A 48 13.28 8.75 20.51
N GLY A 49 13.57 7.51 20.88
CA GLY A 49 12.59 6.43 20.87
C GLY A 49 12.42 5.79 19.52
N GLN A 50 13.27 6.18 18.56
CA GLN A 50 13.21 5.68 17.20
C GLN A 50 13.80 4.28 17.11
N LEU A 51 13.16 3.43 16.29
CA LEU A 51 13.58 2.04 16.09
C LEU A 51 14.67 1.92 15.06
N ALA A 52 15.54 0.91 15.25
CA ALA A 52 16.66 0.61 14.39
C ALA A 52 16.92 -0.89 14.39
N ALA A 53 17.56 -1.41 13.34
CA ALA A 53 17.93 -2.82 13.30
C ALA A 53 19.39 -2.92 13.76
N ILE A 54 19.62 -3.69 14.83
CA ILE A 54 20.96 -3.85 15.36
C ILE A 54 21.46 -5.27 15.14
N LYS A 55 22.51 -5.43 14.32
CA LYS A 55 23.17 -6.71 14.07
C LYS A 55 24.28 -6.83 15.11
N VAL A 56 24.18 -7.86 15.97
CA VAL A 56 25.16 -8.09 17.04
C VAL A 56 26.12 -9.21 16.63
N MET A 57 27.40 -8.89 16.52
CA MET A 57 28.42 -9.86 16.13
C MET A 57 29.63 -9.83 17.06
N ASP A 58 30.13 -11.02 17.42
CA ASP A 58 31.29 -11.19 18.30
C ASP A 58 32.57 -10.76 17.58
N VAL A 59 33.25 -9.75 18.13
CA VAL A 59 34.48 -9.19 17.61
C VAL A 59 35.70 -9.96 18.16
N THR A 60 36.39 -10.73 17.30
CA THR A 60 37.58 -11.49 17.74
C THR A 60 38.83 -10.78 17.21
N GLY A 61 39.99 -11.44 17.36
CA GLY A 61 41.26 -10.94 16.85
C GLY A 61 41.30 -11.16 15.35
N ASP A 62 41.11 -12.44 14.93
CA ASP A 62 41.09 -12.91 13.55
C ASP A 62 40.05 -12.18 12.70
N GLU A 63 38.74 -12.42 12.95
CA GLU A 63 37.65 -11.76 12.23
C GLU A 63 37.60 -10.27 12.65
N GLU A 64 38.15 -9.39 11.79
CA GLU A 64 38.25 -7.95 11.99
C GLU A 64 38.27 -7.22 10.65
N GLU A 65 38.99 -7.78 9.67
CA GLU A 65 39.12 -7.27 8.31
C GLU A 65 37.78 -7.32 7.56
N GLU A 66 37.04 -8.45 7.68
CA GLU A 66 35.73 -8.68 7.05
C GLU A 66 34.62 -7.75 7.59
N ILE A 67 34.64 -7.47 8.90
CA ILE A 67 33.69 -6.59 9.58
C ILE A 67 33.89 -5.12 9.18
N LYS A 68 35.17 -4.67 9.15
CA LYS A 68 35.54 -3.31 8.76
C LYS A 68 35.14 -3.02 7.30
N GLN A 69 35.26 -4.01 6.39
CA GLN A 69 34.90 -3.91 4.97
C GLN A 69 33.39 -3.73 4.80
N GLU A 70 32.58 -4.47 5.61
CA GLU A 70 31.10 -4.37 5.60
C GLU A 70 30.62 -2.97 6.01
N ILE A 71 31.25 -2.40 7.07
CA ILE A 71 30.92 -1.07 7.60
C ILE A 71 31.16 0.00 6.52
N ASN A 72 32.34 -0.02 5.87
CA ASN A 72 32.71 0.93 4.81
C ASN A 72 31.75 0.87 3.62
N MET A 73 31.33 -0.36 3.23
CA MET A 73 30.36 -0.59 2.15
C MET A 73 29.04 0.10 2.53
N LEU A 74 28.57 -0.11 3.77
CA LEU A 74 27.34 0.46 4.28
C LEU A 74 27.42 1.97 4.43
N LYS A 75 28.54 2.49 4.99
CA LYS A 75 28.77 3.94 5.19
C LYS A 75 28.72 4.72 3.86
N LYS A 76 29.26 4.12 2.77
CA LYS A 76 29.33 4.72 1.43
C LYS A 76 28.10 4.47 0.55
N TYR A 77 27.60 3.23 0.51
CA TYR A 77 26.54 2.87 -0.43
C TYR A 77 25.09 2.70 0.06
N SER A 78 24.82 2.79 1.38
CA SER A 78 23.48 2.57 1.88
C SER A 78 22.54 3.77 1.80
N HIS A 79 23.03 4.90 1.28
CA HIS A 79 22.27 6.15 1.26
C HIS A 79 21.30 6.34 0.10
N HIS A 80 20.67 5.25 -0.35
CA HIS A 80 19.64 5.21 -1.38
C HIS A 80 18.35 4.70 -0.72
N ARG A 81 17.17 5.18 -1.18
CA ARG A 81 15.85 4.82 -0.63
C ARG A 81 15.46 3.33 -0.69
N ASN A 82 16.12 2.55 -1.56
CA ASN A 82 15.85 1.13 -1.71
C ASN A 82 16.90 0.24 -1.04
N ILE A 83 17.72 0.85 -0.16
CA ILE A 83 18.74 0.17 0.62
C ILE A 83 18.60 0.66 2.05
N ALA A 84 18.55 -0.26 3.04
CA ALA A 84 18.43 0.08 4.47
C ALA A 84 19.68 0.88 4.85
N THR A 85 19.45 2.07 5.43
CA THR A 85 20.48 3.03 5.80
C THR A 85 21.31 2.62 7.00
N TYR A 86 22.63 2.87 6.90
CA TYR A 86 23.58 2.65 7.96
C TYR A 86 23.44 3.83 8.91
N TYR A 87 23.30 3.55 10.22
CA TYR A 87 23.15 4.58 11.26
C TYR A 87 24.38 4.72 12.13
N GLY A 88 25.18 3.67 12.25
CA GLY A 88 26.38 3.71 13.07
C GLY A 88 26.79 2.37 13.62
N ALA A 89 27.95 2.33 14.28
CA ALA A 89 28.53 1.12 14.85
C ALA A 89 29.05 1.37 16.26
N PHE A 90 28.91 0.35 17.14
CA PHE A 90 29.30 0.40 18.55
C PHE A 90 29.98 -0.88 18.95
N ILE A 91 30.83 -0.83 19.98
CA ILE A 91 31.49 -2.01 20.53
C ILE A 91 31.14 -2.10 21.99
N LYS A 92 30.45 -3.19 22.34
CA LYS A 92 30.02 -3.48 23.70
C LYS A 92 31.18 -4.23 24.37
N LYS A 93 31.95 -3.50 25.22
CA LYS A 93 33.08 -4.02 26.00
C LYS A 93 32.52 -4.95 27.11
N ASN A 94 33.11 -6.17 27.26
CA ASN A 94 32.61 -7.20 28.19
C ASN A 94 33.54 -7.73 29.29
N GLY A 97 36.54 -13.56 29.46
CA GLY A 97 35.90 -14.83 29.11
C GLY A 97 34.79 -14.68 28.10
N MET A 98 34.14 -13.51 28.11
CA MET A 98 33.06 -13.12 27.20
C MET A 98 33.66 -12.12 26.22
N ASP A 99 33.77 -12.51 24.92
CA ASP A 99 34.33 -11.67 23.86
C ASP A 99 33.43 -10.45 23.57
N ASP A 100 34.06 -9.32 23.16
CA ASP A 100 33.39 -8.03 22.86
C ASP A 100 32.49 -8.13 21.63
N GLN A 101 31.32 -7.49 21.71
CA GLN A 101 30.33 -7.51 20.63
C GLN A 101 30.28 -6.22 19.86
N LEU A 102 30.19 -6.35 18.55
CA LEU A 102 30.02 -5.20 17.70
C LEU A 102 28.53 -5.07 17.36
N TRP A 103 28.01 -3.84 17.45
CA TRP A 103 26.62 -3.54 17.13
C TRP A 103 26.55 -2.74 15.84
N LEU A 104 25.96 -3.33 14.82
CA LEU A 104 25.79 -2.67 13.52
C LEU A 104 24.39 -2.08 13.46
N VAL A 105 24.30 -0.75 13.62
CA VAL A 105 23.02 -0.01 13.63
C VAL A 105 22.53 0.38 12.21
N MET A 106 21.35 -0.15 11.83
CA MET A 106 20.74 0.04 10.51
C MET A 106 19.28 0.56 10.60
N GLU A 107 18.75 0.99 9.46
CA GLU A 107 17.36 1.43 9.30
C GLU A 107 16.48 0.21 9.55
N PHE A 108 15.44 0.39 10.36
CA PHE A 108 14.55 -0.71 10.67
C PHE A 108 13.44 -0.86 9.62
N CYS A 109 13.16 -2.12 9.26
CA CYS A 109 12.14 -2.51 8.28
C CYS A 109 11.15 -3.42 9.00
N GLY A 110 10.15 -2.77 9.62
CA GLY A 110 9.12 -3.38 10.45
C GLY A 110 8.31 -4.54 9.91
N ALA A 111 7.95 -4.50 8.62
CA ALA A 111 7.13 -5.54 7.98
C ALA A 111 7.83 -6.89 7.74
N GLY A 112 9.15 -6.91 7.91
CA GLY A 112 9.97 -8.10 7.68
C GLY A 112 10.38 -8.29 6.24
N SER A 113 10.76 -9.53 5.88
CA SER A 113 11.23 -9.93 4.56
C SER A 113 10.13 -10.35 3.62
N VAL A 114 10.47 -10.40 2.32
CA VAL A 114 9.62 -10.87 1.23
C VAL A 114 9.33 -12.37 1.45
N THR A 115 10.30 -13.13 2.03
CA THR A 115 10.15 -14.55 2.40
C THR A 115 9.01 -14.70 3.42
N ASP A 116 8.97 -13.82 4.44
CA ASP A 116 7.92 -13.80 5.46
C ASP A 116 6.57 -13.44 4.82
N LEU A 117 6.57 -12.45 3.90
CA LEU A 117 5.40 -12.00 3.15
C LEU A 117 4.77 -13.14 2.35
N ILE A 118 5.61 -14.01 1.76
CA ILE A 118 5.17 -15.17 0.99
C ILE A 118 4.58 -16.21 1.96
N LYS A 119 5.28 -16.47 3.09
CA LYS A 119 4.86 -17.42 4.11
C LYS A 119 3.53 -17.07 4.77
N ASN A 120 3.24 -15.76 4.89
CA ASN A 120 2.03 -15.25 5.52
C ASN A 120 0.84 -15.15 4.55
N THR A 121 1.11 -15.00 3.24
CA THR A 121 0.06 -14.92 2.22
C THR A 121 -0.53 -16.31 1.97
N LYS A 122 -1.87 -16.38 1.83
CA LYS A 122 -2.62 -17.61 1.59
C LYS A 122 -2.24 -18.20 0.23
N GLY A 123 -1.90 -19.48 0.23
CA GLY A 123 -1.49 -20.21 -0.98
C GLY A 123 -0.04 -19.99 -1.34
N ASN A 124 0.72 -19.29 -0.46
CA ASN A 124 2.14 -18.94 -0.57
C ASN A 124 2.57 -18.39 -1.94
N THR A 125 1.77 -17.48 -2.51
CA THR A 125 2.03 -16.83 -3.79
C THR A 125 1.60 -15.37 -3.70
N LEU A 126 2.36 -14.47 -4.35
CA LEU A 126 2.05 -13.04 -4.34
C LEU A 126 1.34 -12.63 -5.64
N LYS A 127 0.43 -11.64 -5.56
CA LYS A 127 -0.28 -11.10 -6.72
C LYS A 127 0.75 -10.52 -7.66
N GLU A 128 0.60 -10.76 -8.97
CA GLU A 128 1.51 -10.32 -10.02
C GLU A 128 1.86 -8.82 -9.95
N GLU A 129 0.87 -7.98 -9.57
CA GLU A 129 1.02 -6.53 -9.41
C GLU A 129 1.97 -6.18 -8.26
N TRP A 130 1.96 -7.01 -7.19
CA TRP A 130 2.85 -6.87 -6.02
C TRP A 130 4.27 -7.22 -6.41
N ILE A 131 4.44 -8.32 -7.20
CA ILE A 131 5.73 -8.80 -7.70
C ILE A 131 6.40 -7.70 -8.53
N ALA A 132 5.64 -7.06 -9.44
CA ALA A 132 6.12 -5.98 -10.30
C ALA A 132 6.62 -4.78 -9.49
N TYR A 133 5.91 -4.42 -8.40
CA TYR A 133 6.27 -3.31 -7.50
C TYR A 133 7.56 -3.63 -6.77
N ILE A 134 7.61 -4.82 -6.12
CA ILE A 134 8.79 -5.32 -5.38
C ILE A 134 10.01 -5.44 -6.29
N CYS A 135 9.85 -6.04 -7.50
CA CYS A 135 10.93 -6.19 -8.49
C CYS A 135 11.49 -4.85 -8.94
N ARG A 136 10.61 -3.84 -9.15
CA ARG A 136 10.97 -2.50 -9.59
C ARG A 136 11.86 -1.82 -8.54
N GLU A 137 11.48 -1.98 -7.25
CA GLU A 137 12.20 -1.40 -6.12
C GLU A 137 13.58 -2.06 -5.92
N ILE A 138 13.67 -3.39 -6.12
CA ILE A 138 14.93 -4.14 -6.03
C ILE A 138 15.86 -3.63 -7.13
N LEU A 139 15.31 -3.51 -8.35
CA LEU A 139 15.99 -3.05 -9.57
C LEU A 139 16.55 -1.63 -9.42
N ARG A 140 15.79 -0.73 -8.77
CA ARG A 140 16.22 0.64 -8.49
C ARG A 140 17.41 0.66 -7.53
N GLY A 141 17.33 -0.16 -6.47
CA GLY A 141 18.40 -0.32 -5.47
C GLY A 141 19.66 -0.95 -6.07
N LEU A 142 19.46 -1.95 -6.96
CA LEU A 142 20.53 -2.62 -7.69
C LEU A 142 21.21 -1.63 -8.63
N SER A 143 20.39 -0.79 -9.34
CA SER A 143 20.87 0.27 -10.24
C SER A 143 21.83 1.21 -9.49
N HIS A 144 21.47 1.61 -8.24
CA HIS A 144 22.29 2.47 -7.38
C HIS A 144 23.64 1.82 -7.08
N LEU A 145 23.63 0.52 -6.74
CA LEU A 145 24.82 -0.25 -6.39
C LEU A 145 25.72 -0.48 -7.58
N HIS A 146 25.11 -0.80 -8.73
CA HIS A 146 25.82 -1.07 -9.99
C HIS A 146 26.48 0.19 -10.53
N GLN A 147 25.82 1.37 -10.38
CA GLN A 147 26.35 2.69 -10.75
C GLN A 147 27.62 2.98 -9.95
N HIS A 148 27.68 2.51 -8.70
CA HIS A 148 28.82 2.65 -7.80
C HIS A 148 29.82 1.47 -7.91
N LYS A 149 29.67 0.63 -8.98
CA LYS A 149 30.50 -0.54 -9.26
C LYS A 149 30.55 -1.55 -8.07
N VAL A 150 29.38 -1.79 -7.47
CA VAL A 150 29.18 -2.71 -6.34
C VAL A 150 28.19 -3.78 -6.76
N ILE A 151 28.53 -5.06 -6.53
CA ILE A 151 27.66 -6.23 -6.77
C ILE A 151 27.14 -6.65 -5.39
N HIS A 152 25.82 -6.81 -5.25
CA HIS A 152 25.23 -7.23 -3.99
C HIS A 152 25.65 -8.68 -3.63
N ARG A 153 25.66 -9.58 -4.64
CA ARG A 153 26.07 -10.98 -4.53
C ARG A 153 25.14 -11.91 -3.72
N ASP A 154 24.05 -11.38 -3.11
CA ASP A 154 23.14 -12.20 -2.31
C ASP A 154 21.68 -11.73 -2.38
N ILE A 155 21.18 -11.57 -3.61
CA ILE A 155 19.78 -11.17 -3.81
C ILE A 155 18.87 -12.38 -3.63
N LYS A 156 17.97 -12.30 -2.65
CA LYS A 156 16.96 -13.31 -2.31
C LYS A 156 15.90 -12.66 -1.43
N GLY A 157 14.70 -13.24 -1.38
CA GLY A 157 13.55 -12.77 -0.57
C GLY A 157 13.85 -12.52 0.91
N GLN A 158 14.83 -13.26 1.46
CA GLN A 158 15.32 -13.12 2.84
C GLN A 158 16.04 -11.75 2.99
N ASN A 159 16.67 -11.26 1.89
CA ASN A 159 17.44 -10.01 1.85
C ASN A 159 16.72 -8.80 1.29
N VAL A 160 15.42 -8.95 0.99
CA VAL A 160 14.55 -7.89 0.48
C VAL A 160 13.52 -7.69 1.57
N LEU A 161 13.59 -6.53 2.24
CA LEU A 161 12.71 -6.22 3.35
C LEU A 161 11.72 -5.14 3.03
N LEU A 162 10.64 -5.09 3.83
CA LEU A 162 9.57 -4.11 3.71
C LEU A 162 9.42 -3.33 4.99
N THR A 163 9.15 -2.02 4.88
CA THR A 163 8.90 -1.15 6.03
C THR A 163 7.39 -1.25 6.35
N GLU A 164 6.96 -0.67 7.49
CA GLU A 164 5.54 -0.69 7.87
C GLU A 164 4.65 0.03 6.86
N ASN A 165 5.22 1.01 6.12
CA ASN A 165 4.55 1.78 5.07
C ASN A 165 4.72 1.14 3.68
N ALA A 166 5.17 -0.14 3.65
CA ALA A 166 5.41 -0.97 2.46
C ALA A 166 6.50 -0.45 1.47
N GLU A 167 7.56 0.18 2.02
CA GLU A 167 8.72 0.64 1.23
C GLU A 167 9.69 -0.54 1.14
N VAL A 168 10.31 -0.76 -0.02
CA VAL A 168 11.21 -1.90 -0.25
C VAL A 168 12.69 -1.54 -0.08
N LYS A 169 13.40 -2.28 0.78
CA LYS A 169 14.81 -2.04 1.09
C LYS A 169 15.66 -3.31 1.05
N LEU A 170 16.84 -3.20 0.41
CA LEU A 170 17.80 -4.31 0.30
C LEU A 170 18.73 -4.33 1.49
N VAL A 171 19.02 -5.53 2.03
CA VAL A 171 19.91 -5.76 3.18
C VAL A 171 21.01 -6.75 2.87
N ASP A 172 21.93 -6.97 3.83
CA ASP A 172 23.07 -7.89 3.78
C ASP A 172 24.13 -7.66 2.71
N PHE A 173 25.25 -7.05 3.12
CA PHE A 173 26.42 -6.77 2.28
C PHE A 173 27.65 -7.55 2.77
N GLY A 174 27.38 -8.66 3.46
CA GLY A 174 28.38 -9.57 4.00
C GLY A 174 29.13 -10.32 2.91
N VAL A 175 28.36 -10.90 1.96
CA VAL A 175 28.84 -11.64 0.80
C VAL A 175 29.49 -10.66 -0.19
N SER A 176 28.95 -9.42 -0.25
CA SER A 176 29.45 -8.33 -1.11
C SER A 176 30.87 -7.93 -0.67
N ALA A 177 31.18 -8.08 0.64
CA ALA A 177 32.45 -7.79 1.31
C ALA A 177 33.28 -9.08 1.45
N GLY A 191 26.38 -23.62 1.24
CA GLY A 191 25.27 -22.72 1.53
C GLY A 191 24.05 -22.98 0.67
N THR A 192 23.26 -21.92 0.41
CA THR A 192 22.06 -21.99 -0.42
C THR A 192 22.39 -21.44 -1.82
N PRO A 193 22.71 -22.33 -2.78
CA PRO A 193 23.06 -21.86 -4.13
C PRO A 193 21.87 -21.60 -5.05
N TYR A 194 20.62 -21.74 -4.54
CA TYR A 194 19.39 -21.60 -5.32
C TYR A 194 19.24 -20.32 -6.10
N TRP A 195 19.79 -19.19 -5.57
CA TRP A 195 19.70 -17.90 -6.23
C TRP A 195 20.94 -17.55 -7.05
N MET A 196 22.03 -18.35 -6.91
CA MET A 196 23.29 -18.15 -7.64
C MET A 196 23.17 -18.30 -9.14
N ALA A 197 23.77 -17.37 -9.88
CA ALA A 197 23.81 -17.35 -11.34
C ALA A 197 24.79 -18.41 -11.86
N PRO A 198 24.58 -18.98 -13.09
CA PRO A 198 25.51 -20.01 -13.60
C PRO A 198 26.99 -19.60 -13.63
N GLU A 199 27.28 -18.33 -13.98
CA GLU A 199 28.63 -17.80 -14.07
C GLU A 199 29.37 -17.72 -12.73
N VAL A 200 28.61 -17.56 -11.64
CA VAL A 200 29.14 -17.46 -10.28
C VAL A 200 29.55 -18.86 -9.82
N ILE A 201 28.74 -19.90 -10.16
CA ILE A 201 28.99 -21.30 -9.84
C ILE A 201 30.19 -21.79 -10.65
N ALA A 202 30.29 -21.35 -11.93
CA ALA A 202 31.39 -21.67 -12.86
C ALA A 202 32.77 -21.28 -12.33
N TYR A 211 32.61 -13.02 -13.63
CA TYR A 211 31.25 -12.51 -13.50
C TYR A 211 31.20 -11.02 -13.09
N ASP A 212 30.04 -10.37 -13.31
CA ASP A 212 29.87 -8.94 -13.00
C ASP A 212 28.53 -8.63 -12.32
N PHE A 213 28.01 -7.41 -12.54
CA PHE A 213 26.74 -6.89 -12.03
C PHE A 213 25.52 -7.70 -12.50
N LYS A 214 25.61 -8.32 -13.68
CA LYS A 214 24.54 -9.10 -14.31
C LYS A 214 24.08 -10.33 -13.52
N SER A 215 24.94 -10.83 -12.62
CA SER A 215 24.64 -11.97 -11.75
C SER A 215 23.50 -11.65 -10.76
N ASP A 216 23.42 -10.38 -10.31
CA ASP A 216 22.36 -9.90 -9.41
C ASP A 216 21.00 -9.93 -10.10
N LEU A 217 21.00 -9.79 -11.42
CA LEU A 217 19.78 -9.80 -12.22
C LEU A 217 19.22 -11.21 -12.41
N TRP A 218 20.11 -12.22 -12.37
CA TRP A 218 19.70 -13.62 -12.38
C TRP A 218 18.96 -13.87 -11.06
N SER A 219 19.60 -13.47 -9.93
CA SER A 219 19.06 -13.62 -8.59
C SER A 219 17.72 -12.92 -8.42
N LEU A 220 17.51 -11.77 -9.12
CA LEU A 220 16.23 -11.05 -9.12
C LEU A 220 15.15 -11.91 -9.78
N GLY A 221 15.52 -12.57 -10.90
CA GLY A 221 14.63 -13.49 -11.62
C GLY A 221 14.21 -14.65 -10.75
N ILE A 222 15.19 -15.23 -9.99
CA ILE A 222 14.94 -16.33 -9.06
C ILE A 222 14.04 -15.86 -7.91
N THR A 223 14.24 -14.61 -7.45
CA THR A 223 13.44 -14.00 -6.39
C THR A 223 12.00 -13.77 -6.89
N ALA A 224 11.86 -13.40 -8.16
CA ALA A 224 10.56 -13.18 -8.80
C ALA A 224 9.78 -14.51 -8.84
N ILE A 225 10.47 -15.62 -9.21
CA ILE A 225 9.88 -16.98 -9.21
C ILE A 225 9.53 -17.37 -7.77
N GLU A 226 10.42 -17.04 -6.80
CA GLU A 226 10.21 -17.29 -5.37
C GLU A 226 8.91 -16.60 -4.91
N MET A 227 8.65 -15.38 -5.40
CA MET A 227 7.45 -14.60 -5.06
C MET A 227 6.22 -15.19 -5.72
N ALA A 228 6.39 -15.68 -6.96
CA ALA A 228 5.33 -16.26 -7.77
C ALA A 228 4.92 -17.67 -7.30
N GLU A 229 5.90 -18.56 -7.07
CA GLU A 229 5.69 -19.97 -6.71
C GLU A 229 5.83 -20.33 -5.22
N GLY A 230 6.38 -19.43 -4.42
CA GLY A 230 6.56 -19.67 -2.99
C GLY A 230 7.92 -20.20 -2.57
N ALA A 231 8.72 -20.61 -3.56
CA ALA A 231 10.06 -21.18 -3.34
C ALA A 231 10.92 -21.05 -4.62
N PRO A 232 12.26 -20.99 -4.51
CA PRO A 232 13.09 -20.89 -5.73
C PRO A 232 13.13 -22.21 -6.51
N PRO A 233 13.43 -22.21 -7.83
CA PRO A 233 13.58 -23.49 -8.53
C PRO A 233 14.71 -24.32 -7.92
N LEU A 234 14.54 -25.65 -7.91
CA LEU A 234 15.46 -26.64 -7.37
C LEU A 234 15.53 -26.67 -5.84
N CYS A 235 14.57 -26.01 -5.14
CA CYS A 235 14.51 -25.93 -3.67
C CYS A 235 14.44 -27.29 -2.99
N ASP A 236 13.68 -28.22 -3.59
CA ASP A 236 13.45 -29.58 -3.08
C ASP A 236 14.71 -30.46 -3.13
N MET A 237 15.77 -30.00 -3.82
CA MET A 237 17.04 -30.73 -3.96
C MET A 237 18.09 -30.28 -2.98
N HIS A 238 19.08 -31.14 -2.73
CA HIS A 238 20.21 -30.89 -1.85
C HIS A 238 21.07 -29.79 -2.50
N PRO A 239 21.66 -28.86 -1.71
CA PRO A 239 22.48 -27.78 -2.30
C PRO A 239 23.57 -28.21 -3.29
N MET A 240 24.20 -29.38 -3.05
CA MET A 240 25.22 -29.94 -3.92
C MET A 240 24.68 -30.28 -5.31
N ARG A 241 23.44 -30.84 -5.38
CA ARG A 241 22.76 -31.20 -6.63
C ARG A 241 22.36 -29.93 -7.37
N ALA A 242 21.91 -28.91 -6.62
CA ALA A 242 21.52 -27.60 -7.16
C ALA A 242 22.74 -26.93 -7.80
N LEU A 243 23.90 -26.94 -7.10
CA LEU A 243 25.16 -26.38 -7.57
C LEU A 243 25.58 -27.04 -8.87
N PHE A 244 25.39 -28.36 -8.98
CA PHE A 244 25.69 -29.14 -10.18
C PHE A 244 24.69 -28.85 -11.32
N LEU A 245 23.39 -28.80 -11.01
CA LEU A 245 22.30 -28.60 -11.96
C LEU A 245 22.13 -27.21 -12.56
N ILE A 246 22.31 -26.12 -11.76
CA ILE A 246 22.18 -24.72 -12.25
C ILE A 246 22.95 -24.43 -13.55
N PRO A 247 24.27 -24.72 -13.66
CA PRO A 247 24.98 -24.43 -14.92
C PRO A 247 24.59 -25.34 -16.08
N ARG A 248 24.03 -26.54 -15.77
CA ARG A 248 23.65 -27.56 -16.74
C ARG A 248 22.19 -27.48 -17.26
N ASN A 249 21.22 -27.30 -16.36
CA ASN A 249 19.80 -27.21 -16.71
C ASN A 249 19.52 -25.94 -17.51
N PRO A 250 18.51 -25.92 -18.41
CA PRO A 250 18.21 -24.66 -19.11
C PRO A 250 17.55 -23.66 -18.15
N ALA A 251 17.63 -22.35 -18.45
CA ALA A 251 17.08 -21.28 -17.63
C ALA A 251 15.66 -21.58 -17.12
N PRO A 252 15.40 -21.48 -15.79
CA PRO A 252 14.06 -21.80 -15.27
C PRO A 252 12.96 -20.89 -15.80
N ARG A 253 11.72 -21.37 -15.71
CA ARG A 253 10.52 -20.64 -16.14
C ARG A 253 9.41 -20.89 -15.11
N LEU A 254 8.31 -20.10 -15.19
CA LEU A 254 7.19 -20.27 -14.27
C LEU A 254 6.43 -21.55 -14.61
N LYS A 255 6.13 -22.37 -13.59
CA LYS A 255 5.43 -23.65 -13.70
C LYS A 255 4.00 -23.51 -14.23
N SER A 256 3.24 -22.52 -13.71
CA SER A 256 1.84 -22.28 -14.09
C SER A 256 1.67 -21.42 -15.35
N LYS A 257 0.57 -21.67 -16.08
CA LYS A 257 0.20 -20.96 -17.31
C LYS A 257 -0.67 -19.72 -16.98
N LYS A 258 -1.08 -19.56 -15.70
CA LYS A 258 -1.92 -18.46 -15.21
C LYS A 258 -1.26 -17.06 -15.26
N TRP A 259 0.08 -17.01 -15.20
CA TRP A 259 0.85 -15.75 -15.21
C TRP A 259 0.76 -15.06 -16.56
N SER A 260 0.77 -13.72 -16.55
CA SER A 260 0.72 -12.89 -17.76
C SER A 260 1.93 -13.10 -18.69
N LYS A 261 1.77 -12.76 -19.98
CA LYS A 261 2.81 -12.84 -21.01
C LYS A 261 3.95 -11.86 -20.71
N LYS A 262 3.61 -10.69 -20.10
CA LYS A 262 4.55 -9.64 -19.68
C LYS A 262 5.47 -10.15 -18.56
N PHE A 263 4.90 -10.86 -17.56
CA PHE A 263 5.65 -11.43 -16.43
C PHE A 263 6.55 -12.57 -16.91
N GLN A 264 6.01 -13.44 -17.79
CA GLN A 264 6.71 -14.57 -18.40
C GLN A 264 7.92 -14.10 -19.20
N SER A 265 7.77 -13.00 -19.96
CA SER A 265 8.86 -12.41 -20.74
C SER A 265 9.94 -11.82 -19.81
N PHE A 266 9.51 -11.16 -18.69
CA PHE A 266 10.40 -10.55 -17.71
C PHE A 266 11.34 -11.58 -17.11
N ILE A 267 10.78 -12.72 -16.65
CA ILE A 267 11.54 -13.82 -16.07
C ILE A 267 12.54 -14.37 -17.10
N GLU A 268 12.10 -14.51 -18.37
CA GLU A 268 12.94 -14.99 -19.48
C GLU A 268 14.10 -14.01 -19.76
N SER A 269 13.84 -12.69 -19.60
CA SER A 269 14.84 -11.64 -19.82
C SER A 269 15.87 -11.66 -18.68
N CYS A 270 15.40 -11.86 -17.44
CA CYS A 270 16.22 -11.95 -16.22
C CYS A 270 17.15 -13.17 -16.28
N LEU A 271 16.57 -14.36 -16.56
CA LEU A 271 17.21 -15.66 -16.58
C LEU A 271 17.75 -16.10 -17.94
N VAL A 272 18.86 -15.48 -18.34
CA VAL A 272 19.58 -15.78 -19.57
C VAL A 272 20.88 -16.35 -19.03
N LYS A 273 21.12 -17.65 -19.26
CA LYS A 273 22.31 -18.37 -18.80
C LYS A 273 23.61 -17.69 -19.23
N ASN A 274 23.70 -17.27 -20.52
CA ASN A 274 24.86 -16.57 -21.06
C ASN A 274 24.74 -15.12 -20.58
N HIS A 275 25.54 -14.77 -19.56
CA HIS A 275 25.50 -13.43 -18.96
C HIS A 275 25.82 -12.30 -19.93
N SER A 276 26.65 -12.58 -20.95
CA SER A 276 27.01 -11.58 -21.99
C SER A 276 25.75 -11.15 -22.77
N GLN A 277 24.77 -12.06 -22.90
CA GLN A 277 23.49 -11.81 -23.58
C GLN A 277 22.37 -11.37 -22.62
N ARG A 278 22.62 -11.38 -21.29
CA ARG A 278 21.66 -10.95 -20.26
C ARG A 278 21.59 -9.43 -20.23
N PRO A 279 20.38 -8.81 -20.09
CA PRO A 279 20.31 -7.34 -20.09
C PRO A 279 20.89 -6.71 -18.85
N ALA A 280 21.33 -5.45 -18.96
CA ALA A 280 21.84 -4.67 -17.84
C ALA A 280 20.65 -4.21 -16.97
N THR A 281 20.95 -3.58 -15.82
CA THR A 281 19.98 -3.08 -14.87
C THR A 281 19.02 -2.05 -15.50
N GLU A 282 19.59 -1.03 -16.18
CA GLU A 282 18.87 0.06 -16.85
C GLU A 282 17.95 -0.45 -17.98
N GLN A 283 18.35 -1.56 -18.66
CA GLN A 283 17.58 -2.17 -19.74
C GLN A 283 16.37 -2.90 -19.17
N LEU A 284 16.58 -3.66 -18.07
CA LEU A 284 15.55 -4.41 -17.36
C LEU A 284 14.49 -3.50 -16.73
N MET A 285 14.89 -2.28 -16.33
CA MET A 285 13.99 -1.28 -15.74
C MET A 285 13.00 -0.78 -16.79
N LYS A 286 13.44 -0.73 -18.07
CA LYS A 286 12.64 -0.30 -19.21
C LYS A 286 11.68 -1.39 -19.74
N HIS A 287 11.78 -2.63 -19.20
CA HIS A 287 10.93 -3.75 -19.60
C HIS A 287 9.46 -3.47 -19.24
N PRO A 288 8.49 -3.75 -20.15
CA PRO A 288 7.07 -3.48 -19.86
C PRO A 288 6.51 -3.92 -18.50
N PHE A 289 7.01 -5.05 -17.95
CA PHE A 289 6.57 -5.56 -16.65
C PHE A 289 6.94 -4.60 -15.50
N ILE A 290 8.12 -3.95 -15.58
CA ILE A 290 8.63 -3.01 -14.58
C ILE A 290 8.14 -1.59 -14.88
N ARG A 291 8.20 -1.20 -16.17
CA ARG A 291 7.81 0.11 -16.68
C ARG A 291 6.29 0.40 -16.62
N ASP A 292 5.43 -0.59 -16.92
CA ASP A 292 3.97 -0.38 -16.92
C ASP A 292 3.23 -0.90 -15.67
N GLN A 293 3.31 -0.13 -14.57
CA GLN A 293 2.68 -0.46 -13.28
C GLN A 293 1.79 0.73 -12.90
N PRO A 294 0.55 0.74 -13.41
CA PRO A 294 -0.36 1.88 -13.17
C PRO A 294 -0.80 2.13 -11.73
N ASN A 295 -0.85 1.09 -10.89
CA ASN A 295 -1.31 1.22 -9.51
C ASN A 295 -0.17 1.28 -8.48
N GLU A 296 0.87 2.13 -8.72
CA GLU A 296 2.00 2.30 -7.81
C GLU A 296 1.52 2.78 -6.42
N ARG A 297 0.44 3.57 -6.40
CA ARG A 297 -0.18 4.09 -5.19
C ARG A 297 -1.13 3.04 -4.60
N GLN A 298 -1.94 2.38 -5.47
CA GLN A 298 -2.97 1.38 -5.12
C GLN A 298 -2.45 -0.04 -4.79
N VAL A 299 -1.20 -0.35 -5.17
CA VAL A 299 -0.51 -1.61 -4.86
C VAL A 299 0.18 -1.47 -3.51
N ARG A 300 0.76 -0.28 -3.24
CA ARG A 300 1.44 0.06 -1.99
C ARG A 300 0.43 0.05 -0.83
N ILE A 301 -0.81 0.59 -1.06
CA ILE A 301 -1.90 0.61 -0.09
C ILE A 301 -2.39 -0.82 0.23
N GLN A 302 -2.50 -1.68 -0.81
CA GLN A 302 -2.91 -3.09 -0.69
C GLN A 302 -1.90 -3.88 0.15
N LEU A 303 -0.59 -3.67 -0.11
CA LEU A 303 0.52 -4.32 0.61
C LEU A 303 0.53 -3.86 2.07
N LYS A 304 0.33 -2.54 2.31
CA LYS A 304 0.28 -1.97 3.64
C LYS A 304 -0.87 -2.59 4.46
N ASP A 305 -2.05 -2.79 3.81
CA ASP A 305 -3.24 -3.41 4.41
C ASP A 305 -2.98 -4.88 4.75
N HIS A 306 -2.19 -5.58 3.90
CA HIS A 306 -1.80 -6.98 4.11
C HIS A 306 -0.86 -7.09 5.31
N ILE A 307 0.03 -6.08 5.47
CA ILE A 307 1.00 -5.97 6.57
C ILE A 307 0.24 -5.76 7.89
N ASP A 308 -0.76 -4.84 7.88
CA ASP A 308 -1.59 -4.50 9.03
C ASP A 308 -2.45 -5.67 9.50
N ARG A 309 -2.91 -6.53 8.56
CA ARG A 309 -3.71 -7.71 8.86
C ARG A 309 -2.89 -8.78 9.58
N THR A 310 -1.57 -8.83 9.31
CA THR A 310 -0.62 -9.77 9.90
C THR A 310 -0.29 -9.38 11.35
N LYS A 311 -0.20 -8.06 11.65
CA LYS A 311 0.11 -7.55 12.99
C LYS A 311 -1.11 -7.64 13.92
N LYS A 312 -2.31 -7.28 13.40
CA LYS A 312 -3.59 -7.31 14.11
C LYS A 312 -3.98 -8.75 14.45
N LYS A 313 -4.07 -9.63 13.42
CA LYS A 313 -4.39 -11.06 13.61
C LYS A 313 -3.15 -11.78 14.14
N ARG A 314 -2.97 -11.76 15.48
CA ARG A 314 -1.88 -12.35 16.25
C ARG A 314 -0.52 -11.68 16.02
N ILE B 14 23.70 44.41 33.85
CA ILE B 14 23.57 45.87 33.74
C ILE B 14 22.12 46.36 34.01
N ASP B 15 21.12 45.74 33.31
CA ASP B 15 19.70 46.06 33.42
C ASP B 15 19.15 45.84 34.84
N LEU B 16 18.35 46.83 35.31
CA LEU B 16 17.67 46.83 36.61
C LEU B 16 16.17 46.89 36.33
N SER B 17 15.45 45.84 36.75
CA SER B 17 14.01 45.69 36.53
C SER B 17 13.04 46.73 37.15
N ALA B 18 13.57 47.84 37.70
CA ALA B 18 12.74 48.95 38.18
C ALA B 18 12.68 49.99 37.01
N LEU B 19 11.91 49.58 35.95
CA LEU B 19 11.64 50.27 34.70
C LEU B 19 10.33 51.05 34.76
N ARG B 20 10.06 51.89 33.75
CA ARG B 20 8.90 52.75 33.67
C ARG B 20 7.68 52.00 33.11
N ASP B 21 6.44 52.51 33.42
CA ASP B 21 5.18 52.02 32.89
C ASP B 21 5.04 52.60 31.49
N PRO B 22 4.59 51.80 30.49
CA PRO B 22 4.52 52.31 29.12
C PRO B 22 3.47 53.36 28.82
N ALA B 23 2.48 53.54 29.72
CA ALA B 23 1.35 54.47 29.62
C ALA B 23 1.77 55.84 29.18
N GLY B 24 1.20 56.27 28.07
CA GLY B 24 1.49 57.58 27.51
C GLY B 24 2.65 57.60 26.55
N ILE B 25 3.53 56.55 26.60
CA ILE B 25 4.72 56.42 25.75
C ILE B 25 4.46 55.46 24.57
N PHE B 26 4.03 54.20 24.86
CA PHE B 26 3.79 53.19 23.83
C PHE B 26 2.42 52.55 24.01
N GLU B 27 1.73 52.27 22.90
CA GLU B 27 0.42 51.65 22.90
C GLU B 27 0.41 50.42 22.01
N LEU B 28 -0.27 49.33 22.42
CA LEU B 28 -0.42 48.11 21.60
C LEU B 28 -1.49 48.35 20.52
N VAL B 29 -1.23 47.88 19.30
CA VAL B 29 -2.16 48.07 18.19
C VAL B 29 -2.83 46.75 17.81
N GLU B 30 -2.05 45.73 17.41
CA GLU B 30 -2.50 44.41 16.94
C GLU B 30 -1.43 43.39 17.24
N LEU B 31 -1.83 42.12 17.40
CA LEU B 31 -0.87 41.05 17.64
C LEU B 31 -0.32 40.62 16.27
N VAL B 32 1.01 40.46 16.15
CA VAL B 32 1.65 40.08 14.88
C VAL B 32 2.39 38.76 14.95
N GLY B 33 3.00 38.47 16.09
CA GLY B 33 3.78 37.26 16.33
C GLY B 33 3.27 36.36 17.42
N ASN B 34 3.47 35.06 17.22
CA ASN B 34 3.11 33.98 18.13
C ASN B 34 3.90 32.73 17.76
N GLY B 35 5.17 32.76 18.14
CA GLY B 35 6.11 31.67 17.89
C GLY B 35 6.90 31.31 19.12
N THR B 36 8.14 30.82 18.91
CA THR B 36 9.09 30.44 19.95
C THR B 36 9.51 31.64 20.82
N TYR B 37 9.41 32.85 20.25
CA TYR B 37 9.68 34.14 20.87
C TYR B 37 8.55 34.68 21.78
N GLY B 38 7.35 34.08 21.70
CA GLY B 38 6.20 34.48 22.49
C GLY B 38 5.16 35.30 21.75
N GLN B 39 4.40 36.15 22.51
CA GLN B 39 3.35 37.03 22.01
C GLN B 39 3.90 38.44 21.68
N VAL B 40 4.04 38.72 20.38
CA VAL B 40 4.58 39.97 19.84
C VAL B 40 3.47 40.80 19.22
N TYR B 41 3.44 42.09 19.57
CA TYR B 41 2.44 43.05 19.12
C TYR B 41 3.06 44.13 18.26
N LYS B 42 2.24 44.72 17.41
CA LYS B 42 2.59 45.89 16.65
C LYS B 42 2.19 47.01 17.60
N GLY B 43 3.17 47.78 18.04
CA GLY B 43 2.98 48.88 18.98
C GLY B 43 3.18 50.21 18.28
N ARG B 44 2.76 51.30 18.93
CA ARG B 44 2.86 52.66 18.40
C ARG B 44 3.40 53.60 19.47
N HIS B 45 4.41 54.40 19.11
CA HIS B 45 5.00 55.42 19.98
C HIS B 45 3.99 56.59 19.96
N VAL B 46 3.44 56.92 21.12
CA VAL B 46 2.37 57.93 21.24
C VAL B 46 2.72 59.29 20.62
N LYS B 47 3.84 59.91 21.06
CA LYS B 47 4.24 61.23 20.58
C LYS B 47 4.59 61.33 19.14
N THR B 48 5.25 60.31 18.58
CA THR B 48 5.72 60.38 17.18
C THR B 48 4.82 59.64 16.18
N GLY B 49 4.09 58.64 16.66
CA GLY B 49 3.22 57.82 15.83
C GLY B 49 3.97 56.70 15.13
N GLN B 50 5.25 56.54 15.47
CA GLN B 50 6.13 55.55 14.87
C GLN B 50 5.84 54.18 15.42
N LEU B 51 5.92 53.16 14.54
CA LEU B 51 5.67 51.76 14.89
C LEU B 51 6.90 51.08 15.49
N ALA B 52 6.61 50.14 16.39
CA ALA B 52 7.61 49.33 17.07
C ALA B 52 7.02 47.93 17.30
N ALA B 53 7.88 46.92 17.43
CA ALA B 53 7.39 45.60 17.76
C ALA B 53 7.58 45.46 19.27
N ILE B 54 6.47 45.15 19.96
CA ILE B 54 6.48 45.01 21.41
C ILE B 54 6.19 43.56 21.80
N LYS B 55 7.20 42.90 22.44
CA LYS B 55 7.05 41.53 22.96
C LYS B 55 6.54 41.66 24.40
N VAL B 56 5.37 41.12 24.66
CA VAL B 56 4.73 41.22 25.97
C VAL B 56 4.88 39.90 26.70
N MET B 57 5.49 39.93 27.87
CA MET B 57 5.64 38.73 28.68
C MET B 57 5.30 38.99 30.15
N ASP B 58 4.58 38.02 30.78
CA ASP B 58 4.20 38.07 32.21
C ASP B 58 5.43 37.96 33.12
N VAL B 59 5.64 39.00 33.94
CA VAL B 59 6.77 39.13 34.85
C VAL B 59 6.52 38.53 36.21
N THR B 60 7.40 37.59 36.58
CA THR B 60 7.46 36.88 37.85
C THR B 60 8.95 36.81 38.31
N GLY B 61 9.16 36.45 39.57
CA GLY B 61 10.47 36.39 40.21
C GLY B 61 11.42 35.32 39.69
N ASP B 62 10.88 34.20 39.16
CA ASP B 62 11.69 33.08 38.64
C ASP B 62 12.08 33.24 37.18
N GLU B 63 11.23 33.88 36.36
CA GLU B 63 11.49 34.10 34.93
C GLU B 63 12.48 35.26 34.71
N GLU B 64 12.95 35.88 35.81
CA GLU B 64 13.83 37.05 35.81
C GLU B 64 15.16 36.84 35.15
N GLU B 65 15.90 35.78 35.50
CA GLU B 65 17.25 35.48 34.99
C GLU B 65 17.31 35.43 33.47
N GLU B 66 16.40 34.66 32.86
CA GLU B 66 16.32 34.47 31.41
C GLU B 66 15.93 35.75 30.65
N ILE B 67 15.00 36.55 31.22
CA ILE B 67 14.52 37.81 30.65
C ILE B 67 15.60 38.89 30.67
N LYS B 68 16.31 39.01 31.82
CA LYS B 68 17.39 39.99 32.00
C LYS B 68 18.55 39.72 31.04
N GLN B 69 18.86 38.44 30.77
CA GLN B 69 19.92 38.02 29.84
C GLN B 69 19.58 38.40 28.40
N GLU B 70 18.30 38.25 27.99
CA GLU B 70 17.81 38.60 26.65
C GLU B 70 17.91 40.12 26.39
N ILE B 71 17.55 40.93 27.39
CA ILE B 71 17.64 42.39 27.32
C ILE B 71 19.08 42.85 27.10
N ASN B 72 20.04 42.34 27.91
CA ASN B 72 21.47 42.66 27.81
C ASN B 72 22.06 42.29 26.46
N MET B 73 21.66 41.13 25.91
CA MET B 73 22.08 40.66 24.59
C MET B 73 21.63 41.67 23.55
N LEU B 74 20.34 42.08 23.61
CA LEU B 74 19.74 43.05 22.70
C LEU B 74 20.36 44.44 22.84
N LYS B 75 20.54 44.92 24.08
CA LYS B 75 21.12 46.24 24.40
C LYS B 75 22.54 46.37 23.83
N LYS B 76 23.34 45.29 23.86
CA LYS B 76 24.74 45.26 23.38
C LYS B 76 24.89 44.91 21.90
N TYR B 77 24.18 43.88 21.41
CA TYR B 77 24.38 43.37 20.06
C TYR B 77 23.39 43.69 18.95
N SER B 78 22.28 44.36 19.23
CA SER B 78 21.28 44.62 18.21
C SER B 78 21.53 45.84 17.34
N HIS B 79 22.62 46.55 17.58
CA HIS B 79 22.92 47.79 16.87
C HIS B 79 23.66 47.65 15.53
N HIS B 80 23.30 46.61 14.76
CA HIS B 80 23.72 46.34 13.40
C HIS B 80 22.46 46.41 12.51
N ARG B 81 22.60 46.84 11.25
CA ARG B 81 21.49 46.98 10.30
C ARG B 81 20.72 45.69 9.94
N ASN B 82 21.32 44.52 10.17
CA ASN B 82 20.70 43.24 9.86
C ASN B 82 20.13 42.54 11.11
N ILE B 83 19.95 43.32 12.19
CA ILE B 83 19.40 42.84 13.46
C ILE B 83 18.39 43.87 13.95
N ALA B 84 17.15 43.45 14.24
CA ALA B 84 16.09 44.37 14.70
C ALA B 84 16.61 45.03 15.98
N THR B 85 16.69 46.36 15.96
CA THR B 85 17.25 47.14 17.05
C THR B 85 16.38 47.15 18.27
N TYR B 86 17.00 47.12 19.47
CA TYR B 86 16.37 47.21 20.77
C TYR B 86 16.06 48.70 21.03
N TYR B 87 14.83 49.03 21.42
CA TYR B 87 14.45 50.42 21.70
C TYR B 87 14.30 50.70 23.23
N GLY B 88 13.95 49.68 23.98
CA GLY B 88 13.76 49.85 25.40
C GLY B 88 12.84 48.79 25.96
N ALA B 89 12.66 48.84 27.28
CA ALA B 89 11.87 47.89 28.04
C ALA B 89 11.04 48.64 29.08
N PHE B 90 9.83 48.13 29.32
CA PHE B 90 8.86 48.73 30.24
C PHE B 90 8.18 47.63 31.04
N ILE B 91 7.63 47.97 32.20
CA ILE B 91 6.86 47.04 33.02
C ILE B 91 5.51 47.68 33.24
N LYS B 92 4.47 47.02 32.71
CA LYS B 92 3.09 47.47 32.79
C LYS B 92 2.51 46.98 34.09
N LYS B 93 2.37 47.89 35.06
CA LYS B 93 1.80 47.62 36.40
C LYS B 93 0.32 47.36 36.27
N ASN B 94 -0.13 46.16 36.67
CA ASN B 94 -1.51 45.72 36.58
C ASN B 94 -2.19 45.67 37.96
N PRO B 95 -3.55 45.63 38.04
CA PRO B 95 -4.22 45.56 39.36
C PRO B 95 -3.98 44.21 40.03
N PRO B 96 -4.30 43.99 41.34
CA PRO B 96 -4.07 42.66 41.95
C PRO B 96 -4.79 41.51 41.25
N GLY B 97 -4.20 40.33 41.34
CA GLY B 97 -4.71 39.13 40.70
C GLY B 97 -4.20 38.98 39.27
N MET B 98 -4.00 40.12 38.59
CA MET B 98 -3.45 40.20 37.25
C MET B 98 -1.96 40.53 37.36
N ASP B 99 -1.11 39.65 36.85
CA ASP B 99 0.34 39.78 36.89
C ASP B 99 0.88 40.93 36.04
N ASP B 100 2.03 41.52 36.46
CA ASP B 100 2.64 42.61 35.73
C ASP B 100 3.31 42.08 34.45
N GLN B 101 3.22 42.88 33.38
CA GLN B 101 3.78 42.51 32.07
C GLN B 101 5.00 43.29 31.72
N LEU B 102 5.99 42.59 31.17
CA LEU B 102 7.20 43.24 30.64
C LEU B 102 7.01 43.46 29.15
N TRP B 103 7.32 44.68 28.69
CA TRP B 103 7.24 45.06 27.28
C TRP B 103 8.60 45.23 26.70
N LEU B 104 8.96 44.34 25.79
CA LEU B 104 10.26 44.42 25.10
C LEU B 104 10.03 45.15 23.77
N VAL B 105 10.38 46.45 23.72
CA VAL B 105 10.19 47.34 22.57
C VAL B 105 11.39 47.28 21.56
N MET B 106 11.10 46.77 20.36
CA MET B 106 12.06 46.56 19.27
C MET B 106 11.66 47.25 17.95
N GLU B 107 12.58 47.27 17.01
CA GLU B 107 12.36 47.79 15.65
C GLU B 107 11.24 46.99 14.94
N PHE B 108 10.32 47.69 14.32
CA PHE B 108 9.24 46.98 13.64
C PHE B 108 9.60 46.64 12.23
N CYS B 109 9.32 45.37 11.84
CA CYS B 109 9.57 44.77 10.54
C CYS B 109 8.22 44.42 10.02
N GLY B 110 7.63 45.38 9.31
CA GLY B 110 6.28 45.35 8.81
C GLY B 110 5.96 44.27 7.83
N ALA B 111 6.90 43.88 7.01
CA ALA B 111 6.62 42.88 6.00
C ALA B 111 6.50 41.42 6.53
N GLY B 112 6.75 41.21 7.81
CA GLY B 112 6.74 39.87 8.38
C GLY B 112 7.96 39.02 8.09
N SER B 113 7.87 37.71 8.38
CA SER B 113 8.96 36.75 8.23
C SER B 113 9.18 36.20 6.82
N VAL B 114 10.34 35.57 6.60
CA VAL B 114 10.71 34.86 5.38
C VAL B 114 9.75 33.65 5.19
N THR B 115 9.30 33.02 6.29
CA THR B 115 8.31 31.93 6.28
C THR B 115 6.98 32.44 5.67
N ASP B 116 6.53 33.65 6.06
CA ASP B 116 5.32 34.30 5.54
C ASP B 116 5.52 34.63 4.07
N LEU B 117 6.73 35.13 3.70
CA LEU B 117 7.11 35.47 2.32
C LEU B 117 7.03 34.27 1.40
N ILE B 118 7.43 33.09 1.89
CA ILE B 118 7.37 31.82 1.15
C ILE B 118 5.90 31.43 1.00
N LYS B 119 5.11 31.53 2.07
CA LYS B 119 3.69 31.17 2.09
C LYS B 119 2.85 32.03 1.15
N ASN B 120 3.26 33.31 0.95
CA ASN B 120 2.58 34.26 0.10
C ASN B 120 2.99 34.20 -1.36
N THR B 121 4.19 33.68 -1.65
CA THR B 121 4.65 33.52 -3.01
C THR B 121 3.99 32.30 -3.64
N LYS B 122 3.60 32.41 -4.93
CA LYS B 122 2.93 31.36 -5.69
C LYS B 122 3.91 30.20 -5.91
N GLY B 123 3.45 28.99 -5.60
CA GLY B 123 4.24 27.77 -5.72
C GLY B 123 5.19 27.54 -4.55
N ASN B 124 5.09 28.40 -3.50
CA ASN B 124 5.84 28.42 -2.26
C ASN B 124 7.36 28.26 -2.45
N THR B 125 7.93 28.98 -3.43
CA THR B 125 9.39 28.96 -3.75
C THR B 125 9.82 30.39 -4.05
N LEU B 126 11.05 30.74 -3.67
CA LEU B 126 11.56 32.07 -3.94
C LEU B 126 12.54 32.06 -5.15
N LYS B 127 12.58 33.17 -5.93
CA LYS B 127 13.51 33.32 -7.04
C LYS B 127 14.92 33.25 -6.43
N GLU B 128 15.84 32.54 -7.12
CA GLU B 128 17.24 32.36 -6.68
C GLU B 128 17.94 33.66 -6.32
N GLU B 129 17.65 34.75 -7.05
CA GLU B 129 18.22 36.09 -6.84
C GLU B 129 17.77 36.67 -5.52
N TRP B 130 16.51 36.36 -5.10
CA TRP B 130 15.93 36.79 -3.80
C TRP B 130 16.60 36.04 -2.66
N ILE B 131 16.82 34.72 -2.84
CA ILE B 131 17.49 33.83 -1.88
C ILE B 131 18.89 34.34 -1.59
N ALA B 132 19.65 34.70 -2.64
CA ALA B 132 21.01 35.21 -2.51
C ALA B 132 21.06 36.49 -1.70
N TYR B 133 20.06 37.39 -1.90
CA TYR B 133 19.98 38.68 -1.22
C TYR B 133 19.68 38.45 0.25
N ILE B 134 18.63 37.65 0.55
CA ILE B 134 18.22 37.29 1.90
C ILE B 134 19.35 36.56 2.65
N CYS B 135 19.98 35.55 2.03
CA CYS B 135 21.13 34.82 2.62
C CYS B 135 22.29 35.72 2.96
N ARG B 136 22.60 36.69 2.08
CA ARG B 136 23.70 37.64 2.24
C ARG B 136 23.47 38.52 3.46
N GLU B 137 22.22 38.98 3.63
CA GLU B 137 21.81 39.82 4.76
C GLU B 137 21.82 39.07 6.08
N ILE B 138 21.44 37.79 6.08
CA ILE B 138 21.49 36.92 7.26
C ILE B 138 22.97 36.75 7.66
N LEU B 139 23.80 36.45 6.67
CA LEU B 139 25.25 36.23 6.80
C LEU B 139 25.96 37.46 7.37
N ARG B 140 25.56 38.68 6.93
CA ARG B 140 26.12 39.93 7.44
C ARG B 140 25.76 40.12 8.90
N GLY B 141 24.50 39.81 9.26
CA GLY B 141 23.98 39.86 10.64
C GLY B 141 24.69 38.88 11.52
N LEU B 142 24.88 37.64 11.02
CA LEU B 142 25.61 36.54 11.68
C LEU B 142 27.06 36.93 11.90
N SER B 143 27.70 37.52 10.87
CA SER B 143 29.08 38.02 10.94
C SER B 143 29.26 38.99 12.12
N HIS B 144 28.30 39.92 12.31
CA HIS B 144 28.29 40.89 13.40
C HIS B 144 28.27 40.19 14.76
N LEU B 145 27.38 39.18 14.91
CA LEU B 145 27.19 38.41 16.11
C LEU B 145 28.38 37.55 16.43
N HIS B 146 28.94 36.90 15.40
CA HIS B 146 30.10 36.01 15.53
C HIS B 146 31.35 36.78 15.93
N GLN B 147 31.54 38.00 15.38
CA GLN B 147 32.64 38.92 15.73
C GLN B 147 32.57 39.28 17.21
N HIS B 148 31.36 39.37 17.75
CA HIS B 148 31.09 39.67 19.17
C HIS B 148 31.00 38.39 20.04
N LYS B 149 31.41 37.24 19.47
CA LYS B 149 31.42 35.93 20.13
C LYS B 149 30.02 35.54 20.67
N VAL B 150 29.00 35.76 19.84
CA VAL B 150 27.61 35.43 20.10
C VAL B 150 27.14 34.47 19.02
N ILE B 151 26.49 33.36 19.42
CA ILE B 151 25.85 32.39 18.53
C ILE B 151 24.35 32.69 18.59
N HIS B 152 23.69 32.83 17.45
CA HIS B 152 22.24 33.10 17.44
C HIS B 152 21.45 31.86 17.97
N ARG B 153 21.87 30.66 17.53
CA ARG B 153 21.30 29.37 17.91
C ARG B 153 19.90 29.03 17.36
N ASP B 154 19.24 29.96 16.67
CA ASP B 154 17.87 29.76 16.19
C ASP B 154 17.61 30.43 14.84
N ILE B 155 18.48 30.19 13.88
CA ILE B 155 18.32 30.72 12.53
C ILE B 155 17.32 29.85 11.77
N LYS B 156 16.20 30.48 11.37
CA LYS B 156 15.11 29.90 10.58
C LYS B 156 14.30 31.01 10.00
N GLY B 157 13.53 30.70 8.95
CA GLY B 157 12.68 31.66 8.24
C GLY B 157 11.81 32.49 9.16
N GLN B 158 11.28 31.85 10.21
CA GLN B 158 10.44 32.45 11.24
C GLN B 158 11.18 33.61 11.96
N ASN B 159 12.52 33.51 12.06
CA ASN B 159 13.40 34.46 12.73
C ASN B 159 14.12 35.46 11.87
N VAL B 160 13.81 35.45 10.58
CA VAL B 160 14.38 36.35 9.59
C VAL B 160 13.21 37.15 9.10
N LEU B 161 13.21 38.44 9.44
CA LEU B 161 12.12 39.35 9.07
C LEU B 161 12.49 40.35 8.04
N LEU B 162 11.48 40.95 7.40
CA LEU B 162 11.64 41.98 6.37
C LEU B 162 10.90 43.22 6.76
N THR B 163 11.50 44.39 6.49
CA THR B 163 10.86 45.68 6.74
C THR B 163 10.01 46.02 5.51
N GLU B 164 9.18 47.08 5.58
CA GLU B 164 8.38 47.49 4.43
C GLU B 164 9.22 47.91 3.21
N ASN B 165 10.47 48.36 3.45
CA ASN B 165 11.44 48.76 2.42
C ASN B 165 12.34 47.60 2.01
N ALA B 166 11.94 46.36 2.39
CA ALA B 166 12.63 45.08 2.11
C ALA B 166 14.05 44.93 2.70
N GLU B 167 14.26 45.50 3.89
CA GLU B 167 15.52 45.36 4.63
C GLU B 167 15.39 44.08 5.44
N VAL B 168 16.46 43.26 5.52
CA VAL B 168 16.46 41.96 6.22
C VAL B 168 17.04 42.06 7.63
N LYS B 169 16.25 41.65 8.64
CA LYS B 169 16.61 41.75 10.05
C LYS B 169 16.38 40.46 10.81
N LEU B 170 17.38 40.04 11.60
CA LEU B 170 17.35 38.82 12.45
C LEU B 170 16.71 39.15 13.79
N VAL B 171 15.84 38.26 14.27
CA VAL B 171 15.12 38.38 15.55
C VAL B 171 15.33 37.15 16.42
N ASP B 172 14.79 37.19 17.66
CA ASP B 172 14.81 36.14 18.68
C ASP B 172 16.18 35.70 19.20
N PHE B 173 16.53 36.22 20.39
CA PHE B 173 17.76 35.91 21.10
C PHE B 173 17.46 35.15 22.43
N GLY B 174 16.31 34.48 22.46
CA GLY B 174 15.84 33.68 23.58
C GLY B 174 16.67 32.43 23.79
N VAL B 175 16.91 31.68 22.70
CA VAL B 175 17.72 30.44 22.68
C VAL B 175 19.22 30.83 22.86
N SER B 176 19.61 32.01 22.35
CA SER B 176 20.96 32.55 22.45
C SER B 176 21.29 32.84 23.94
N ALA B 177 20.24 33.18 24.73
CA ALA B 177 20.27 33.49 26.17
C ALA B 177 19.91 32.28 27.07
N GLN B 178 19.05 31.36 26.61
CA GLN B 178 18.64 30.19 27.40
C GLN B 178 19.75 29.12 27.45
N GLY B 191 8.65 21.19 20.11
CA GLY B 191 9.93 21.73 19.65
C GLY B 191 10.25 21.39 18.21
N THR B 192 11.09 22.25 17.53
CA THR B 192 11.51 22.00 16.12
C THR B 192 13.03 21.88 15.86
N PRO B 193 13.50 20.67 15.50
CA PRO B 193 14.93 20.49 15.26
C PRO B 193 15.38 20.57 13.79
N TYR B 194 14.45 20.88 12.87
CA TYR B 194 14.71 20.89 11.42
C TYR B 194 15.87 21.72 10.95
N TRP B 195 16.16 22.82 11.66
CA TRP B 195 17.28 23.73 11.29
C TRP B 195 18.54 23.48 12.12
N MET B 196 18.46 22.61 13.16
CA MET B 196 19.57 22.27 14.03
C MET B 196 20.67 21.49 13.34
N ALA B 197 21.92 21.91 13.59
CA ALA B 197 23.12 21.33 13.02
C ALA B 197 23.42 19.98 13.69
N PRO B 198 24.10 19.02 12.99
CA PRO B 198 24.39 17.72 13.62
C PRO B 198 25.13 17.79 14.96
N GLU B 199 26.10 18.73 15.09
CA GLU B 199 26.89 18.91 16.31
C GLU B 199 26.10 19.38 17.51
N VAL B 200 25.01 20.11 17.27
CA VAL B 200 24.12 20.65 18.32
C VAL B 200 23.26 19.52 18.87
N ILE B 201 22.83 18.59 17.98
CA ILE B 201 22.03 17.42 18.35
C ILE B 201 22.91 16.43 19.09
N ALA B 202 24.16 16.26 18.63
CA ALA B 202 25.20 15.39 19.22
C ALA B 202 25.44 15.67 20.71
N CYS B 203 25.24 16.95 21.14
CA CYS B 203 25.37 17.41 22.53
C CYS B 203 24.48 16.64 23.50
N ASP B 204 23.34 16.13 22.99
CA ASP B 204 22.43 15.24 23.70
C ASP B 204 22.79 13.87 23.07
N GLU B 205 23.73 13.14 23.72
CA GLU B 205 24.30 11.82 23.38
C GLU B 205 25.81 11.87 23.30
N PRO B 207 28.10 14.24 25.19
CA PRO B 207 28.84 15.07 26.15
C PRO B 207 30.12 14.41 26.70
N ASP B 208 31.18 15.19 27.02
CA ASP B 208 31.28 16.65 26.86
C ASP B 208 31.72 17.00 25.44
N ALA B 209 30.72 17.21 24.56
CA ALA B 209 30.90 17.55 23.15
C ALA B 209 30.54 19.00 22.94
N THR B 210 31.32 19.68 22.05
CA THR B 210 31.16 21.10 21.75
C THR B 210 30.71 21.45 20.33
N TYR B 211 30.15 22.66 20.22
CA TYR B 211 29.75 23.36 19.01
C TYR B 211 30.05 24.86 19.13
N ASP B 212 30.14 25.56 17.99
CA ASP B 212 30.47 26.98 17.97
C ASP B 212 29.57 27.78 17.00
N PHE B 213 30.11 28.88 16.43
CA PHE B 213 29.47 29.79 15.50
C PHE B 213 29.05 29.10 14.21
N LYS B 214 29.77 28.03 13.82
CA LYS B 214 29.55 27.27 12.57
C LYS B 214 28.19 26.61 12.44
N SER B 215 27.53 26.38 13.58
CA SER B 215 26.20 25.79 13.65
C SER B 215 25.13 26.69 13.02
N ASP B 216 25.29 28.01 13.15
CA ASP B 216 24.40 29.01 12.56
C ASP B 216 24.46 28.96 11.05
N LEU B 217 25.61 28.53 10.49
CA LEU B 217 25.82 28.44 9.04
C LEU B 217 25.14 27.23 8.45
N TRP B 218 24.98 26.15 9.24
CA TRP B 218 24.22 24.98 8.85
C TRP B 218 22.78 25.45 8.73
N SER B 219 22.26 26.06 9.84
CA SER B 219 20.93 26.62 9.93
C SER B 219 20.61 27.51 8.73
N LEU B 220 21.55 28.40 8.31
CA LEU B 220 21.40 29.27 7.13
C LEU B 220 21.17 28.47 5.86
N GLY B 221 21.94 27.39 5.66
CA GLY B 221 21.79 26.46 4.54
C GLY B 221 20.44 25.80 4.55
N ILE B 222 19.89 25.44 5.74
CA ILE B 222 18.55 24.85 5.89
C ILE B 222 17.47 25.89 5.54
N THR B 223 17.71 27.16 5.95
CA THR B 223 16.82 28.30 5.64
C THR B 223 16.83 28.56 4.12
N ALA B 224 17.99 28.40 3.47
CA ALA B 224 18.13 28.58 2.04
C ALA B 224 17.31 27.51 1.29
N ILE B 225 17.36 26.25 1.77
CA ILE B 225 16.57 25.15 1.19
C ILE B 225 15.08 25.44 1.45
N GLU B 226 14.74 25.97 2.65
CA GLU B 226 13.39 26.36 3.03
C GLU B 226 12.86 27.39 2.04
N MET B 227 13.71 28.34 1.60
CA MET B 227 13.35 29.40 0.66
C MET B 227 13.21 28.84 -0.74
N ALA B 228 14.08 27.87 -1.11
CA ALA B 228 14.11 27.21 -2.41
C ALA B 228 12.95 26.22 -2.61
N GLU B 229 12.67 25.34 -1.63
CA GLU B 229 11.68 24.28 -1.70
C GLU B 229 10.36 24.51 -0.95
N GLY B 230 10.31 25.54 -0.11
CA GLY B 230 9.11 25.88 0.64
C GLY B 230 9.00 25.32 2.03
N ALA B 231 9.90 24.40 2.38
CA ALA B 231 9.93 23.74 3.67
C ALA B 231 11.35 23.16 3.95
N PRO B 232 11.77 23.04 5.23
CA PRO B 232 13.11 22.48 5.50
C PRO B 232 13.17 20.98 5.22
N PRO B 233 14.35 20.39 4.93
CA PRO B 233 14.39 18.91 4.79
C PRO B 233 13.90 18.23 6.07
N LEU B 234 13.21 17.08 5.90
CA LEU B 234 12.65 16.24 6.96
C LEU B 234 11.40 16.83 7.64
N CYS B 235 10.82 17.87 7.06
CA CYS B 235 9.64 18.60 7.60
C CYS B 235 8.40 17.68 7.78
N ASP B 236 8.20 16.71 6.86
CA ASP B 236 7.08 15.76 6.87
C ASP B 236 7.18 14.72 7.98
N MET B 237 8.32 14.67 8.70
CA MET B 237 8.56 13.74 9.79
C MET B 237 8.34 14.37 11.15
N HIS B 238 8.11 13.53 12.16
CA HIS B 238 7.94 13.91 13.56
C HIS B 238 9.29 14.46 14.06
N PRO B 239 9.27 15.52 14.91
CA PRO B 239 10.54 16.09 15.41
C PRO B 239 11.54 15.10 16.02
N MET B 240 11.05 14.06 16.70
CA MET B 240 11.89 13.03 17.30
C MET B 240 12.63 12.21 16.26
N ARG B 241 11.97 11.92 15.12
CA ARG B 241 12.56 11.17 14.00
C ARG B 241 13.62 12.06 13.29
N ALA B 242 13.34 13.38 13.20
CA ALA B 242 14.24 14.37 12.59
C ALA B 242 15.51 14.48 13.44
N LEU B 243 15.34 14.58 14.78
CA LEU B 243 16.44 14.64 15.75
C LEU B 243 17.36 13.43 15.60
N PHE B 244 16.76 12.23 15.41
CA PHE B 244 17.49 10.99 15.19
C PHE B 244 18.19 10.97 13.78
N LEU B 245 17.49 11.40 12.72
CA LEU B 245 17.96 11.37 11.34
C LEU B 245 19.02 12.38 10.94
N ILE B 246 18.93 13.65 11.42
CA ILE B 246 19.91 14.71 11.09
C ILE B 246 21.38 14.29 11.28
N PRO B 247 21.82 13.74 12.43
CA PRO B 247 23.24 13.35 12.55
C PRO B 247 23.63 12.13 11.72
N ARG B 248 22.63 11.31 11.33
CA ARG B 248 22.80 10.05 10.60
C ARG B 248 22.72 10.15 9.09
N ASN B 249 21.73 10.89 8.56
CA ASN B 249 21.53 11.08 7.13
C ASN B 249 22.68 11.90 6.53
N PRO B 250 23.02 11.75 5.24
CA PRO B 250 24.05 12.63 4.67
C PRO B 250 23.49 14.06 4.50
N ALA B 251 24.38 15.07 4.48
CA ALA B 251 24.00 16.48 4.33
C ALA B 251 22.95 16.69 3.24
N PRO B 252 21.83 17.40 3.55
CA PRO B 252 20.80 17.63 2.52
C PRO B 252 21.29 18.39 1.30
N ARG B 253 20.57 18.24 0.21
CA ARG B 253 20.86 18.88 -1.08
C ARG B 253 19.52 19.34 -1.67
N LEU B 254 19.55 20.20 -2.68
CA LEU B 254 18.34 20.65 -3.35
C LEU B 254 17.80 19.51 -4.21
N LYS B 255 16.48 19.26 -4.13
CA LYS B 255 15.77 18.21 -4.87
C LYS B 255 15.86 18.38 -6.39
N SER B 256 15.66 19.63 -6.89
CA SER B 256 15.66 19.94 -8.33
C SER B 256 17.04 20.22 -8.89
N LYS B 257 17.21 19.91 -10.19
CA LYS B 257 18.45 20.16 -10.94
C LYS B 257 18.41 21.54 -11.62
N LYS B 258 17.25 22.24 -11.56
CA LYS B 258 17.02 23.55 -12.15
C LYS B 258 17.85 24.69 -11.51
N TRP B 259 18.22 24.57 -10.22
CA TRP B 259 18.99 25.58 -9.49
C TRP B 259 20.40 25.72 -10.07
N SER B 260 20.93 26.96 -10.09
CA SER B 260 22.27 27.25 -10.60
C SER B 260 23.36 26.47 -9.88
N LYS B 261 24.52 26.34 -10.56
CA LYS B 261 25.71 25.65 -10.06
C LYS B 261 26.26 26.40 -8.85
N LYS B 262 26.19 27.75 -8.87
CA LYS B 262 26.61 28.63 -7.79
C LYS B 262 25.77 28.40 -6.50
N PHE B 263 24.44 28.28 -6.65
CA PHE B 263 23.53 28.04 -5.52
C PHE B 263 23.74 26.67 -4.90
N GLN B 264 23.80 25.60 -5.72
CA GLN B 264 24.05 24.23 -5.24
C GLN B 264 25.39 24.16 -4.48
N SER B 265 26.41 24.87 -4.99
CA SER B 265 27.74 24.91 -4.39
C SER B 265 27.64 25.53 -2.99
N PHE B 266 26.87 26.66 -2.90
CA PHE B 266 26.64 27.41 -1.66
C PHE B 266 26.03 26.52 -0.60
N ILE B 267 24.98 25.78 -0.99
CA ILE B 267 24.29 24.85 -0.11
C ILE B 267 25.23 23.76 0.38
N GLU B 268 26.06 23.24 -0.54
CA GLU B 268 27.06 22.22 -0.20
C GLU B 268 28.12 22.73 0.77
N SER B 269 28.48 24.03 0.65
CA SER B 269 29.43 24.70 1.52
C SER B 269 28.85 24.89 2.92
N CYS B 270 27.59 25.31 3.02
CA CYS B 270 26.85 25.51 4.26
C CYS B 270 26.74 24.21 5.02
N LEU B 271 26.16 23.20 4.34
CA LEU B 271 25.78 21.90 4.87
C LEU B 271 26.89 20.85 4.81
N VAL B 272 27.90 21.02 5.65
CA VAL B 272 29.02 20.10 5.82
C VAL B 272 28.78 19.60 7.21
N LYS B 273 28.47 18.28 7.33
CA LYS B 273 28.20 17.62 8.61
C LYS B 273 29.31 17.81 9.61
N ASN B 274 30.59 17.62 9.18
CA ASN B 274 31.76 17.81 10.05
C ASN B 274 31.99 19.31 10.16
N HIS B 275 31.61 19.89 11.31
CA HIS B 275 31.71 21.33 11.52
C HIS B 275 33.14 21.88 11.42
N SER B 276 34.16 21.07 11.77
CA SER B 276 35.56 21.47 11.67
C SER B 276 35.94 21.76 10.20
N GLN B 277 35.28 21.07 9.26
CA GLN B 277 35.49 21.25 7.82
C GLN B 277 34.51 22.26 7.17
N ARG B 278 33.50 22.75 7.94
CA ARG B 278 32.51 23.73 7.48
C ARG B 278 33.14 25.12 7.46
N PRO B 279 32.88 25.97 6.44
CA PRO B 279 33.53 27.29 6.40
C PRO B 279 33.01 28.25 7.44
N ALA B 280 33.83 29.23 7.83
CA ALA B 280 33.44 30.28 8.75
C ALA B 280 32.52 31.28 8.03
N THR B 281 31.96 32.23 8.77
CA THR B 281 31.06 33.27 8.25
C THR B 281 31.75 34.12 7.15
N GLU B 282 32.97 34.61 7.43
CA GLU B 282 33.76 35.44 6.52
C GLU B 282 34.13 34.73 5.21
N GLN B 283 34.32 33.39 5.29
CA GLN B 283 34.64 32.55 4.14
C GLN B 283 33.40 32.38 3.27
N LEU B 284 32.24 32.09 3.90
CA LEU B 284 30.94 31.95 3.22
C LEU B 284 30.46 33.23 2.56
N MET B 285 30.83 34.40 3.11
CA MET B 285 30.50 35.70 2.55
C MET B 285 31.25 35.93 1.23
N LYS B 286 32.46 35.32 1.10
CA LYS B 286 33.30 35.41 -0.09
C LYS B 286 32.88 34.43 -1.19
N HIS B 287 31.89 33.56 -0.91
CA HIS B 287 31.39 32.58 -1.88
C HIS B 287 30.70 33.28 -3.06
N PRO B 288 30.98 32.88 -4.33
CA PRO B 288 30.35 33.55 -5.49
C PRO B 288 28.84 33.81 -5.43
N PHE B 289 28.07 32.92 -4.78
CA PHE B 289 26.61 33.07 -4.64
C PHE B 289 26.22 34.31 -3.81
N ILE B 290 27.00 34.62 -2.78
CA ILE B 290 26.82 35.76 -1.88
C ILE B 290 27.52 36.99 -2.40
N ARG B 291 28.79 36.80 -2.85
CA ARG B 291 29.67 37.85 -3.35
C ARG B 291 29.21 38.47 -4.65
N ASP B 292 28.69 37.67 -5.60
CA ASP B 292 28.32 38.17 -6.93
C ASP B 292 26.84 38.41 -7.13
N GLN B 293 26.36 39.56 -6.65
CA GLN B 293 24.95 39.94 -6.77
C GLN B 293 24.86 41.32 -7.46
N PRO B 294 25.05 41.38 -8.80
CA PRO B 294 25.07 42.70 -9.48
C PRO B 294 23.71 43.37 -9.62
N ASN B 295 22.61 42.59 -9.52
CA ASN B 295 21.25 43.12 -9.66
C ASN B 295 20.55 43.32 -8.31
N GLU B 296 21.34 43.70 -7.30
CA GLU B 296 20.93 43.97 -5.91
C GLU B 296 19.83 45.05 -5.78
N ARG B 297 19.95 46.18 -6.49
CA ARG B 297 19.01 47.28 -6.46
C ARG B 297 17.63 46.85 -6.99
N GLN B 298 17.61 46.04 -8.07
CA GLN B 298 16.37 45.58 -8.68
C GLN B 298 15.68 44.52 -7.87
N VAL B 299 16.48 43.60 -7.27
CA VAL B 299 16.00 42.51 -6.38
C VAL B 299 15.28 43.09 -5.16
N ARG B 300 15.84 44.14 -4.57
CA ARG B 300 15.27 44.83 -3.43
C ARG B 300 13.94 45.51 -3.83
N ILE B 301 13.88 46.15 -5.06
CA ILE B 301 12.68 46.79 -5.63
C ILE B 301 11.59 45.74 -5.89
N GLN B 302 11.96 44.55 -6.45
CA GLN B 302 11.06 43.43 -6.72
C GLN B 302 10.43 42.90 -5.42
N LEU B 303 11.25 42.72 -4.35
CA LEU B 303 10.79 42.25 -3.04
C LEU B 303 9.87 43.30 -2.41
N LYS B 304 10.22 44.60 -2.51
CA LYS B 304 9.43 45.71 -1.99
C LYS B 304 8.04 45.72 -2.65
N ASP B 305 7.99 45.51 -3.99
CA ASP B 305 6.77 45.45 -4.79
C ASP B 305 5.91 44.26 -4.41
N HIS B 306 6.54 43.11 -4.07
CA HIS B 306 5.87 41.90 -3.64
C HIS B 306 5.25 42.13 -2.27
N ILE B 307 5.93 42.90 -1.41
CA ILE B 307 5.48 43.25 -0.06
C ILE B 307 4.26 44.15 -0.15
N ASP B 308 4.31 45.18 -1.03
CA ASP B 308 3.24 46.14 -1.26
C ASP B 308 1.97 45.50 -1.83
N ARG B 309 2.15 44.45 -2.67
CA ARG B 309 1.06 43.67 -3.24
C ARG B 309 0.33 42.82 -2.21
N THR B 310 1.03 42.41 -1.15
CA THR B 310 0.53 41.59 -0.05
C THR B 310 -0.28 42.44 0.93
N LYS B 311 0.09 43.74 1.13
CA LYS B 311 -0.63 44.65 2.02
C LYS B 311 -1.93 45.16 1.33
N LYS B 312 -1.83 45.51 0.03
CA LYS B 312 -2.94 45.98 -0.81
C LYS B 312 -4.00 44.87 -0.96
N LYS B 313 -3.58 43.68 -1.47
CA LYS B 313 -4.46 42.53 -1.65
C LYS B 313 -4.67 41.85 -0.30
N ARG B 314 -5.67 42.35 0.47
CA ARG B 314 -6.07 41.89 1.81
C ARG B 314 -4.98 42.08 2.85
N ASP C 15 -36.93 4.46 22.07
CA ASP C 15 -35.81 3.91 22.81
C ASP C 15 -36.22 3.22 24.11
N LEU C 16 -35.59 2.06 24.41
CA LEU C 16 -35.81 1.27 25.61
C LEU C 16 -34.45 1.14 26.32
N SER C 17 -34.34 1.67 27.55
CA SER C 17 -33.08 1.71 28.31
C SER C 17 -32.39 0.40 28.70
N ALA C 18 -32.90 -0.75 28.22
CA ALA C 18 -32.27 -2.05 28.44
C ALA C 18 -31.33 -2.31 27.23
N LEU C 19 -30.23 -1.53 27.18
CA LEU C 19 -29.19 -1.52 26.14
C LEU C 19 -28.00 -2.41 26.54
N ARG C 20 -27.06 -2.63 25.61
CA ARG C 20 -25.87 -3.47 25.81
C ARG C 20 -24.73 -2.72 26.49
N ASP C 21 -23.81 -3.46 27.14
CA ASP C 21 -22.60 -2.91 27.76
C ASP C 21 -21.58 -2.72 26.64
N PRO C 22 -20.83 -1.58 26.61
CA PRO C 22 -19.91 -1.34 25.49
C PRO C 22 -18.65 -2.19 25.44
N ALA C 23 -18.30 -2.88 26.55
CA ALA C 23 -17.11 -3.72 26.73
C ALA C 23 -16.87 -4.65 25.56
N GLY C 24 -15.71 -4.49 24.93
CA GLY C 24 -15.29 -5.27 23.78
C GLY C 24 -15.78 -4.76 22.43
N ILE C 25 -16.76 -3.83 22.44
CA ILE C 25 -17.32 -3.22 21.23
C ILE C 25 -16.69 -1.83 20.97
N PHE C 26 -16.76 -0.93 21.96
CA PHE C 26 -16.23 0.42 21.87
C PHE C 26 -15.32 0.73 23.04
N GLU C 27 -14.18 1.39 22.76
CA GLU C 27 -13.20 1.77 23.77
C GLU C 27 -12.96 3.27 23.73
N LEU C 28 -12.86 3.91 24.91
CA LEU C 28 -12.55 5.34 25.01
C LEU C 28 -11.05 5.54 24.80
N VAL C 29 -10.67 6.57 24.03
CA VAL C 29 -9.28 6.85 23.71
C VAL C 29 -8.78 8.10 24.45
N GLU C 30 -9.40 9.27 24.16
CA GLU C 30 -9.02 10.58 24.71
C GLU C 30 -10.27 11.45 24.83
N LEU C 31 -10.29 12.41 25.76
CA LEU C 31 -11.42 13.33 25.90
C LEU C 31 -11.23 14.45 24.88
N VAL C 32 -12.29 14.79 24.13
CA VAL C 32 -12.22 15.83 23.09
C VAL C 32 -13.09 17.04 23.36
N GLY C 33 -14.27 16.79 23.92
CA GLY C 33 -15.27 17.81 24.20
C GLY C 33 -15.60 17.99 25.67
N ASN C 34 -15.91 19.24 26.04
CA ASN C 34 -16.24 19.69 27.39
C ASN C 34 -16.93 21.06 27.26
N GLY C 35 -18.19 21.01 26.82
CA GLY C 35 -19.03 22.18 26.63
C GLY C 35 -20.41 21.99 27.23
N THR C 36 -21.42 22.67 26.61
CA THR C 36 -22.84 22.61 27.01
C THR C 36 -23.40 21.19 26.81
N TYR C 37 -22.78 20.42 25.89
CA TYR C 37 -23.11 19.04 25.55
C TYR C 37 -22.55 17.97 26.55
N GLY C 38 -21.63 18.38 27.44
CA GLY C 38 -21.03 17.52 28.44
C GLY C 38 -19.63 17.02 28.11
N GLN C 39 -19.27 15.81 28.65
CA GLN C 39 -17.98 15.12 28.50
C GLN C 39 -17.99 14.14 27.31
N VAL C 40 -17.37 14.57 26.20
CA VAL C 40 -17.28 13.84 24.93
C VAL C 40 -15.87 13.28 24.74
N TYR C 41 -15.78 12.00 24.36
CA TYR C 41 -14.55 11.27 24.15
C TYR C 41 -14.37 10.85 22.71
N LYS C 42 -13.11 10.66 22.30
CA LYS C 42 -12.77 10.09 21.02
C LYS C 42 -12.72 8.60 21.33
N GLY C 43 -13.65 7.86 20.73
CA GLY C 43 -13.77 6.42 20.93
C GLY C 43 -13.33 5.65 19.72
N ARG C 44 -13.13 4.34 19.90
CA ARG C 44 -12.69 3.46 18.82
C ARG C 44 -13.51 2.18 18.83
N HIS C 45 -13.98 1.77 17.65
CA HIS C 45 -14.71 0.52 17.49
C HIS C 45 -13.64 -0.57 17.48
N VAL C 46 -13.70 -1.50 18.44
CA VAL C 46 -12.70 -2.55 18.64
C VAL C 46 -12.37 -3.35 17.39
N LYS C 47 -13.39 -4.01 16.80
CA LYS C 47 -13.21 -4.87 15.63
C LYS C 47 -12.76 -4.19 14.35
N THR C 48 -13.25 -2.98 14.06
CA THR C 48 -12.90 -2.27 12.81
C THR C 48 -11.77 -1.25 12.95
N GLY C 49 -11.61 -0.69 14.15
CA GLY C 49 -10.62 0.35 14.44
C GLY C 49 -11.09 1.73 14.03
N GLN C 50 -12.37 1.84 13.64
CA GLN C 50 -12.99 3.08 13.20
C GLN C 50 -13.31 3.96 14.38
N LEU C 51 -13.08 5.27 14.21
CA LEU C 51 -13.31 6.28 15.25
C LEU C 51 -14.75 6.73 15.32
N ALA C 52 -15.16 7.09 16.54
CA ALA C 52 -16.50 7.56 16.86
C ALA C 52 -16.41 8.55 18.02
N ALA C 53 -17.38 9.43 18.15
CA ALA C 53 -17.41 10.36 19.26
C ALA C 53 -18.34 9.73 20.29
N ILE C 54 -17.87 9.56 21.51
CA ILE C 54 -18.69 8.96 22.56
C ILE C 54 -18.94 9.97 23.67
N LYS C 55 -20.23 10.35 23.86
CA LYS C 55 -20.66 11.24 24.93
C LYS C 55 -21.00 10.35 26.12
N VAL C 56 -20.27 10.52 27.23
CA VAL C 56 -20.48 9.71 28.43
C VAL C 56 -21.25 10.51 29.46
N MET C 57 -22.46 10.06 29.79
CA MET C 57 -23.32 10.73 30.76
C MET C 57 -23.82 9.78 31.85
N ASP C 58 -23.82 10.25 33.12
CA ASP C 58 -24.29 9.48 34.27
C ASP C 58 -25.81 9.42 34.21
N VAL C 59 -26.36 8.20 34.12
CA VAL C 59 -27.79 7.96 34.00
C VAL C 59 -28.42 8.03 35.38
N THR C 60 -28.87 9.24 35.73
CA THR C 60 -29.54 9.62 36.98
C THR C 60 -31.02 9.26 36.78
N GLY C 61 -31.75 9.04 37.87
CA GLY C 61 -33.18 8.72 37.84
C GLY C 61 -34.05 9.77 37.18
N ASP C 62 -33.75 11.05 37.46
CA ASP C 62 -34.47 12.22 36.93
C ASP C 62 -33.99 12.66 35.55
N GLU C 63 -32.64 12.73 35.35
CA GLU C 63 -31.97 13.11 34.09
C GLU C 63 -32.30 12.16 32.91
N GLU C 64 -33.01 11.03 33.19
CA GLU C 64 -33.44 10.02 32.22
C GLU C 64 -34.36 10.59 31.12
N GLU C 65 -35.37 11.41 31.48
CA GLU C 65 -36.33 12.00 30.54
C GLU C 65 -35.64 12.82 29.44
N GLU C 66 -34.70 13.72 29.83
CA GLU C 66 -33.94 14.58 28.93
C GLU C 66 -33.00 13.79 28.01
N ILE C 67 -32.36 12.72 28.52
CA ILE C 67 -31.45 11.85 27.77
C ILE C 67 -32.19 11.02 26.72
N LYS C 68 -33.35 10.43 27.09
CA LYS C 68 -34.18 9.63 26.19
C LYS C 68 -34.71 10.46 25.02
N GLN C 69 -35.07 11.75 25.27
CA GLN C 69 -35.56 12.68 24.25
C GLN C 69 -34.47 13.04 23.25
N GLU C 70 -33.21 13.21 23.71
CA GLU C 70 -32.05 13.52 22.86
C GLU C 70 -31.74 12.35 21.91
N ILE C 71 -31.79 11.08 22.42
CA ILE C 71 -31.54 9.87 21.64
C ILE C 71 -32.54 9.77 20.50
N ASN C 72 -33.85 9.94 20.78
CA ASN C 72 -34.93 9.87 19.78
C ASN C 72 -34.77 10.94 18.69
N MET C 73 -34.35 12.16 19.08
CA MET C 73 -34.09 13.26 18.16
C MET C 73 -32.95 12.85 17.22
N LEU C 74 -31.86 12.31 17.78
CA LEU C 74 -30.69 11.84 17.03
C LEU C 74 -31.02 10.63 16.14
N LYS C 75 -31.75 9.63 16.68
CA LYS C 75 -32.17 8.45 15.93
C LYS C 75 -33.01 8.79 14.69
N LYS C 76 -33.89 9.82 14.78
CA LYS C 76 -34.76 10.25 13.69
C LYS C 76 -34.16 11.31 12.76
N TYR C 77 -33.49 12.33 13.31
CA TYR C 77 -33.02 13.47 12.53
C TYR C 77 -31.54 13.60 12.16
N SER C 78 -30.65 12.72 12.66
CA SER C 78 -29.22 12.84 12.38
C SER C 78 -28.76 12.23 11.06
N HIS C 79 -29.68 11.65 10.29
CA HIS C 79 -29.33 10.97 9.05
C HIS C 79 -29.25 11.81 7.78
N HIS C 80 -28.68 13.01 7.95
CA HIS C 80 -28.40 13.96 6.89
C HIS C 80 -26.87 14.18 6.93
N ARG C 81 -26.24 14.46 5.77
CA ARG C 81 -24.78 14.66 5.65
C ARG C 81 -24.19 15.85 6.44
N ASN C 82 -25.04 16.80 6.85
CA ASN C 82 -24.60 17.98 7.60
C ASN C 82 -24.93 17.91 9.09
N ILE C 83 -25.30 16.72 9.56
CA ILE C 83 -25.60 16.45 10.97
C ILE C 83 -24.82 15.20 11.35
N ALA C 84 -23.97 15.27 12.42
CA ALA C 84 -23.17 14.12 12.89
C ALA C 84 -24.12 12.97 13.21
N THR C 85 -23.93 11.84 12.52
CA THR C 85 -24.80 10.66 12.60
C THR C 85 -24.78 9.96 13.95
N TYR C 86 -25.95 9.47 14.37
CA TYR C 86 -26.12 8.69 15.58
C TYR C 86 -25.74 7.24 15.21
N TYR C 87 -24.86 6.61 15.99
CA TYR C 87 -24.43 5.22 15.74
C TYR C 87 -25.06 4.22 16.70
N GLY C 88 -25.38 4.66 17.90
CA GLY C 88 -25.97 3.79 18.90
C GLY C 88 -25.72 4.27 20.30
N ALA C 89 -26.30 3.56 21.26
CA ALA C 89 -26.22 3.87 22.68
C ALA C 89 -25.94 2.61 23.49
N PHE C 90 -25.17 2.77 24.56
CA PHE C 90 -24.77 1.68 25.45
C PHE C 90 -24.87 2.14 26.90
N ILE C 91 -25.05 1.19 27.82
CA ILE C 91 -25.08 1.48 29.26
C ILE C 91 -24.00 0.65 29.95
N LYS C 92 -23.12 1.32 30.72
CA LYS C 92 -22.05 0.71 31.50
C LYS C 92 -22.59 0.49 32.93
N LYS C 93 -23.18 -0.73 33.16
CA LYS C 93 -23.78 -1.13 34.43
C LYS C 93 -22.67 -1.19 35.47
N ASN C 94 -22.72 -0.27 36.44
CA ASN C 94 -21.78 -0.13 37.54
C ASN C 94 -22.33 -0.82 38.84
N PRO C 95 -21.59 -0.90 39.98
CA PRO C 95 -22.18 -1.49 41.19
C PRO C 95 -23.27 -0.56 41.80
N PRO C 96 -23.95 -0.88 42.93
CA PRO C 96 -24.98 0.05 43.42
C PRO C 96 -24.40 1.24 44.18
N GLY C 97 -25.16 2.33 44.31
CA GLY C 97 -24.69 3.56 44.96
C GLY C 97 -23.90 4.44 44.01
N MET C 98 -23.35 3.81 42.95
CA MET C 98 -22.60 4.39 41.84
C MET C 98 -23.53 4.29 40.65
N ASP C 99 -24.01 5.44 40.14
CA ASP C 99 -24.94 5.48 39.01
C ASP C 99 -24.37 4.86 37.75
N ASP C 100 -25.24 4.23 36.95
CA ASP C 100 -24.90 3.66 35.65
C ASP C 100 -24.57 4.77 34.64
N GLN C 101 -23.63 4.48 33.74
CA GLN C 101 -23.17 5.39 32.69
C GLN C 101 -23.82 5.08 31.35
N LEU C 102 -24.16 6.15 30.60
CA LEU C 102 -24.69 5.99 29.25
C LEU C 102 -23.67 6.50 28.24
N TRP C 103 -23.44 5.73 27.18
CA TRP C 103 -22.52 6.08 26.10
C TRP C 103 -23.29 6.40 24.85
N LEU C 104 -23.21 7.67 24.41
CA LEU C 104 -23.88 8.12 23.19
C LEU C 104 -22.84 8.09 22.07
N VAL C 105 -22.90 7.04 21.23
CA VAL C 105 -21.96 6.82 20.12
C VAL C 105 -22.40 7.60 18.86
N MET C 106 -21.55 8.56 18.47
CA MET C 106 -21.77 9.51 17.39
C MET C 106 -20.68 9.48 16.32
N GLU C 107 -20.96 10.10 15.15
CA GLU C 107 -20.04 10.24 14.04
C GLU C 107 -18.90 11.15 14.48
N PHE C 108 -17.65 10.68 14.33
CA PHE C 108 -16.51 11.47 14.75
C PHE C 108 -16.16 12.56 13.74
N CYS C 109 -15.89 13.77 14.24
CA CYS C 109 -15.49 14.92 13.48
C CYS C 109 -14.13 15.35 14.00
N GLY C 110 -13.10 14.73 13.41
CA GLY C 110 -11.69 14.88 13.76
C GLY C 110 -11.10 16.26 13.83
N ALA C 111 -11.54 17.17 12.94
CA ALA C 111 -10.98 18.53 12.87
C ALA C 111 -11.39 19.47 14.00
N GLY C 112 -12.42 19.10 14.75
CA GLY C 112 -12.92 19.91 15.85
C GLY C 112 -13.93 20.95 15.40
N SER C 113 -14.21 21.91 16.29
CA SER C 113 -15.22 22.95 16.05
C SER C 113 -14.72 24.13 15.22
N VAL C 114 -15.68 24.92 14.69
CA VAL C 114 -15.46 26.16 13.95
C VAL C 114 -14.81 27.17 14.93
N THR C 115 -15.16 27.13 16.23
CA THR C 115 -14.59 27.97 17.29
C THR C 115 -13.08 27.71 17.39
N ASP C 116 -12.68 26.42 17.37
CA ASP C 116 -11.27 25.99 17.39
C ASP C 116 -10.55 26.46 16.12
N LEU C 117 -11.22 26.30 14.96
CA LEU C 117 -10.73 26.71 13.63
C LEU C 117 -10.40 28.20 13.59
N ILE C 118 -11.25 29.04 14.24
CA ILE C 118 -11.06 30.49 14.34
C ILE C 118 -9.87 30.76 15.25
N LYS C 119 -9.79 30.07 16.41
CA LYS C 119 -8.74 30.25 17.41
C LYS C 119 -7.36 29.88 16.88
N ASN C 120 -7.30 28.91 15.95
CA ASN C 120 -6.07 28.44 15.36
C ASN C 120 -5.61 29.26 14.17
N THR C 121 -6.54 29.90 13.44
CA THR C 121 -6.20 30.74 12.29
C THR C 121 -5.57 32.04 12.76
N LYS C 122 -4.53 32.51 12.05
CA LYS C 122 -3.79 33.76 12.33
C LYS C 122 -4.71 34.95 12.15
N GLY C 123 -4.75 35.81 13.17
CA GLY C 123 -5.58 37.01 13.18
C GLY C 123 -7.03 36.73 13.55
N ASN C 124 -7.33 35.48 13.95
CA ASN C 124 -8.62 34.95 14.36
C ASN C 124 -9.79 35.32 13.43
N THR C 125 -9.58 35.23 12.11
CA THR C 125 -10.60 35.54 11.08
C THR C 125 -10.51 34.51 9.98
N LEU C 126 -11.66 34.16 9.38
CA LEU C 126 -11.70 33.18 8.29
C LEU C 126 -11.88 33.88 6.94
N LYS C 127 -11.32 33.30 5.87
CA LYS C 127 -11.47 33.81 4.51
C LYS C 127 -12.95 33.74 4.15
N GLU C 128 -13.48 34.79 3.51
CA GLU C 128 -14.88 34.92 3.10
C GLU C 128 -15.42 33.69 2.35
N GLU C 129 -14.58 33.07 1.50
CA GLU C 129 -14.91 31.88 0.71
C GLU C 129 -15.13 30.67 1.61
N TRP C 130 -14.40 30.59 2.76
CA TRP C 130 -14.53 29.53 3.77
C TRP C 130 -15.84 29.70 4.53
N ILE C 131 -16.17 30.96 4.91
CA ILE C 131 -17.40 31.35 5.60
C ILE C 131 -18.60 30.92 4.77
N ALA C 132 -18.59 31.21 3.43
CA ALA C 132 -19.67 30.86 2.51
C ALA C 132 -19.92 29.37 2.45
N TYR C 133 -18.81 28.57 2.47
CA TYR C 133 -18.87 27.11 2.41
C TYR C 133 -19.46 26.58 3.69
N ILE C 134 -18.92 27.01 4.85
CA ILE C 134 -19.37 26.63 6.20
C ILE C 134 -20.84 27.03 6.42
N CYS C 135 -21.23 28.29 6.06
CA CYS C 135 -22.61 28.78 6.19
C CYS C 135 -23.58 27.98 5.36
N ARG C 136 -23.17 27.59 4.14
CA ARG C 136 -24.00 26.82 3.21
C ARG C 136 -24.31 25.45 3.78
N GLU C 137 -23.30 24.80 4.38
CA GLU C 137 -23.39 23.49 5.01
C GLU C 137 -24.28 23.53 6.27
N ILE C 138 -24.17 24.61 7.09
CA ILE C 138 -25.03 24.80 8.27
C ILE C 138 -26.48 24.95 7.80
N LEU C 139 -26.70 25.79 6.77
CA LEU C 139 -27.98 26.09 6.16
C LEU C 139 -28.66 24.83 5.59
N ARG C 140 -27.87 23.93 4.97
CA ARG C 140 -28.38 22.67 4.44
C ARG C 140 -28.84 21.76 5.56
N GLY C 141 -28.05 21.70 6.65
CA GLY C 141 -28.36 20.94 7.86
C GLY C 141 -29.61 21.46 8.54
N LEU C 142 -29.71 22.81 8.64
CA LEU C 142 -30.87 23.52 9.20
C LEU C 142 -32.11 23.27 8.36
N SER C 143 -31.98 23.32 7.02
CA SER C 143 -33.06 23.03 6.06
C SER C 143 -33.66 21.64 6.32
N HIS C 144 -32.79 20.62 6.56
CA HIS C 144 -33.19 19.25 6.87
C HIS C 144 -34.04 19.21 8.13
N LEU C 145 -33.59 19.92 9.19
CA LEU C 145 -34.23 19.97 10.50
C LEU C 145 -35.54 20.71 10.45
N HIS C 146 -35.56 21.85 9.74
CA HIS C 146 -36.75 22.69 9.60
C HIS C 146 -37.86 22.00 8.82
N GLN C 147 -37.48 21.22 7.75
CA GLN C 147 -38.39 20.41 6.94
C GLN C 147 -39.08 19.37 7.84
N HIS C 148 -38.36 18.87 8.86
CA HIS C 148 -38.85 17.89 9.84
C HIS C 148 -39.48 18.56 11.07
N LYS C 149 -39.75 19.88 10.99
CA LYS C 149 -40.36 20.70 12.06
C LYS C 149 -39.56 20.64 13.38
N VAL C 150 -38.22 20.73 13.27
CA VAL C 150 -37.28 20.70 14.40
C VAL C 150 -36.46 21.99 14.38
N ILE C 151 -36.38 22.67 15.54
CA ILE C 151 -35.56 23.88 15.74
C ILE C 151 -34.33 23.42 16.52
N HIS C 152 -33.12 23.73 16.03
CA HIS C 152 -31.88 23.32 16.71
C HIS C 152 -31.74 24.05 18.06
N ARG C 153 -32.08 25.35 18.11
CA ARG C 153 -32.06 26.20 19.30
C ARG C 153 -30.66 26.55 19.89
N ASP C 154 -29.56 25.98 19.32
CA ASP C 154 -28.22 26.24 19.85
C ASP C 154 -27.15 26.27 18.74
N ILE C 155 -27.39 27.06 17.69
CA ILE C 155 -26.44 27.20 16.59
C ILE C 155 -25.36 28.20 17.01
N LYS C 156 -24.10 27.71 17.06
CA LYS C 156 -22.90 28.47 17.38
C LYS C 156 -21.70 27.68 16.91
N GLY C 157 -20.57 28.36 16.73
CA GLY C 157 -19.31 27.75 16.29
C GLY C 157 -18.87 26.52 17.08
N GLN C 158 -19.19 26.49 18.38
CA GLN C 158 -18.91 25.38 19.28
C GLN C 158 -19.68 24.12 18.82
N ASN C 159 -20.86 24.32 18.21
CA ASN C 159 -21.75 23.26 17.74
C ASN C 159 -21.67 22.92 16.26
N VAL C 160 -20.71 23.53 15.55
CA VAL C 160 -20.50 23.31 14.13
C VAL C 160 -19.11 22.71 14.05
N LEU C 161 -19.05 21.43 13.70
CA LEU C 161 -17.81 20.69 13.63
C LEU C 161 -17.39 20.36 12.22
N LEU C 162 -16.09 20.06 12.07
CA LEU C 162 -15.48 19.68 10.79
C LEU C 162 -14.84 18.30 10.89
N THR C 163 -14.96 17.52 9.82
CA THR C 163 -14.31 16.21 9.73
C THR C 163 -12.88 16.44 9.20
N GLU C 164 -12.04 15.39 9.23
CA GLU C 164 -10.66 15.48 8.73
C GLU C 164 -10.61 15.84 7.22
N ASN C 165 -11.67 15.47 6.45
CA ASN C 165 -11.82 15.77 5.03
C ASN C 165 -12.57 17.11 4.78
N ALA C 166 -12.72 17.93 5.85
CA ALA C 166 -13.39 19.25 5.85
C ALA C 166 -14.91 19.24 5.53
N GLU C 167 -15.60 18.17 5.95
CA GLU C 167 -17.06 18.08 5.82
C GLU C 167 -17.66 18.76 7.09
N VAL C 168 -18.75 19.54 6.93
CA VAL C 168 -19.36 20.30 8.01
C VAL C 168 -20.57 19.59 8.63
N LYS C 169 -20.54 19.40 9.96
CA LYS C 169 -21.59 18.69 10.69
C LYS C 169 -22.04 19.42 11.93
N LEU C 170 -23.37 19.51 12.11
CA LEU C 170 -24.03 20.14 13.28
C LEU C 170 -24.15 19.14 14.40
N VAL C 171 -23.85 19.58 15.63
CA VAL C 171 -23.93 18.76 16.85
C VAL C 171 -24.81 19.43 17.91
N ASP C 172 -25.04 18.72 19.03
CA ASP C 172 -25.81 19.13 20.21
C ASP C 172 -27.30 19.43 20.01
N PHE C 173 -28.13 18.45 20.37
CA PHE C 173 -29.59 18.53 20.32
C PHE C 173 -30.20 18.51 21.75
N GLY C 174 -29.38 18.90 22.73
CA GLY C 174 -29.75 18.97 24.14
C GLY C 174 -30.77 20.05 24.42
N VAL C 175 -30.52 21.28 23.89
CA VAL C 175 -31.41 22.44 24.01
C VAL C 175 -32.65 22.25 23.13
N SER C 176 -32.50 21.52 22.01
CA SER C 176 -33.58 21.17 21.08
C SER C 176 -34.61 20.26 21.79
N ALA C 177 -34.10 19.43 22.75
CA ALA C 177 -34.83 18.45 23.57
C ALA C 177 -35.20 19.07 24.92
N THR C 192 -24.89 31.08 27.69
CA THR C 192 -24.52 32.15 26.76
C THR C 192 -25.65 32.61 25.78
N PRO C 193 -26.05 33.88 25.87
CA PRO C 193 -27.11 34.36 24.98
C PRO C 193 -26.65 35.07 23.70
N TYR C 194 -25.34 35.13 23.45
CA TYR C 194 -24.76 35.86 22.29
C TYR C 194 -25.30 35.51 20.93
N TRP C 195 -25.71 34.25 20.75
CA TRP C 195 -26.23 33.75 19.48
C TRP C 195 -27.77 33.74 19.44
N MET C 196 -28.43 34.02 20.59
CA MET C 196 -29.89 34.02 20.72
C MET C 196 -30.55 35.16 19.95
N ALA C 197 -31.63 34.83 19.25
CA ALA C 197 -32.41 35.78 18.46
C ALA C 197 -33.26 36.68 19.38
N PRO C 198 -33.60 37.93 18.97
CA PRO C 198 -34.40 38.80 19.84
C PRO C 198 -35.73 38.21 20.31
N GLU C 199 -36.43 37.46 19.43
CA GLU C 199 -37.73 36.84 19.73
C GLU C 199 -37.66 35.76 20.80
N VAL C 200 -36.51 35.08 20.91
CA VAL C 200 -36.26 34.01 21.87
C VAL C 200 -36.07 34.62 23.25
N ILE C 201 -35.36 35.77 23.31
CA ILE C 201 -35.12 36.51 24.55
C ILE C 201 -36.41 37.14 25.04
N ALA C 202 -37.20 37.71 24.08
CA ALA C 202 -38.51 38.34 24.30
C ALA C 202 -39.49 37.43 25.06
N CYS C 203 -39.33 36.09 24.91
CA CYS C 203 -40.16 35.08 25.59
C CYS C 203 -40.10 35.15 27.11
N ASP C 204 -38.97 35.67 27.67
CA ASP C 204 -38.82 35.84 29.12
C ASP C 204 -39.62 37.05 29.69
N GLU C 205 -39.76 38.15 28.90
CA GLU C 205 -40.44 39.40 29.24
C GLU C 205 -41.75 39.59 28.46
N PRO C 207 -44.38 37.39 27.01
CA PRO C 207 -45.47 36.44 26.73
C PRO C 207 -46.86 37.07 26.63
N ASP C 208 -47.80 36.53 25.80
CA ASP C 208 -47.61 35.35 24.94
C ASP C 208 -47.00 35.74 23.59
N ALA C 209 -45.65 35.68 23.55
CA ALA C 209 -44.81 35.98 22.39
C ALA C 209 -44.21 34.66 21.93
N THR C 210 -44.22 34.41 20.62
CA THR C 210 -43.75 33.15 20.04
C THR C 210 -42.52 33.28 19.13
N TYR C 211 -41.86 32.15 18.86
CA TYR C 211 -40.73 32.02 17.94
C TYR C 211 -40.79 30.68 17.17
N ASP C 212 -40.08 30.61 16.03
CA ASP C 212 -40.07 29.41 15.19
C ASP C 212 -38.66 29.06 14.68
N PHE C 213 -38.59 28.43 13.50
CA PHE C 213 -37.37 28.00 12.80
C PHE C 213 -36.46 29.17 12.46
N LYS C 214 -37.03 30.37 12.24
CA LYS C 214 -36.31 31.60 11.84
C LYS C 214 -35.25 32.07 12.83
N SER C 215 -35.39 31.65 14.12
CA SER C 215 -34.45 31.97 15.19
C SER C 215 -33.06 31.34 14.93
N ASP C 216 -33.01 30.16 14.30
CA ASP C 216 -31.76 29.47 13.97
C ASP C 216 -31.01 30.24 12.89
N LEU C 217 -31.74 31.00 12.06
CA LEU C 217 -31.14 31.81 10.98
C LEU C 217 -30.49 33.06 11.51
N TRP C 218 -31.00 33.57 12.65
CA TRP C 218 -30.37 34.70 13.34
C TRP C 218 -29.00 34.17 13.85
N SER C 219 -29.02 33.02 14.57
CA SER C 219 -27.85 32.36 15.16
C SER C 219 -26.79 32.05 14.11
N LEU C 220 -27.22 31.65 12.88
CA LEU C 220 -26.31 31.43 11.74
C LEU C 220 -25.61 32.73 11.37
N GLY C 221 -26.35 33.85 11.40
CA GLY C 221 -25.87 35.20 11.14
C GLY C 221 -24.83 35.63 12.16
N ILE C 222 -25.04 35.26 13.40
CA ILE C 222 -24.11 35.54 14.50
C ILE C 222 -22.87 34.66 14.38
N THR C 223 -23.05 33.39 13.92
CA THR C 223 -21.96 32.44 13.71
C THR C 223 -21.10 32.92 12.53
N ALA C 224 -21.75 33.50 11.51
CA ALA C 224 -21.10 34.07 10.34
C ALA C 224 -20.18 35.24 10.77
N ILE C 225 -20.69 36.14 11.64
CA ILE C 225 -19.94 37.27 12.21
C ILE C 225 -18.80 36.72 13.09
N GLU C 226 -19.07 35.63 13.84
CA GLU C 226 -18.10 34.96 14.71
C GLU C 226 -16.94 34.47 13.84
N MET C 227 -17.23 33.96 12.64
CA MET C 227 -16.21 33.46 11.70
C MET C 227 -15.42 34.59 11.06
N ALA C 228 -16.10 35.70 10.75
CA ALA C 228 -15.52 36.87 10.12
C ALA C 228 -14.71 37.76 11.10
N GLU C 229 -15.18 37.96 12.35
CA GLU C 229 -14.56 38.83 13.34
C GLU C 229 -13.82 38.13 14.49
N GLY C 230 -14.03 36.83 14.64
CA GLY C 230 -13.37 36.04 15.67
C GLY C 230 -14.13 35.84 16.95
N ALA C 231 -15.24 36.58 17.10
CA ALA C 231 -16.11 36.53 18.28
C ALA C 231 -17.52 37.05 17.95
N PRO C 232 -18.58 36.58 18.65
CA PRO C 232 -19.93 37.10 18.36
C PRO C 232 -20.10 38.56 18.83
N PRO C 233 -21.03 39.36 18.25
CA PRO C 233 -21.24 40.71 18.81
C PRO C 233 -21.66 40.62 20.28
N LEU C 234 -21.19 41.60 21.07
CA LEU C 234 -21.45 41.76 22.51
C LEU C 234 -20.71 40.75 23.39
N CYS C 235 -19.71 40.04 22.84
CA CYS C 235 -18.91 39.02 23.55
C CYS C 235 -18.19 39.54 24.78
N ASP C 236 -17.67 40.77 24.70
CA ASP C 236 -16.92 41.43 25.77
C ASP C 236 -17.79 41.80 26.97
N MET C 237 -19.13 41.72 26.83
CA MET C 237 -20.10 42.04 27.88
C MET C 237 -20.55 40.82 28.66
N HIS C 238 -21.06 41.05 29.88
CA HIS C 238 -21.61 40.01 30.74
C HIS C 238 -22.88 39.44 30.08
N PRO C 239 -23.14 38.11 30.17
CA PRO C 239 -24.35 37.53 29.55
C PRO C 239 -25.69 38.23 29.86
N MET C 240 -25.85 38.76 31.09
CA MET C 240 -27.03 39.49 31.50
C MET C 240 -27.21 40.80 30.74
N ARG C 241 -26.08 41.50 30.45
CA ARG C 241 -26.08 42.75 29.67
C ARG C 241 -26.38 42.45 28.21
N ALA C 242 -25.89 41.31 27.70
CA ALA C 242 -26.13 40.86 26.33
C ALA C 242 -27.60 40.52 26.14
N LEU C 243 -28.18 39.78 27.12
CA LEU C 243 -29.61 39.44 27.16
C LEU C 243 -30.49 40.70 27.08
N PHE C 244 -30.11 41.76 27.83
CA PHE C 244 -30.77 43.06 27.83
C PHE C 244 -30.60 43.80 26.48
N LEU C 245 -29.36 43.83 25.93
CA LEU C 245 -29.01 44.58 24.73
C LEU C 245 -29.51 44.04 23.39
N ILE C 246 -29.46 42.70 23.19
CA ILE C 246 -29.92 42.06 21.95
C ILE C 246 -31.30 42.53 21.45
N PRO C 247 -32.39 42.51 22.27
CA PRO C 247 -33.69 42.98 21.74
C PRO C 247 -33.77 44.49 21.52
N ARG C 248 -32.90 45.26 22.18
CA ARG C 248 -32.85 46.72 22.15
C ARG C 248 -31.94 47.34 21.06
N ASN C 249 -30.72 46.83 20.92
CA ASN C 249 -29.75 47.33 19.94
C ASN C 249 -30.20 47.02 18.52
N PRO C 250 -29.84 47.82 17.49
CA PRO C 250 -30.21 47.44 16.12
C PRO C 250 -29.38 46.24 15.66
N ALA C 251 -29.91 45.47 14.68
CA ALA C 251 -29.28 44.28 14.13
C ALA C 251 -27.80 44.47 13.85
N PRO C 252 -26.92 43.57 14.38
CA PRO C 252 -25.47 43.75 14.17
C PRO C 252 -25.06 43.71 12.69
N ARG C 253 -23.88 44.28 12.43
CA ARG C 253 -23.29 44.36 11.10
C ARG C 253 -21.78 44.07 11.23
N LEU C 254 -21.10 43.83 10.09
CA LEU C 254 -19.66 43.61 10.09
C LEU C 254 -18.96 44.95 10.30
N LYS C 255 -17.96 44.97 11.22
CA LYS C 255 -17.19 46.18 11.58
C LYS C 255 -16.37 46.75 10.41
N SER C 256 -15.70 45.87 9.63
CA SER C 256 -14.85 46.25 8.49
C SER C 256 -15.62 46.45 7.17
N LYS C 257 -15.08 47.35 6.31
CA LYS C 257 -15.64 47.65 5.00
C LYS C 257 -15.01 46.74 3.90
N LYS C 258 -13.99 45.93 4.29
CA LYS C 258 -13.25 45.01 3.43
C LYS C 258 -14.08 43.82 2.89
N TRP C 259 -15.15 43.43 3.60
CA TRP C 259 -16.01 42.32 3.21
C TRP C 259 -16.81 42.65 1.96
N SER C 260 -17.10 41.65 1.13
CA SER C 260 -17.88 41.81 -0.10
C SER C 260 -19.32 42.28 0.17
N LYS C 261 -19.96 42.88 -0.86
CA LYS C 261 -21.34 43.36 -0.84
C LYS C 261 -22.31 42.19 -0.70
N LYS C 262 -21.96 41.02 -1.29
CA LYS C 262 -22.71 39.75 -1.22
C LYS C 262 -22.75 39.21 0.21
N PHE C 263 -21.61 39.25 0.94
CA PHE C 263 -21.49 38.79 2.33
C PHE C 263 -22.25 39.73 3.26
N GLN C 264 -22.10 41.05 3.04
CA GLN C 264 -22.78 42.11 3.80
C GLN C 264 -24.30 41.98 3.66
N SER C 265 -24.79 41.67 2.44
CA SER C 265 -26.21 41.48 2.17
C SER C 265 -26.74 40.23 2.90
N PHE C 266 -25.91 39.15 2.92
CA PHE C 266 -26.25 37.87 3.56
C PHE C 266 -26.48 38.06 5.05
N ILE C 267 -25.54 38.74 5.73
CA ILE C 267 -25.62 39.02 7.16
C ILE C 267 -26.86 39.84 7.48
N GLU C 268 -27.15 40.85 6.64
CA GLU C 268 -28.33 41.71 6.78
C GLU C 268 -29.63 40.91 6.60
N SER C 269 -29.61 39.89 5.73
CA SER C 269 -30.76 39.02 5.46
C SER C 269 -31.01 38.12 6.66
N CYS C 270 -29.93 37.61 7.32
CA CYS C 270 -29.98 36.73 8.50
C CYS C 270 -30.50 37.50 9.73
N LEU C 271 -29.84 38.64 9.99
CA LEU C 271 -30.05 39.49 11.14
C LEU C 271 -31.15 40.56 10.98
N VAL C 272 -32.40 40.12 10.82
CA VAL C 272 -33.57 40.98 10.73
C VAL C 272 -34.24 40.75 12.08
N LYS C 273 -34.26 41.79 12.94
CA LYS C 273 -34.86 41.73 14.28
C LYS C 273 -36.30 41.23 14.26
N ASN C 274 -37.12 41.75 13.33
CA ASN C 274 -38.52 41.33 13.17
C ASN C 274 -38.50 40.00 12.43
N HIS C 275 -38.70 38.90 13.18
CA HIS C 275 -38.65 37.56 12.59
C HIS C 275 -39.68 37.29 11.50
N SER C 276 -40.84 37.97 11.54
CA SER C 276 -41.88 37.85 10.52
C SER C 276 -41.35 38.34 9.15
N GLN C 277 -40.42 39.31 9.16
CA GLN C 277 -39.77 39.87 7.98
C GLN C 277 -38.44 39.16 7.62
N ARG C 278 -37.96 38.24 8.48
CA ARG C 278 -36.72 37.48 8.27
C ARG C 278 -37.00 36.36 7.26
N PRO C 279 -36.08 36.09 6.30
CA PRO C 279 -36.34 35.01 5.31
C PRO C 279 -36.30 33.62 5.91
N ALA C 280 -37.01 32.68 5.28
CA ALA C 280 -37.00 31.27 5.68
C ALA C 280 -35.67 30.63 5.23
N THR C 281 -35.44 29.37 5.63
CA THR C 281 -34.22 28.62 5.30
C THR C 281 -34.02 28.46 3.78
N GLU C 282 -35.08 28.02 3.06
CA GLU C 282 -35.07 27.82 1.60
C GLU C 282 -34.81 29.11 0.82
N GLN C 283 -35.25 30.26 1.37
CA GLN C 283 -35.04 31.58 0.77
C GLN C 283 -33.59 32.00 0.93
N LEU C 284 -33.02 31.80 2.14
CA LEU C 284 -31.63 32.12 2.47
C LEU C 284 -30.64 31.26 1.69
N MET C 285 -31.03 30.02 1.35
CA MET C 285 -30.21 29.11 0.55
C MET C 285 -30.06 29.62 -0.89
N LYS C 286 -31.10 30.32 -1.38
CA LYS C 286 -31.13 30.92 -2.72
C LYS C 286 -30.37 32.26 -2.79
N HIS C 287 -29.88 32.78 -1.64
CA HIS C 287 -29.14 34.04 -1.59
C HIS C 287 -27.80 33.90 -2.34
N PRO C 288 -27.43 34.90 -3.18
CA PRO C 288 -26.16 34.81 -3.94
C PRO C 288 -24.90 34.37 -3.19
N PHE C 289 -24.75 34.73 -1.90
CA PHE C 289 -23.59 34.36 -1.08
C PHE C 289 -23.49 32.82 -0.87
N ILE C 290 -24.64 32.16 -0.73
CA ILE C 290 -24.77 30.72 -0.52
C ILE C 290 -24.86 29.98 -1.85
N ARG C 291 -25.70 30.50 -2.76
CA ARG C 291 -25.97 29.95 -4.09
C ARG C 291 -24.78 30.02 -5.06
N ASP C 292 -23.99 31.11 -5.03
CA ASP C 292 -22.89 31.29 -5.97
C ASP C 292 -21.51 30.99 -5.40
N GLN C 293 -21.17 29.69 -5.34
CA GLN C 293 -19.87 29.20 -4.84
C GLN C 293 -19.19 28.36 -5.93
N PRO C 294 -18.59 29.00 -6.96
CA PRO C 294 -18.01 28.23 -8.06
C PRO C 294 -16.68 27.52 -7.72
N ASN C 295 -15.95 28.03 -6.71
CA ASN C 295 -14.67 27.47 -6.29
C ASN C 295 -14.78 26.58 -5.02
N GLU C 296 -15.88 25.81 -4.95
CA GLU C 296 -16.22 24.88 -3.87
C GLU C 296 -15.16 23.77 -3.64
N ARG C 297 -14.68 23.16 -4.73
CA ARG C 297 -13.68 22.09 -4.72
C ARG C 297 -12.35 22.56 -4.11
N GLN C 298 -11.91 23.78 -4.49
CA GLN C 298 -10.65 24.35 -4.02
C GLN C 298 -10.72 24.83 -2.59
N VAL C 299 -11.87 25.41 -2.18
CA VAL C 299 -12.13 25.89 -0.81
C VAL C 299 -12.04 24.73 0.18
N ARG C 300 -12.62 23.57 -0.20
CA ARG C 300 -12.61 22.37 0.61
C ARG C 300 -11.16 21.85 0.77
N ILE C 301 -10.36 21.89 -0.32
CA ILE C 301 -8.94 21.50 -0.36
C ILE C 301 -8.10 22.42 0.54
N GLN C 302 -8.36 23.75 0.47
CA GLN C 302 -7.68 24.77 1.28
C GLN C 302 -7.94 24.56 2.78
N LEU C 303 -9.22 24.28 3.16
CA LEU C 303 -9.65 24.01 4.54
C LEU C 303 -9.01 22.74 5.04
N LYS C 304 -8.97 21.68 4.20
CA LYS C 304 -8.36 20.39 4.53
C LYS C 304 -6.87 20.58 4.84
N ASP C 305 -6.17 21.42 4.03
CA ASP C 305 -4.76 21.73 4.19
C ASP C 305 -4.49 22.50 5.49
N HIS C 306 -5.43 23.39 5.86
CA HIS C 306 -5.37 24.19 7.10
C HIS C 306 -5.55 23.27 8.32
N ILE C 307 -6.44 22.27 8.18
CA ILE C 307 -6.74 21.27 9.20
C ILE C 307 -5.52 20.38 9.42
N ASP C 308 -4.88 19.91 8.33
CA ASP C 308 -3.70 19.06 8.35
C ASP C 308 -2.49 19.74 9.02
N ARG C 309 -2.37 21.07 8.82
CA ARG C 309 -1.31 21.90 9.39
C ARG C 309 -1.42 22.00 10.91
N THR C 310 -2.64 21.86 11.45
CA THR C 310 -2.90 21.92 12.88
C THR C 310 -2.62 20.59 13.56
N LYS C 311 -3.02 19.47 12.92
CA LYS C 311 -2.77 18.12 13.46
C LYS C 311 -1.27 17.86 13.51
N LYS C 312 -0.53 18.26 12.44
CA LYS C 312 0.92 18.11 12.33
C LYS C 312 1.63 18.98 13.38
N LYS C 313 1.38 20.32 13.35
CA LYS C 313 1.96 21.26 14.31
C LYS C 313 1.24 21.12 15.65
N ARG C 314 1.71 20.15 16.48
CA ARG C 314 1.21 19.77 17.81
C ARG C 314 -0.16 19.09 17.78
N ALA D 18 -10.09 -40.38 -7.76
CA ALA D 18 -9.68 -40.42 -9.17
C ALA D 18 -10.76 -39.92 -10.13
N LEU D 19 -10.53 -38.72 -10.72
CA LEU D 19 -11.42 -38.07 -11.69
C LEU D 19 -10.85 -38.23 -13.11
N ARG D 20 -11.72 -38.40 -14.15
CA ARG D 20 -11.27 -38.59 -15.53
C ARG D 20 -10.68 -37.31 -16.10
N ASP D 21 -9.35 -37.32 -16.35
CA ASP D 21 -8.57 -36.18 -16.86
C ASP D 21 -8.92 -35.83 -18.30
N PRO D 22 -8.95 -34.53 -18.66
CA PRO D 22 -9.29 -34.17 -20.06
C PRO D 22 -8.15 -34.42 -21.03
N VAL D 40 -10.94 -18.73 -14.93
CA VAL D 40 -12.07 -19.33 -15.61
C VAL D 40 -11.87 -19.15 -17.14
N TYR D 41 -11.69 -20.28 -17.87
CA TYR D 41 -11.47 -20.30 -19.32
C TYR D 41 -12.72 -20.80 -20.08
N LYS D 42 -12.84 -20.45 -21.37
CA LYS D 42 -13.93 -20.84 -22.27
C LYS D 42 -13.50 -22.17 -22.93
N GLY D 43 -14.24 -23.23 -22.64
CA GLY D 43 -13.96 -24.57 -23.15
C GLY D 43 -14.97 -25.06 -24.17
N ARG D 44 -14.59 -26.11 -24.91
CA ARG D 44 -15.43 -26.75 -25.93
C ARG D 44 -15.49 -28.25 -25.67
N HIS D 45 -16.70 -28.82 -25.79
CA HIS D 45 -16.95 -30.25 -25.64
C HIS D 45 -16.11 -30.99 -26.67
N VAL D 46 -15.34 -31.98 -26.21
CA VAL D 46 -14.43 -32.83 -27.01
C VAL D 46 -15.07 -33.38 -28.29
N LYS D 47 -16.36 -33.77 -28.23
CA LYS D 47 -17.08 -34.28 -29.40
C LYS D 47 -18.28 -33.42 -29.83
N THR D 48 -19.30 -33.27 -28.95
CA THR D 48 -20.56 -32.53 -29.17
C THR D 48 -20.43 -31.20 -29.88
N GLY D 49 -19.54 -30.34 -29.38
CA GLY D 49 -19.27 -29.02 -29.95
C GLY D 49 -19.53 -27.84 -29.04
N GLN D 50 -20.71 -27.80 -28.39
CA GLN D 50 -21.17 -26.72 -27.50
C GLN D 50 -20.15 -26.30 -26.42
N LEU D 51 -20.14 -24.99 -26.10
CA LEU D 51 -19.24 -24.33 -25.15
C LEU D 51 -19.59 -24.58 -23.69
N ALA D 52 -18.56 -24.50 -22.84
CA ALA D 52 -18.66 -24.68 -21.39
C ALA D 52 -17.62 -23.80 -20.69
N ALA D 53 -17.85 -23.44 -19.44
CA ALA D 53 -16.89 -22.65 -18.67
C ALA D 53 -16.06 -23.63 -17.85
N ILE D 54 -14.73 -23.45 -17.82
CA ILE D 54 -13.84 -24.34 -17.06
C ILE D 54 -12.91 -23.58 -16.11
N LYS D 55 -13.21 -23.64 -14.80
CA LYS D 55 -12.44 -22.97 -13.75
C LYS D 55 -11.31 -23.88 -13.29
N VAL D 56 -10.07 -23.47 -13.57
CA VAL D 56 -8.87 -24.24 -13.24
C VAL D 56 -8.21 -23.79 -11.92
N MET D 57 -8.59 -24.46 -10.81
CA MET D 57 -8.05 -24.22 -9.47
C MET D 57 -6.84 -25.16 -9.18
N ASP D 58 -6.34 -25.19 -7.92
CA ASP D 58 -5.20 -26.03 -7.53
C ASP D 58 -5.54 -26.92 -6.33
N GLU D 65 -10.49 -29.42 0.68
CA GLU D 65 -11.71 -29.38 1.48
C GLU D 65 -12.75 -28.38 0.91
N GLU D 66 -12.29 -27.15 0.59
CA GLU D 66 -13.11 -26.06 0.04
C GLU D 66 -13.64 -26.38 -1.38
N ILE D 67 -12.81 -27.06 -2.21
CA ILE D 67 -13.15 -27.45 -3.58
C ILE D 67 -14.21 -28.56 -3.59
N LYS D 68 -14.06 -29.57 -2.72
CA LYS D 68 -15.00 -30.70 -2.60
C LYS D 68 -16.39 -30.23 -2.16
N GLN D 69 -16.45 -29.24 -1.25
CA GLN D 69 -17.70 -28.65 -0.75
C GLN D 69 -18.45 -27.90 -1.85
N GLU D 70 -17.71 -27.16 -2.71
CA GLU D 70 -18.27 -26.39 -3.82
C GLU D 70 -18.90 -27.31 -4.86
N ILE D 71 -18.22 -28.43 -5.20
CA ILE D 71 -18.68 -29.42 -6.16
C ILE D 71 -20.01 -30.03 -5.72
N ASN D 72 -20.11 -30.47 -4.45
CA ASN D 72 -21.34 -31.06 -3.88
C ASN D 72 -22.52 -30.09 -3.93
N MET D 73 -22.27 -28.80 -3.62
CA MET D 73 -23.29 -27.75 -3.66
C MET D 73 -23.80 -27.60 -5.11
N LEU D 74 -22.86 -27.54 -6.08
CA LEU D 74 -23.15 -27.42 -7.50
C LEU D 74 -23.86 -28.66 -8.05
N LYS D 75 -23.38 -29.87 -7.69
CA LYS D 75 -23.96 -31.14 -8.13
C LYS D 75 -25.43 -31.29 -7.70
N LYS D 76 -25.77 -30.81 -6.49
CA LYS D 76 -27.12 -30.90 -5.92
C LYS D 76 -28.04 -29.73 -6.29
N TYR D 77 -27.54 -28.49 -6.22
CA TYR D 77 -28.38 -27.29 -6.37
C TYR D 77 -28.35 -26.47 -7.66
N SER D 78 -27.42 -26.77 -8.60
CA SER D 78 -27.30 -25.97 -9.85
C SER D 78 -28.28 -26.34 -10.96
N HIS D 79 -29.21 -27.27 -10.69
CA HIS D 79 -30.14 -27.74 -11.72
C HIS D 79 -31.42 -26.93 -11.92
N HIS D 80 -31.29 -25.59 -11.89
CA HIS D 80 -32.37 -24.64 -12.13
C HIS D 80 -31.93 -23.73 -13.29
N ARG D 81 -32.88 -23.15 -14.04
CA ARG D 81 -32.58 -22.28 -15.19
C ARG D 81 -31.85 -20.95 -14.89
N ASN D 82 -31.91 -20.49 -13.64
CA ASN D 82 -31.28 -19.23 -13.22
C ASN D 82 -29.97 -19.42 -12.46
N ILE D 83 -29.42 -20.65 -12.50
CA ILE D 83 -28.15 -21.03 -11.86
C ILE D 83 -27.30 -21.77 -12.90
N ALA D 84 -26.04 -21.32 -13.12
CA ALA D 84 -25.11 -21.95 -14.09
C ALA D 84 -24.85 -23.42 -13.73
N THR D 85 -25.51 -24.31 -14.52
CA THR D 85 -25.52 -25.77 -14.42
C THR D 85 -24.13 -26.41 -14.37
N TYR D 86 -23.93 -27.31 -13.39
CA TYR D 86 -22.70 -28.06 -13.19
C TYR D 86 -22.68 -29.16 -14.23
N TYR D 87 -21.56 -29.28 -14.96
CA TYR D 87 -21.42 -30.27 -16.01
C TYR D 87 -20.52 -31.43 -15.58
N GLY D 88 -19.51 -31.14 -14.76
CA GLY D 88 -18.58 -32.17 -14.30
C GLY D 88 -17.27 -31.62 -13.80
N ALA D 89 -16.43 -32.51 -13.27
CA ALA D 89 -15.11 -32.16 -12.73
C ALA D 89 -14.07 -33.18 -13.19
N PHE D 90 -12.85 -32.68 -13.50
CA PHE D 90 -11.72 -33.49 -13.97
C PHE D 90 -10.45 -33.15 -13.19
N ILE D 91 -9.43 -34.05 -13.23
CA ILE D 91 -8.14 -33.85 -12.57
C ILE D 91 -7.08 -33.38 -13.57
N ASP D 100 -0.87 -30.93 -10.01
CA ASP D 100 -1.84 -31.02 -11.09
C ASP D 100 -3.06 -30.12 -10.84
N GLN D 101 -3.70 -29.66 -11.92
CA GLN D 101 -4.84 -28.73 -11.89
C GLN D 101 -6.22 -29.40 -11.98
N LEU D 102 -7.16 -28.95 -11.13
CA LEU D 102 -8.55 -29.44 -11.06
C LEU D 102 -9.47 -28.53 -11.88
N TRP D 103 -10.13 -29.09 -12.89
CA TRP D 103 -11.03 -28.36 -13.79
C TRP D 103 -12.49 -28.48 -13.35
N LEU D 104 -13.21 -27.34 -13.31
CA LEU D 104 -14.63 -27.28 -12.97
C LEU D 104 -15.46 -26.91 -14.21
N VAL D 105 -16.06 -27.92 -14.86
CA VAL D 105 -16.88 -27.74 -16.07
C VAL D 105 -18.30 -27.29 -15.72
N MET D 106 -18.66 -26.08 -16.16
CA MET D 106 -19.95 -25.45 -15.87
C MET D 106 -20.61 -24.94 -17.13
N GLU D 107 -21.90 -24.55 -17.03
CA GLU D 107 -22.69 -23.94 -18.10
C GLU D 107 -22.04 -22.59 -18.47
N PHE D 108 -21.77 -22.38 -19.76
CA PHE D 108 -21.14 -21.15 -20.23
C PHE D 108 -22.13 -19.99 -20.40
N CYS D 109 -21.72 -18.78 -19.95
CA CYS D 109 -22.51 -17.55 -20.04
C CYS D 109 -21.71 -16.54 -20.85
N GLY D 110 -21.86 -16.62 -22.17
CA GLY D 110 -21.15 -15.82 -23.17
C GLY D 110 -21.12 -14.32 -23.05
N ALA D 111 -22.22 -13.71 -22.54
CA ALA D 111 -22.32 -12.24 -22.42
C ALA D 111 -21.54 -11.61 -21.26
N GLY D 112 -21.05 -12.43 -20.33
CA GLY D 112 -20.32 -11.96 -19.17
C GLY D 112 -21.20 -11.59 -17.99
N SER D 113 -20.65 -10.78 -17.05
CA SER D 113 -21.34 -10.36 -15.81
C SER D 113 -22.17 -9.08 -15.93
N VAL D 114 -23.06 -8.87 -14.95
CA VAL D 114 -23.90 -7.67 -14.82
C VAL D 114 -22.97 -6.45 -14.58
N THR D 115 -21.85 -6.65 -13.85
CA THR D 115 -20.82 -5.64 -13.58
C THR D 115 -20.22 -5.16 -14.91
N ASP D 116 -19.89 -6.10 -15.82
CA ASP D 116 -19.36 -5.80 -17.16
C ASP D 116 -20.42 -5.05 -17.98
N LEU D 117 -21.70 -5.51 -17.91
CA LEU D 117 -22.84 -4.91 -18.59
C LEU D 117 -23.04 -3.45 -18.19
N ILE D 118 -22.84 -3.12 -16.90
CA ILE D 118 -22.93 -1.76 -16.37
C ILE D 118 -21.74 -0.93 -16.88
N LYS D 119 -20.52 -1.52 -16.85
CA LYS D 119 -19.27 -0.87 -17.30
C LYS D 119 -19.29 -0.51 -18.78
N ASN D 120 -19.91 -1.34 -19.62
CA ASN D 120 -19.97 -1.10 -21.06
C ASN D 120 -21.13 -0.18 -21.47
N THR D 121 -22.24 -0.13 -20.69
CA THR D 121 -23.39 0.75 -20.96
C THR D 121 -23.01 2.21 -20.72
N LYS D 122 -23.47 3.10 -21.62
CA LYS D 122 -23.23 4.55 -21.59
C LYS D 122 -23.84 5.18 -20.35
N GLY D 123 -23.01 5.91 -19.61
CA GLY D 123 -23.41 6.57 -18.37
C GLY D 123 -23.42 5.65 -17.16
N ASN D 124 -22.94 4.41 -17.35
CA ASN D 124 -22.83 3.33 -16.35
C ASN D 124 -24.12 3.10 -15.50
N THR D 125 -25.28 3.11 -16.16
CA THR D 125 -26.60 2.88 -15.55
C THR D 125 -27.44 2.00 -16.48
N LEU D 126 -28.27 1.12 -15.90
CA LEU D 126 -29.14 0.24 -16.69
C LEU D 126 -30.58 0.77 -16.68
N LYS D 127 -31.32 0.55 -17.79
CA LYS D 127 -32.72 0.97 -17.92
C LYS D 127 -33.53 0.22 -16.87
N GLU D 128 -34.46 0.91 -16.19
CA GLU D 128 -35.30 0.36 -15.11
C GLU D 128 -35.98 -0.97 -15.47
N GLU D 129 -36.40 -1.12 -16.75
CA GLU D 129 -37.05 -2.32 -17.29
C GLU D 129 -36.08 -3.50 -17.31
N TRP D 130 -34.78 -3.24 -17.58
CA TRP D 130 -33.71 -4.23 -17.60
C TRP D 130 -33.41 -4.70 -16.17
N ILE D 131 -33.38 -3.76 -15.20
CA ILE D 131 -33.16 -4.00 -13.77
C ILE D 131 -34.24 -4.94 -13.24
N ALA D 132 -35.52 -4.68 -13.58
CA ALA D 132 -36.68 -5.49 -13.17
C ALA D 132 -36.56 -6.93 -13.67
N TYR D 133 -36.08 -7.12 -14.93
CA TYR D 133 -35.90 -8.42 -15.56
C TYR D 133 -34.77 -9.17 -14.85
N ILE D 134 -33.59 -8.53 -14.71
CA ILE D 134 -32.41 -9.10 -14.03
C ILE D 134 -32.72 -9.44 -12.57
N CYS D 135 -33.38 -8.53 -11.82
CA CYS D 135 -33.78 -8.75 -10.42
C CYS D 135 -34.72 -9.93 -10.27
N ARG D 136 -35.69 -10.07 -11.20
CA ARG D 136 -36.68 -11.15 -11.21
C ARG D 136 -36.00 -12.50 -11.38
N GLU D 137 -35.02 -12.58 -12.28
CA GLU D 137 -34.27 -13.78 -12.58
C GLU D 137 -33.36 -14.19 -11.42
N ILE D 138 -32.74 -13.20 -10.72
CA ILE D 138 -31.91 -13.44 -9.53
C ILE D 138 -32.81 -14.01 -8.42
N LEU D 139 -33.98 -13.38 -8.23
CA LEU D 139 -35.01 -13.74 -7.25
C LEU D 139 -35.54 -15.17 -7.46
N ARG D 140 -35.75 -15.58 -8.74
CA ARG D 140 -36.20 -16.93 -9.09
C ARG D 140 -35.12 -17.96 -8.73
N GLY D 141 -33.86 -17.64 -9.04
CA GLY D 141 -32.70 -18.45 -8.71
C GLY D 141 -32.52 -18.60 -7.21
N LEU D 142 -32.68 -17.47 -6.47
CA LEU D 142 -32.60 -17.39 -5.01
C LEU D 142 -33.72 -18.22 -4.39
N SER D 143 -34.96 -18.11 -4.95
CA SER D 143 -36.13 -18.88 -4.51
C SER D 143 -35.85 -20.39 -4.54
N HIS D 144 -35.20 -20.89 -5.61
CA HIS D 144 -34.80 -22.28 -5.75
C HIS D 144 -33.86 -22.66 -4.61
N LEU D 145 -32.77 -21.88 -4.43
CA LEU D 145 -31.76 -22.11 -3.39
C LEU D 145 -32.35 -22.11 -1.99
N HIS D 146 -33.23 -21.15 -1.70
CA HIS D 146 -33.87 -20.97 -0.40
C HIS D 146 -34.84 -22.11 -0.08
N GLN D 147 -35.55 -22.63 -1.11
CA GLN D 147 -36.45 -23.79 -1.03
C GLN D 147 -35.65 -25.03 -0.58
N HIS D 148 -34.38 -25.11 -1.01
CA HIS D 148 -33.45 -26.19 -0.66
C HIS D 148 -32.61 -25.88 0.60
N LYS D 149 -33.01 -24.83 1.36
CA LYS D 149 -32.35 -24.37 2.59
C LYS D 149 -30.85 -24.04 2.38
N VAL D 150 -30.56 -23.35 1.26
CA VAL D 150 -29.22 -22.92 0.85
C VAL D 150 -29.20 -21.41 0.69
N ILE D 151 -28.21 -20.75 1.32
CA ILE D 151 -27.98 -19.31 1.24
C ILE D 151 -26.79 -19.13 0.27
N HIS D 152 -26.95 -18.26 -0.75
CA HIS D 152 -25.86 -18.00 -1.71
C HIS D 152 -24.66 -17.30 -1.03
N ARG D 153 -24.96 -16.33 -0.12
CA ARG D 153 -23.99 -15.57 0.66
C ARG D 153 -23.05 -14.60 -0.14
N ASP D 154 -23.14 -14.55 -1.47
CA ASP D 154 -22.29 -13.68 -2.29
C ASP D 154 -23.00 -13.14 -3.54
N ILE D 155 -24.20 -12.57 -3.34
CA ILE D 155 -24.96 -11.97 -4.42
C ILE D 155 -24.40 -10.58 -4.73
N LYS D 156 -23.91 -10.41 -5.96
CA LYS D 156 -23.35 -9.16 -6.50
C LYS D 156 -23.30 -9.27 -8.01
N GLY D 157 -23.25 -8.14 -8.71
CA GLY D 157 -23.20 -8.06 -10.17
C GLY D 157 -22.16 -8.96 -10.81
N GLN D 158 -21.00 -9.12 -10.13
CA GLN D 158 -19.86 -9.96 -10.54
C GLN D 158 -20.31 -11.44 -10.63
N ASN D 159 -21.26 -11.84 -9.76
CA ASN D 159 -21.79 -13.20 -9.65
C ASN D 159 -23.12 -13.47 -10.37
N VAL D 160 -23.60 -12.48 -11.12
CA VAL D 160 -24.83 -12.59 -11.90
C VAL D 160 -24.38 -12.45 -13.34
N LEU D 161 -24.45 -13.56 -14.09
CA LEU D 161 -24.01 -13.61 -15.48
C LEU D 161 -25.15 -13.68 -16.47
N LEU D 162 -24.85 -13.33 -17.73
CA LEU D 162 -25.80 -13.36 -18.84
C LEU D 162 -25.29 -14.27 -19.96
N THR D 163 -26.23 -14.99 -20.60
CA THR D 163 -25.90 -15.84 -21.75
C THR D 163 -26.00 -14.95 -23.00
N GLU D 164 -25.56 -15.47 -24.17
CA GLU D 164 -25.63 -14.72 -25.44
C GLU D 164 -27.07 -14.35 -25.83
N ASN D 165 -28.06 -15.16 -25.38
CA ASN D 165 -29.48 -14.95 -25.61
C ASN D 165 -30.13 -14.13 -24.48
N ALA D 166 -29.30 -13.48 -23.63
CA ALA D 166 -29.68 -12.64 -22.47
C ALA D 166 -30.46 -13.37 -21.33
N GLU D 167 -30.12 -14.64 -21.09
CA GLU D 167 -30.68 -15.43 -19.98
C GLU D 167 -29.81 -15.14 -18.76
N VAL D 168 -30.41 -15.00 -17.55
CA VAL D 168 -29.69 -14.65 -16.32
C VAL D 168 -29.36 -15.88 -15.47
N LYS D 169 -28.07 -16.05 -15.12
CA LYS D 169 -27.59 -17.18 -14.33
C LYS D 169 -26.67 -16.76 -13.17
N LEU D 170 -26.91 -17.33 -11.97
CA LEU D 170 -26.14 -17.08 -10.76
C LEU D 170 -24.92 -18.00 -10.70
N VAL D 171 -23.76 -17.45 -10.32
CA VAL D 171 -22.49 -18.20 -10.22
C VAL D 171 -21.86 -18.08 -8.82
N ASP D 172 -20.72 -18.76 -8.61
CA ASP D 172 -19.94 -18.75 -7.36
C ASP D 172 -20.64 -19.19 -6.06
N PHE D 173 -20.38 -20.44 -5.66
CA PHE D 173 -20.91 -21.02 -4.42
C PHE D 173 -19.78 -21.31 -3.41
N GLY D 174 -18.66 -20.59 -3.57
CA GLY D 174 -17.47 -20.68 -2.73
C GLY D 174 -17.72 -20.24 -1.30
N VAL D 175 -18.34 -19.05 -1.15
CA VAL D 175 -18.71 -18.45 0.14
C VAL D 175 -19.88 -19.22 0.75
N SER D 176 -20.75 -19.81 -0.10
CA SER D 176 -21.89 -20.61 0.29
C SER D 176 -21.45 -21.86 1.04
N THR D 192 -14.67 -7.90 0.17
CA THR D 192 -15.54 -6.73 0.00
C THR D 192 -16.89 -6.88 0.75
N PRO D 193 -17.17 -5.96 1.71
CA PRO D 193 -18.42 -6.07 2.46
C PRO D 193 -19.61 -5.25 1.92
N TYR D 194 -19.44 -4.57 0.78
CA TYR D 194 -20.44 -3.68 0.19
C TYR D 194 -21.82 -4.26 -0.01
N TRP D 195 -21.90 -5.56 -0.31
CA TRP D 195 -23.18 -6.24 -0.56
C TRP D 195 -23.69 -6.99 0.67
N MET D 196 -22.86 -7.12 1.74
CA MET D 196 -23.20 -7.80 3.00
C MET D 196 -24.32 -7.11 3.76
N ALA D 197 -25.25 -7.91 4.27
CA ALA D 197 -26.39 -7.47 5.06
C ALA D 197 -25.95 -7.11 6.48
N PRO D 198 -26.67 -6.20 7.21
CA PRO D 198 -26.25 -5.85 8.57
C PRO D 198 -26.11 -7.03 9.55
N GLU D 199 -27.01 -8.01 9.46
CA GLU D 199 -27.01 -9.19 10.33
C GLU D 199 -25.81 -10.12 10.12
N VAL D 200 -25.25 -10.13 8.91
CA VAL D 200 -24.09 -10.94 8.55
C VAL D 200 -22.83 -10.32 9.16
N ILE D 201 -22.76 -8.96 9.17
CA ILE D 201 -21.66 -8.19 9.74
C ILE D 201 -21.71 -8.32 11.26
N ALA D 202 -22.93 -8.28 11.84
CA ALA D 202 -23.21 -8.43 13.27
C ALA D 202 -22.69 -9.78 13.82
N TYR D 211 -28.24 -15.26 11.25
CA TYR D 211 -28.80 -14.84 9.96
C TYR D 211 -29.31 -16.02 9.13
N ASP D 212 -30.16 -15.73 8.12
CA ASP D 212 -30.77 -16.76 7.28
C ASP D 212 -30.77 -16.36 5.79
N PHE D 213 -31.75 -16.87 5.03
CA PHE D 213 -31.98 -16.65 3.60
C PHE D 213 -32.21 -15.18 3.26
N LYS D 214 -32.79 -14.40 4.20
CA LYS D 214 -33.13 -12.98 4.04
C LYS D 214 -31.95 -12.05 3.74
N SER D 215 -30.74 -12.49 4.09
CA SER D 215 -29.51 -11.76 3.85
C SER D 215 -29.21 -11.62 2.34
N ASP D 216 -29.57 -12.64 1.54
CA ASP D 216 -29.40 -12.63 0.08
C ASP D 216 -30.30 -11.58 -0.56
N LEU D 217 -31.43 -11.26 0.09
CA LEU D 217 -32.38 -10.27 -0.40
C LEU D 217 -31.88 -8.85 -0.19
N TRP D 218 -31.06 -8.63 0.86
CA TRP D 218 -30.40 -7.36 1.10
C TRP D 218 -29.41 -7.17 -0.06
N SER D 219 -28.54 -8.19 -0.33
CA SER D 219 -27.54 -8.20 -1.39
C SER D 219 -28.15 -7.93 -2.76
N LEU D 220 -29.37 -8.46 -3.01
CA LEU D 220 -30.13 -8.22 -4.25
C LEU D 220 -30.47 -6.73 -4.37
N GLY D 221 -30.87 -6.12 -3.24
CA GLY D 221 -31.17 -4.69 -3.14
C GLY D 221 -29.96 -3.83 -3.44
N ILE D 222 -28.78 -4.27 -2.96
CA ILE D 222 -27.51 -3.59 -3.21
C ILE D 222 -27.09 -3.76 -4.67
N THR D 223 -27.38 -4.94 -5.26
CA THR D 223 -27.11 -5.25 -6.67
C THR D 223 -28.03 -4.40 -7.57
N ALA D 224 -29.30 -4.20 -7.16
CA ALA D 224 -30.27 -3.38 -7.88
C ALA D 224 -29.79 -1.91 -7.91
N ILE D 225 -29.23 -1.39 -6.77
CA ILE D 225 -28.64 -0.04 -6.69
C ILE D 225 -27.37 0.02 -7.56
N GLU D 226 -26.57 -1.06 -7.55
CA GLU D 226 -25.36 -1.20 -8.35
C GLU D 226 -25.73 -1.07 -9.84
N MET D 227 -26.87 -1.66 -10.26
CA MET D 227 -27.36 -1.62 -11.64
C MET D 227 -27.90 -0.23 -11.98
N ALA D 228 -28.55 0.41 -11.01
CA ALA D 228 -29.15 1.73 -11.14
C ALA D 228 -28.11 2.87 -11.16
N GLU D 229 -27.14 2.86 -10.23
CA GLU D 229 -26.14 3.90 -10.03
C GLU D 229 -24.74 3.61 -10.57
N GLY D 230 -24.46 2.37 -10.93
CA GLY D 230 -23.17 1.98 -11.47
C GLY D 230 -22.17 1.44 -10.46
N ALA D 231 -22.48 1.57 -9.16
CA ALA D 231 -21.64 1.12 -8.04
C ALA D 231 -22.48 0.90 -6.77
N PRO D 232 -22.05 -0.01 -5.84
CA PRO D 232 -22.83 -0.20 -4.62
C PRO D 232 -22.68 0.99 -3.65
N PRO D 233 -23.64 1.22 -2.72
CA PRO D 233 -23.43 2.29 -1.73
C PRO D 233 -22.18 2.01 -0.89
N LEU D 234 -21.46 3.08 -0.53
CA LEU D 234 -20.24 3.08 0.28
C LEU D 234 -19.00 2.55 -0.46
N CYS D 235 -19.07 2.40 -1.80
CA CYS D 235 -17.98 1.89 -2.65
C CYS D 235 -16.68 2.70 -2.54
N ASP D 236 -16.82 4.04 -2.43
CA ASP D 236 -15.70 4.99 -2.33
C ASP D 236 -14.93 4.89 -1.01
N MET D 237 -15.48 4.16 -0.02
CA MET D 237 -14.88 3.99 1.31
C MET D 237 -14.07 2.71 1.43
N HIS D 238 -13.16 2.69 2.42
CA HIS D 238 -12.33 1.55 2.77
C HIS D 238 -13.23 0.43 3.30
N PRO D 239 -12.96 -0.86 2.98
CA PRO D 239 -13.83 -1.96 3.46
C PRO D 239 -14.10 -1.97 4.97
N MET D 240 -13.12 -1.57 5.79
CA MET D 240 -13.27 -1.50 7.25
C MET D 240 -14.29 -0.47 7.68
N ARG D 241 -14.33 0.70 6.99
CA ARG D 241 -15.28 1.77 7.25
C ARG D 241 -16.68 1.35 6.81
N ALA D 242 -16.77 0.59 5.68
CA ALA D 242 -18.04 0.07 5.15
C ALA D 242 -18.60 -0.95 6.12
N LEU D 243 -17.74 -1.86 6.64
CA LEU D 243 -18.13 -2.88 7.62
C LEU D 243 -18.69 -2.24 8.88
N PHE D 244 -18.10 -1.12 9.32
CA PHE D 244 -18.55 -0.34 10.47
C PHE D 244 -19.86 0.41 10.18
N LEU D 245 -19.97 1.04 9.00
CA LEU D 245 -21.10 1.86 8.59
C LEU D 245 -22.39 1.14 8.24
N ILE D 246 -22.32 0.00 7.52
CA ILE D 246 -23.51 -0.78 7.12
C ILE D 246 -24.49 -1.06 8.27
N PRO D 247 -24.08 -1.60 9.45
CA PRO D 247 -25.06 -1.84 10.53
C PRO D 247 -25.59 -0.57 11.19
N ARG D 248 -24.83 0.54 11.08
CA ARG D 248 -25.12 1.83 11.70
C ARG D 248 -25.93 2.82 10.86
N ASN D 249 -25.55 3.00 9.58
CA ASN D 249 -26.22 3.92 8.65
C ASN D 249 -27.64 3.44 8.37
N PRO D 250 -28.60 4.34 8.06
CA PRO D 250 -29.95 3.85 7.70
C PRO D 250 -29.91 3.20 6.32
N ALA D 251 -30.85 2.27 6.06
CA ALA D 251 -30.97 1.52 4.81
C ALA D 251 -30.76 2.40 3.58
N PRO D 252 -29.83 2.04 2.66
CA PRO D 252 -29.58 2.89 1.48
C PRO D 252 -30.79 3.08 0.59
N ARG D 253 -30.76 4.18 -0.17
CA ARG D 253 -31.82 4.57 -1.10
C ARG D 253 -31.18 5.05 -2.39
N LEU D 254 -31.99 5.19 -3.46
CA LEU D 254 -31.49 5.66 -4.75
C LEU D 254 -31.23 7.17 -4.66
N LYS D 255 -30.05 7.62 -5.15
CA LYS D 255 -29.61 9.02 -5.15
C LYS D 255 -30.50 9.92 -6.00
N SER D 256 -30.88 9.47 -7.22
CA SER D 256 -31.72 10.22 -8.14
C SER D 256 -33.24 10.08 -7.88
N LYS D 257 -34.00 11.14 -8.21
CA LYS D 257 -35.45 11.17 -8.06
C LYS D 257 -36.16 10.70 -9.36
N LYS D 258 -35.37 10.43 -10.42
CA LYS D 258 -35.85 9.99 -11.73
C LYS D 258 -36.48 8.58 -11.74
N TRP D 259 -36.07 7.70 -10.80
CA TRP D 259 -36.57 6.32 -10.70
C TRP D 259 -38.04 6.27 -10.31
N SER D 260 -38.77 5.28 -10.85
CA SER D 260 -40.20 5.06 -10.59
C SER D 260 -40.49 4.78 -9.11
N LYS D 261 -41.75 5.02 -8.69
CA LYS D 261 -42.25 4.78 -7.34
C LYS D 261 -42.23 3.27 -7.02
N LYS D 262 -42.49 2.42 -8.04
CA LYS D 262 -42.47 0.95 -7.95
C LYS D 262 -41.06 0.43 -7.64
N PHE D 263 -40.03 0.99 -8.33
CA PHE D 263 -38.62 0.62 -8.14
C PHE D 263 -38.14 1.08 -6.77
N GLN D 264 -38.53 2.32 -6.36
CA GLN D 264 -38.20 2.92 -5.06
C GLN D 264 -38.78 2.09 -3.92
N SER D 265 -40.03 1.59 -4.08
CA SER D 265 -40.73 0.75 -3.11
C SER D 265 -40.02 -0.61 -2.98
N PHE D 266 -39.51 -1.17 -4.12
CA PHE D 266 -38.81 -2.45 -4.20
C PHE D 266 -37.51 -2.41 -3.40
N ILE D 267 -36.68 -1.37 -3.64
CA ILE D 267 -35.42 -1.18 -2.95
C ILE D 267 -35.66 -1.03 -1.44
N GLU D 268 -36.71 -0.29 -1.04
CA GLU D 268 -37.09 -0.10 0.36
C GLU D 268 -37.53 -1.41 1.01
N SER D 269 -38.17 -2.31 0.23
CA SER D 269 -38.62 -3.63 0.69
C SER D 269 -37.42 -4.57 0.89
N CYS D 270 -36.44 -4.53 -0.04
CA CYS D 270 -35.22 -5.33 0.02
C CYS D 270 -34.33 -4.93 1.19
N LEU D 271 -34.12 -3.62 1.31
CA LEU D 271 -33.22 -3.03 2.30
C LEU D 271 -33.90 -2.60 3.59
N VAL D 272 -34.26 -3.59 4.40
CA VAL D 272 -34.84 -3.41 5.73
C VAL D 272 -33.75 -3.94 6.63
N LYS D 273 -33.13 -3.05 7.44
CA LYS D 273 -32.05 -3.39 8.34
C LYS D 273 -32.41 -4.55 9.30
N ASN D 274 -33.61 -4.49 9.91
CA ASN D 274 -34.10 -5.56 10.79
C ASN D 274 -34.58 -6.69 9.90
N HIS D 275 -33.76 -7.75 9.80
CA HIS D 275 -34.07 -8.90 8.94
C HIS D 275 -35.37 -9.61 9.28
N SER D 276 -35.78 -9.60 10.56
CA SER D 276 -37.05 -10.20 11.01
C SER D 276 -38.25 -9.51 10.34
N GLN D 277 -38.11 -8.21 10.02
CA GLN D 277 -39.13 -7.40 9.35
C GLN D 277 -38.94 -7.35 7.81
N ARG D 278 -37.83 -7.92 7.29
CA ARG D 278 -37.53 -7.98 5.84
C ARG D 278 -38.39 -9.08 5.19
N PRO D 279 -38.97 -8.84 3.98
CA PRO D 279 -39.79 -9.89 3.37
C PRO D 279 -39.00 -11.11 2.89
N ALA D 280 -39.66 -12.27 2.82
CA ALA D 280 -39.07 -13.51 2.32
C ALA D 280 -38.96 -13.44 0.80
N THR D 281 -38.32 -14.45 0.18
CA THR D 281 -38.12 -14.51 -1.28
C THR D 281 -39.45 -14.53 -2.04
N GLU D 282 -40.39 -15.42 -1.61
CA GLU D 282 -41.72 -15.59 -2.21
C GLU D 282 -42.58 -14.32 -2.14
N GLN D 283 -42.39 -13.52 -1.06
CA GLN D 283 -43.10 -12.25 -0.84
C GLN D 283 -42.56 -11.19 -1.79
N LEU D 284 -41.21 -11.10 -1.91
CA LEU D 284 -40.51 -10.16 -2.79
C LEU D 284 -40.79 -10.42 -4.28
N MET D 285 -41.04 -11.70 -4.64
CA MET D 285 -41.38 -12.11 -6.01
C MET D 285 -42.75 -11.56 -6.41
N LYS D 286 -43.67 -11.44 -5.42
CA LYS D 286 -45.02 -10.94 -5.59
C LYS D 286 -45.08 -9.39 -5.59
N HIS D 287 -43.95 -8.70 -5.34
CA HIS D 287 -43.88 -7.23 -5.34
C HIS D 287 -44.16 -6.68 -6.74
N PRO D 288 -45.00 -5.62 -6.87
CA PRO D 288 -45.33 -5.06 -8.19
C PRO D 288 -44.18 -4.82 -9.17
N PHE D 289 -42.98 -4.45 -8.69
CA PHE D 289 -41.80 -4.21 -9.53
C PHE D 289 -41.33 -5.49 -10.26
N ILE D 290 -41.41 -6.65 -9.56
CA ILE D 290 -41.02 -7.96 -10.08
C ILE D 290 -42.18 -8.62 -10.82
N ARG D 291 -43.37 -8.58 -10.20
CA ARG D 291 -44.61 -9.17 -10.70
C ARG D 291 -45.19 -8.52 -11.97
N ASP D 292 -45.17 -7.17 -12.04
CA ASP D 292 -45.78 -6.46 -13.16
C ASP D 292 -44.78 -5.93 -14.20
N GLN D 293 -44.32 -6.83 -15.08
CA GLN D 293 -43.38 -6.50 -16.15
C GLN D 293 -44.02 -6.90 -17.49
N PRO D 294 -44.91 -6.02 -18.05
CA PRO D 294 -45.59 -6.37 -19.31
C PRO D 294 -44.66 -6.46 -20.53
N ASN D 295 -43.41 -6.00 -20.39
CA ASN D 295 -42.36 -6.10 -21.38
C ASN D 295 -41.38 -7.16 -20.85
N GLU D 296 -41.64 -8.44 -21.20
CA GLU D 296 -40.85 -9.60 -20.78
C GLU D 296 -40.06 -10.18 -21.94
N ARG D 297 -40.73 -10.39 -23.09
CA ARG D 297 -40.12 -10.88 -24.33
C ARG D 297 -39.33 -9.75 -25.01
N GLN D 298 -39.86 -8.52 -24.97
CA GLN D 298 -39.23 -7.34 -25.56
C GLN D 298 -38.01 -6.86 -24.79
N VAL D 299 -38.07 -6.92 -23.43
CA VAL D 299 -36.96 -6.53 -22.55
C VAL D 299 -35.75 -7.43 -22.78
N ARG D 300 -35.99 -8.75 -22.98
CA ARG D 300 -34.95 -9.73 -23.27
C ARG D 300 -34.30 -9.43 -24.63
N ILE D 301 -35.12 -9.05 -25.64
CA ILE D 301 -34.68 -8.66 -27.00
C ILE D 301 -33.82 -7.38 -26.95
N GLN D 302 -34.24 -6.38 -26.13
CA GLN D 302 -33.54 -5.11 -25.92
C GLN D 302 -32.16 -5.34 -25.28
N LEU D 303 -32.10 -6.23 -24.26
CA LEU D 303 -30.85 -6.59 -23.56
C LEU D 303 -29.91 -7.32 -24.50
N LYS D 304 -30.45 -8.25 -25.33
CA LYS D 304 -29.68 -9.00 -26.33
C LYS D 304 -29.04 -8.04 -27.34
N ASP D 305 -29.80 -7.01 -27.78
CA ASP D 305 -29.35 -5.98 -28.72
C ASP D 305 -28.26 -5.10 -28.10
N HIS D 306 -28.35 -4.84 -26.79
CA HIS D 306 -27.37 -4.05 -26.03
C HIS D 306 -26.05 -4.80 -25.91
N ILE D 307 -26.09 -6.11 -25.66
CA ILE D 307 -24.89 -6.95 -25.53
C ILE D 307 -24.46 -7.48 -26.88
N ASP E 15 28.47 -27.30 -31.93
CA ASP E 15 29.57 -27.90 -31.17
C ASP E 15 30.86 -27.90 -31.96
N LEU E 16 31.95 -27.50 -31.30
CA LEU E 16 33.32 -27.45 -31.84
C LEU E 16 34.16 -28.42 -31.02
N SER E 17 34.80 -29.40 -31.67
CA SER E 17 35.62 -30.46 -31.07
C SER E 17 36.81 -30.06 -30.17
N ALA E 18 37.06 -28.74 -29.99
CA ALA E 18 38.12 -28.22 -29.11
C ALA E 18 37.49 -28.03 -27.70
N LEU E 19 37.19 -29.16 -27.05
CA LEU E 19 36.57 -29.27 -25.72
C LEU E 19 37.66 -29.44 -24.64
N ARG E 20 37.26 -29.41 -23.36
CA ARG E 20 38.17 -29.55 -22.22
C ARG E 20 38.47 -31.01 -21.86
N ASP E 21 39.60 -31.26 -21.17
CA ASP E 21 39.97 -32.59 -20.67
C ASP E 21 39.16 -32.82 -19.37
N PRO E 22 38.60 -34.02 -19.14
CA PRO E 22 37.75 -34.22 -17.95
C PRO E 22 38.42 -34.25 -16.59
N ALA E 23 39.77 -34.38 -16.57
CA ALA E 23 40.61 -34.47 -15.38
C ALA E 23 40.27 -33.40 -14.36
N GLY E 24 39.89 -33.85 -13.16
CA GLY E 24 39.53 -32.97 -12.05
C GLY E 24 38.07 -32.53 -12.03
N ILE E 25 37.34 -32.74 -13.15
CA ILE E 25 35.93 -32.38 -13.27
C ILE E 25 35.03 -33.60 -13.10
N PHE E 26 35.27 -34.66 -13.91
CA PHE E 26 34.50 -35.91 -13.86
C PHE E 26 35.41 -37.11 -13.75
N GLU E 27 35.03 -38.06 -12.88
CA GLU E 27 35.79 -39.29 -12.65
C GLU E 27 34.93 -40.52 -12.93
N LEU E 28 35.51 -41.55 -13.59
CA LEU E 28 34.81 -42.80 -13.87
C LEU E 28 34.81 -43.66 -12.59
N VAL E 29 33.67 -44.30 -12.28
CA VAL E 29 33.53 -45.12 -11.09
C VAL E 29 33.47 -46.62 -11.43
N GLU E 30 32.47 -47.03 -12.24
CA GLU E 30 32.23 -48.41 -12.66
C GLU E 30 31.58 -48.43 -14.04
N LEU E 31 31.78 -49.52 -14.79
CA LEU E 31 31.15 -49.65 -16.11
C LEU E 31 29.70 -50.11 -15.94
N VAL E 32 28.79 -49.49 -16.73
CA VAL E 32 27.36 -49.76 -16.81
C VAL E 32 27.12 -50.78 -17.95
N GLY E 33 27.46 -50.39 -19.17
CA GLY E 33 27.30 -51.23 -20.36
C GLY E 33 28.62 -51.66 -20.98
N GLY E 38 27.22 -48.48 -26.38
CA GLY E 38 28.59 -49.00 -26.31
C GLY E 38 29.12 -49.15 -24.90
N GLN E 39 30.28 -48.51 -24.59
CA GLN E 39 30.90 -48.54 -23.26
C GLN E 39 30.52 -47.30 -22.41
N VAL E 40 29.49 -47.48 -21.55
CA VAL E 40 28.93 -46.46 -20.67
C VAL E 40 29.38 -46.73 -19.24
N TYR E 41 29.82 -45.68 -18.54
CA TYR E 41 30.32 -45.73 -17.17
C TYR E 41 29.45 -44.92 -16.23
N LYS E 42 29.48 -45.29 -14.95
CA LYS E 42 28.85 -44.54 -13.88
C LYS E 42 29.98 -43.59 -13.47
N GLY E 43 29.76 -42.30 -13.70
CA GLY E 43 30.74 -41.26 -13.39
C GLY E 43 30.32 -40.42 -12.21
N ARG E 44 31.26 -39.62 -11.68
CA ARG E 44 31.02 -38.74 -10.55
C ARG E 44 31.61 -37.37 -10.80
N HIS E 45 30.83 -36.32 -10.53
CA HIS E 45 31.28 -34.94 -10.65
C HIS E 45 32.13 -34.69 -9.40
N VAL E 46 33.43 -34.37 -9.59
CA VAL E 46 34.40 -34.19 -8.50
C VAL E 46 33.96 -33.26 -7.39
N LYS E 47 33.65 -31.99 -7.72
CA LYS E 47 33.27 -30.97 -6.74
C LYS E 47 31.96 -31.20 -6.01
N THR E 48 30.93 -31.72 -6.69
CA THR E 48 29.61 -31.91 -6.08
C THR E 48 29.33 -33.33 -5.56
N GLY E 49 29.99 -34.32 -6.16
CA GLY E 49 29.81 -35.73 -5.82
C GLY E 49 28.58 -36.33 -6.48
N GLN E 50 27.97 -35.56 -7.41
CA GLN E 50 26.77 -36.00 -8.12
C GLN E 50 27.12 -36.99 -9.20
N LEU E 51 26.28 -38.06 -9.34
CA LEU E 51 26.45 -39.12 -10.33
C LEU E 51 25.94 -38.72 -11.72
N ALA E 52 26.62 -39.23 -12.74
CA ALA E 52 26.33 -38.99 -14.15
C ALA E 52 26.69 -40.22 -14.96
N ALA E 53 26.05 -40.38 -16.13
CA ALA E 53 26.37 -41.47 -17.03
C ALA E 53 27.40 -40.93 -18.02
N ILE E 54 28.57 -41.59 -18.12
CA ILE E 54 29.61 -41.15 -19.06
C ILE E 54 29.87 -42.20 -20.14
N LYS E 55 29.54 -41.86 -21.41
CA LYS E 55 29.76 -42.73 -22.56
C LYS E 55 31.14 -42.39 -23.11
N VAL E 56 32.05 -43.38 -23.09
CA VAL E 56 33.43 -43.20 -23.56
C VAL E 56 33.59 -43.78 -24.98
N MET E 57 33.92 -42.92 -25.95
CA MET E 57 34.08 -43.33 -27.35
C MET E 57 35.33 -42.75 -28.00
N ASP E 58 35.99 -43.53 -28.87
CA ASP E 58 37.18 -43.06 -29.62
C ASP E 58 36.75 -42.09 -30.73
N VAL E 59 37.25 -40.86 -30.68
CA VAL E 59 36.90 -39.81 -31.65
C VAL E 59 37.68 -39.96 -32.96
N THR E 60 37.41 -41.07 -33.68
CA THR E 60 38.01 -41.40 -34.98
C THR E 60 37.49 -40.43 -36.05
N GLY E 61 38.42 -39.85 -36.82
CA GLY E 61 38.14 -38.87 -37.89
C GLY E 61 37.08 -39.31 -38.88
N ASP E 62 37.09 -40.61 -39.23
CA ASP E 62 36.14 -41.26 -40.13
C ASP E 62 34.70 -41.16 -39.62
N GLU E 63 34.49 -41.38 -38.31
CA GLU E 63 33.17 -41.34 -37.66
C GLU E 63 32.93 -40.12 -36.74
N GLU E 64 33.52 -38.96 -37.08
CA GLU E 64 33.40 -37.69 -36.34
C GLU E 64 32.09 -36.92 -36.62
N GLU E 65 31.64 -36.91 -37.90
CA GLU E 65 30.41 -36.24 -38.35
C GLU E 65 29.17 -36.77 -37.60
N GLU E 66 29.08 -38.11 -37.42
CA GLU E 66 27.99 -38.79 -36.70
C GLU E 66 27.98 -38.46 -35.20
N ILE E 67 29.17 -38.35 -34.57
CA ILE E 67 29.31 -38.00 -33.14
C ILE E 67 28.91 -36.55 -32.85
N LYS E 68 29.33 -35.60 -33.71
CA LYS E 68 28.98 -34.18 -33.59
C LYS E 68 27.47 -33.95 -33.70
N GLN E 69 26.79 -34.71 -34.60
CA GLN E 69 25.34 -34.64 -34.83
C GLN E 69 24.56 -35.14 -33.60
N GLU E 70 25.07 -36.19 -32.93
CA GLU E 70 24.47 -36.76 -31.71
C GLU E 70 24.48 -35.76 -30.56
N ILE E 71 25.64 -35.06 -30.37
CA ILE E 71 25.83 -34.05 -29.32
C ILE E 71 24.83 -32.91 -29.49
N ASN E 72 24.70 -32.35 -30.72
CA ASN E 72 23.77 -31.27 -31.04
C ASN E 72 22.31 -31.65 -30.77
N MET E 73 21.93 -32.90 -31.11
CA MET E 73 20.59 -33.44 -30.88
C MET E 73 20.33 -33.44 -29.38
N LEU E 74 21.31 -33.96 -28.60
CA LEU E 74 21.29 -34.05 -27.14
C LEU E 74 21.29 -32.68 -26.45
N LYS E 75 22.08 -31.71 -26.95
CA LYS E 75 22.17 -30.33 -26.43
C LYS E 75 20.85 -29.56 -26.59
N LYS E 76 20.14 -29.78 -27.72
CA LYS E 76 18.88 -29.11 -28.05
C LYS E 76 17.63 -29.81 -27.51
N TYR E 77 17.54 -31.14 -27.65
CA TYR E 77 16.33 -31.89 -27.33
C TYR E 77 16.24 -32.72 -26.06
N SER E 78 17.33 -32.85 -25.27
CA SER E 78 17.30 -33.67 -24.07
C SER E 78 16.73 -33.01 -22.82
N HIS E 79 16.31 -31.75 -22.94
CA HIS E 79 15.80 -30.98 -21.80
C HIS E 79 14.33 -31.16 -21.44
N HIS E 80 13.86 -32.42 -21.53
CA HIS E 80 12.52 -32.87 -21.16
C HIS E 80 12.73 -33.93 -20.07
N ARG E 81 11.78 -34.05 -19.12
CA ARG E 81 11.85 -35.00 -17.99
C ARG E 81 11.88 -36.49 -18.35
N ASN E 82 11.44 -36.84 -19.57
CA ASN E 82 11.40 -38.23 -20.03
C ASN E 82 12.55 -38.59 -20.99
N ILE E 83 13.58 -37.74 -21.03
CA ILE E 83 14.79 -37.92 -21.84
C ILE E 83 15.99 -37.61 -20.93
N ALA E 84 16.98 -38.51 -20.92
CA ALA E 84 18.22 -38.32 -20.14
C ALA E 84 18.92 -37.02 -20.58
N THR E 85 19.03 -36.08 -19.64
CA THR E 85 19.58 -34.74 -19.85
C THR E 85 21.08 -34.78 -20.14
N TYR E 86 21.50 -34.01 -21.15
CA TYR E 86 22.89 -33.84 -21.58
C TYR E 86 23.56 -32.87 -20.59
N TYR E 87 24.72 -33.26 -20.05
CA TYR E 87 25.46 -32.43 -19.08
C TYR E 87 26.71 -31.79 -19.67
N GLY E 88 27.29 -32.41 -20.71
CA GLY E 88 28.48 -31.88 -21.35
C GLY E 88 29.29 -32.95 -22.04
N ALA E 89 30.34 -32.51 -22.75
CA ALA E 89 31.26 -33.38 -23.49
C ALA E 89 32.70 -32.97 -23.24
N PHE E 90 33.60 -33.96 -23.17
CA PHE E 90 35.02 -33.75 -22.90
C PHE E 90 35.85 -34.64 -23.81
N ILE E 91 37.10 -34.23 -24.07
CA ILE E 91 38.03 -35.00 -24.88
C ILE E 91 39.30 -35.23 -24.10
N LYS E 92 39.73 -36.49 -24.03
CA LYS E 92 41.02 -36.85 -23.44
C LYS E 92 42.00 -36.86 -24.64
N LYS E 93 42.82 -35.78 -24.78
CA LYS E 93 43.76 -35.64 -25.89
C LYS E 93 44.93 -36.61 -25.79
N ASP E 99 41.82 -42.84 -32.11
CA ASP E 99 42.89 -42.35 -31.25
C ASP E 99 42.38 -41.73 -29.93
N ASP E 100 42.06 -40.41 -29.91
CA ASP E 100 41.59 -39.67 -28.74
C ASP E 100 40.19 -40.10 -28.27
N GLN E 101 40.00 -40.29 -26.95
CA GLN E 101 38.73 -40.73 -26.35
C GLN E 101 37.84 -39.57 -25.84
N LEU E 102 36.55 -39.52 -26.30
CA LEU E 102 35.49 -38.53 -26.00
C LEU E 102 34.58 -39.04 -24.89
N TRP E 103 34.25 -38.16 -23.95
CA TRP E 103 33.37 -38.45 -22.83
C TRP E 103 32.04 -37.74 -22.99
N LEU E 104 30.96 -38.51 -23.16
CA LEU E 104 29.62 -37.96 -23.28
C LEU E 104 28.96 -38.03 -21.90
N VAL E 105 28.91 -36.90 -21.18
CA VAL E 105 28.33 -36.80 -19.83
C VAL E 105 26.82 -36.58 -19.87
N MET E 106 26.05 -37.55 -19.32
CA MET E 106 24.59 -37.55 -19.34
C MET E 106 23.97 -37.80 -17.97
N GLU E 107 22.65 -37.59 -17.86
CA GLU E 107 21.85 -37.82 -16.66
C GLU E 107 21.93 -39.31 -16.30
N PHE E 108 22.26 -39.63 -15.05
CA PHE E 108 22.38 -41.02 -14.61
C PHE E 108 21.03 -41.63 -14.24
N CYS E 109 20.79 -42.88 -14.71
CA CYS E 109 19.58 -43.65 -14.45
C CYS E 109 19.96 -44.92 -13.69
N GLY E 110 19.91 -44.81 -12.36
CA GLY E 110 20.31 -45.82 -11.39
C GLY E 110 19.61 -47.17 -11.37
N ALA E 111 18.39 -47.27 -11.94
CA ALA E 111 17.65 -48.55 -11.93
C ALA E 111 17.90 -49.46 -13.14
N GLY E 112 18.40 -48.88 -14.24
CA GLY E 112 18.70 -49.62 -15.45
C GLY E 112 17.59 -49.63 -16.48
N SER E 113 17.81 -50.39 -17.57
CA SER E 113 16.88 -50.52 -18.71
C SER E 113 15.62 -51.31 -18.40
N VAL E 114 14.61 -51.17 -19.29
CA VAL E 114 13.35 -51.90 -19.22
C VAL E 114 13.62 -53.37 -19.49
N THR E 115 14.64 -53.65 -20.35
CA THR E 115 15.11 -54.99 -20.70
C THR E 115 15.64 -55.71 -19.46
N ASP E 116 16.50 -55.04 -18.65
CA ASP E 116 17.06 -55.56 -17.41
C ASP E 116 15.97 -55.76 -16.34
N LEU E 117 14.95 -54.87 -16.32
CA LEU E 117 13.79 -54.91 -15.42
C LEU E 117 12.91 -56.12 -15.72
N ILE E 118 12.74 -56.46 -17.02
CA ILE E 118 11.97 -57.61 -17.49
C ILE E 118 12.72 -58.90 -17.12
N LYS E 119 14.06 -58.93 -17.37
CA LYS E 119 14.94 -60.06 -17.08
C LYS E 119 15.05 -60.35 -15.57
N ASN E 120 15.02 -59.28 -14.74
CA ASN E 120 15.10 -59.35 -13.28
C ASN E 120 13.74 -59.01 -12.66
N LYS E 127 3.52 -55.94 -14.20
CA LYS E 127 2.10 -56.14 -14.50
C LYS E 127 1.61 -55.25 -15.65
N GLU E 128 0.28 -55.20 -15.87
CA GLU E 128 -0.34 -54.36 -16.91
C GLU E 128 -0.32 -52.87 -16.53
N GLU E 129 -0.50 -52.57 -15.21
CA GLU E 129 -0.48 -51.21 -14.66
C GLU E 129 0.91 -50.58 -14.77
N TRP E 130 1.98 -51.40 -14.67
CA TRP E 130 3.38 -50.97 -14.81
C TRP E 130 3.67 -50.63 -16.27
N ILE E 131 3.16 -51.48 -17.21
CA ILE E 131 3.29 -51.31 -18.66
C ILE E 131 2.66 -49.98 -19.09
N ALA E 132 1.46 -49.68 -18.59
CA ALA E 132 0.74 -48.44 -18.87
C ALA E 132 1.52 -47.19 -18.42
N TYR E 133 2.18 -47.27 -17.23
CA TYR E 133 2.98 -46.18 -16.67
C TYR E 133 4.21 -45.95 -17.54
N ILE E 134 4.98 -47.04 -17.83
CA ILE E 134 6.18 -47.01 -18.67
C ILE E 134 5.87 -46.51 -20.09
N CYS E 135 4.78 -47.03 -20.70
CA CYS E 135 4.35 -46.62 -22.05
C CYS E 135 3.97 -45.15 -22.11
N ARG E 136 3.30 -44.64 -21.05
CA ARG E 136 2.86 -43.24 -20.96
C ARG E 136 4.07 -42.30 -20.93
N GLU E 137 5.11 -42.68 -20.15
CA GLU E 137 6.35 -41.92 -20.01
C GLU E 137 7.15 -41.90 -21.32
N ILE E 138 7.19 -43.04 -22.05
CA ILE E 138 7.87 -43.13 -23.35
C ILE E 138 7.15 -42.20 -24.35
N LEU E 139 5.80 -42.27 -24.34
CA LEU E 139 4.90 -41.49 -25.19
C LEU E 139 5.06 -39.98 -24.96
N ARG E 140 5.23 -39.56 -23.69
CA ARG E 140 5.45 -38.15 -23.32
C ARG E 140 6.80 -37.67 -23.88
N GLY E 141 7.83 -38.50 -23.74
CA GLY E 141 9.17 -38.24 -24.26
C GLY E 141 9.17 -38.14 -25.77
N LEU E 142 8.45 -39.08 -26.43
CA LEU E 142 8.28 -39.13 -27.89
C LEU E 142 7.52 -37.90 -28.38
N SER E 143 6.46 -37.49 -27.64
CA SER E 143 5.66 -36.30 -27.93
C SER E 143 6.54 -35.06 -27.98
N HIS E 144 7.49 -34.92 -27.02
CA HIS E 144 8.44 -33.83 -26.95
C HIS E 144 9.32 -33.78 -28.20
N LEU E 145 9.84 -34.95 -28.62
CA LEU E 145 10.72 -35.11 -29.78
C LEU E 145 9.98 -34.84 -31.08
N HIS E 146 8.75 -35.38 -31.21
CA HIS E 146 7.92 -35.22 -32.39
C HIS E 146 7.48 -33.78 -32.60
N GLN E 147 7.19 -33.05 -31.49
CA GLN E 147 6.83 -31.63 -31.49
C GLN E 147 7.99 -30.79 -32.06
N HIS E 148 9.23 -31.25 -31.79
CA HIS E 148 10.46 -30.63 -32.27
C HIS E 148 10.92 -31.21 -33.63
N LYS E 149 10.04 -31.96 -34.32
CA LYS E 149 10.27 -32.60 -35.62
C LYS E 149 11.52 -33.52 -35.62
N VAL E 150 11.66 -34.32 -34.55
CA VAL E 150 12.75 -35.28 -34.34
C VAL E 150 12.17 -36.68 -34.17
N ILE E 151 12.71 -37.66 -34.92
CA ILE E 151 12.31 -39.07 -34.80
C ILE E 151 13.42 -39.79 -34.04
N HIS E 152 13.08 -40.52 -32.95
CA HIS E 152 14.06 -41.25 -32.14
C HIS E 152 14.71 -42.37 -32.96
N ARG E 153 13.90 -43.11 -33.76
CA ARG E 153 14.29 -44.20 -34.65
C ARG E 153 14.79 -45.50 -33.98
N ASP E 154 14.91 -45.54 -32.64
CA ASP E 154 15.41 -46.72 -31.94
C ASP E 154 14.74 -46.96 -30.58
N ILE E 155 13.40 -46.95 -30.58
CA ILE E 155 12.62 -47.20 -29.37
C ILE E 155 12.58 -48.71 -29.10
N LYS E 156 13.15 -49.13 -27.95
CA LYS E 156 13.21 -50.51 -27.46
C LYS E 156 13.53 -50.48 -25.98
N GLY E 157 13.21 -51.56 -25.26
CA GLY E 157 13.45 -51.70 -23.82
C GLY E 157 14.86 -51.42 -23.35
N GLN E 158 15.85 -51.67 -24.23
CA GLN E 158 17.28 -51.39 -24.02
C GLN E 158 17.51 -49.87 -23.91
N ASN E 159 16.69 -49.08 -24.64
CA ASN E 159 16.78 -47.63 -24.71
C ASN E 159 15.84 -46.85 -23.81
N VAL E 160 15.07 -47.56 -22.98
CA VAL E 160 14.13 -46.96 -22.04
C VAL E 160 14.67 -47.32 -20.67
N LEU E 161 15.19 -46.32 -19.95
CA LEU E 161 15.79 -46.50 -18.63
C LEU E 161 14.95 -45.93 -17.52
N LEU E 162 15.12 -46.49 -16.32
CA LEU E 162 14.44 -46.10 -15.09
C LEU E 162 15.46 -45.51 -14.10
N THR E 163 15.04 -44.47 -13.35
CA THR E 163 15.87 -43.82 -12.31
C THR E 163 15.65 -44.56 -10.99
N GLU E 164 16.46 -44.24 -9.95
CA GLU E 164 16.33 -44.85 -8.62
C GLU E 164 14.94 -44.56 -7.97
N ASN E 165 14.32 -43.42 -8.35
CA ASN E 165 12.98 -42.99 -7.91
C ASN E 165 11.86 -43.49 -8.87
N ALA E 166 12.21 -44.45 -9.77
CA ALA E 166 11.33 -45.09 -10.75
C ALA E 166 10.68 -44.19 -11.82
N GLU E 167 11.45 -43.25 -12.40
CA GLU E 167 10.99 -42.37 -13.47
C GLU E 167 11.62 -42.83 -14.79
N VAL E 168 10.80 -43.00 -15.85
CA VAL E 168 11.27 -43.48 -17.15
C VAL E 168 11.88 -42.39 -18.05
N LYS E 169 13.13 -42.64 -18.51
CA LYS E 169 13.91 -41.73 -19.37
C LYS E 169 14.45 -42.45 -20.62
N LEU E 170 14.30 -41.80 -21.81
CA LEU E 170 14.75 -42.32 -23.10
C LEU E 170 16.21 -41.98 -23.39
N VAL E 171 16.97 -42.96 -23.90
CA VAL E 171 18.39 -42.83 -24.25
C VAL E 171 18.66 -43.19 -25.71
N ASP E 172 19.93 -43.03 -26.15
CA ASP E 172 20.46 -43.32 -27.50
C ASP E 172 19.81 -42.59 -28.69
N PHE E 173 20.53 -41.58 -29.19
CA PHE E 173 20.11 -40.77 -30.35
C PHE E 173 21.06 -40.94 -31.54
N THR E 192 19.37 -55.05 -34.91
CA THR E 192 18.20 -55.90 -34.74
C THR E 192 16.96 -55.21 -35.32
N PRO E 193 16.18 -55.89 -36.20
CA PRO E 193 15.02 -55.23 -36.81
C PRO E 193 13.67 -55.49 -36.11
N TYR E 194 13.67 -56.22 -34.98
CA TYR E 194 12.47 -56.60 -34.23
C TYR E 194 11.52 -55.46 -33.87
N TRP E 195 12.07 -54.25 -33.61
CA TRP E 195 11.28 -53.08 -33.24
C TRP E 195 10.97 -52.16 -34.43
N MET E 196 11.61 -52.40 -35.60
CA MET E 196 11.42 -51.61 -36.83
C MET E 196 10.01 -51.71 -37.40
N ALA E 197 9.47 -50.56 -37.80
CA ALA E 197 8.14 -50.44 -38.39
C ALA E 197 8.15 -50.91 -39.86
N PRO E 198 7.01 -51.41 -40.41
CA PRO E 198 6.99 -51.86 -41.81
C PRO E 198 7.39 -50.79 -42.83
N GLU E 199 7.02 -49.50 -42.59
CA GLU E 199 7.32 -48.37 -43.47
C GLU E 199 8.81 -48.04 -43.54
N VAL E 200 9.57 -48.35 -42.45
CA VAL E 200 11.01 -48.12 -42.36
C VAL E 200 11.73 -49.16 -43.22
N ILE E 201 11.25 -50.43 -43.19
CA ILE E 201 11.78 -51.53 -43.99
C ILE E 201 11.41 -51.35 -45.47
N ASP E 212 7.93 -41.45 -41.33
CA ASP E 212 7.82 -40.24 -40.52
C ASP E 212 7.89 -40.56 -39.00
N PHE E 213 7.33 -39.65 -38.17
CA PHE E 213 7.28 -39.75 -36.71
C PHE E 213 6.49 -40.97 -36.21
N LYS E 214 5.50 -41.43 -37.01
CA LYS E 214 4.62 -42.55 -36.67
C LYS E 214 5.34 -43.90 -36.49
N SER E 215 6.56 -44.03 -37.05
CA SER E 215 7.39 -45.23 -36.93
C SER E 215 7.81 -45.49 -35.47
N ASP E 216 8.01 -44.42 -34.68
CA ASP E 216 8.37 -44.53 -33.27
C ASP E 216 7.21 -45.12 -32.44
N LEU E 217 5.95 -44.90 -32.90
CA LEU E 217 4.72 -45.39 -32.26
C LEU E 217 4.58 -46.91 -32.43
N TRP E 218 5.07 -47.45 -33.57
CA TRP E 218 5.08 -48.89 -33.85
C TRP E 218 6.04 -49.55 -32.87
N SER E 219 7.26 -48.98 -32.76
CA SER E 219 8.33 -49.45 -31.88
C SER E 219 7.89 -49.43 -30.42
N LEU E 220 7.02 -48.46 -30.05
CA LEU E 220 6.43 -48.35 -28.73
C LEU E 220 5.57 -49.59 -28.48
N GLY E 221 4.74 -49.94 -29.49
CA GLY E 221 3.87 -51.10 -29.47
C GLY E 221 4.63 -52.41 -29.29
N ILE E 222 5.79 -52.54 -29.98
CA ILE E 222 6.66 -53.71 -29.89
C ILE E 222 7.30 -53.79 -28.48
N THR E 223 7.67 -52.62 -27.90
CA THR E 223 8.26 -52.50 -26.56
C THR E 223 7.23 -52.86 -25.49
N ALA E 224 5.95 -52.55 -25.78
CA ALA E 224 4.82 -52.88 -24.92
C ALA E 224 4.66 -54.40 -24.85
N ILE E 225 4.72 -55.09 -26.02
CA ILE E 225 4.67 -56.55 -26.13
C ILE E 225 5.91 -57.16 -25.46
N GLU E 226 7.09 -56.52 -25.65
CA GLU E 226 8.35 -56.93 -25.02
C GLU E 226 8.20 -56.92 -23.49
N MET E 227 7.52 -55.89 -22.95
CA MET E 227 7.27 -55.75 -21.51
C MET E 227 6.25 -56.78 -21.01
N ALA E 228 5.24 -57.07 -21.85
CA ALA E 228 4.16 -58.01 -21.57
C ALA E 228 4.60 -59.47 -21.65
N GLU E 229 5.30 -59.86 -22.74
CA GLU E 229 5.73 -61.24 -23.01
C GLU E 229 7.19 -61.59 -22.70
N GLY E 230 8.03 -60.59 -22.44
CA GLY E 230 9.44 -60.81 -22.12
C GLY E 230 10.40 -60.74 -23.29
N ALA E 231 9.87 -60.69 -24.52
CA ALA E 231 10.64 -60.62 -25.77
C ALA E 231 9.80 -60.04 -26.91
N PRO E 232 10.41 -59.38 -27.92
CA PRO E 232 9.61 -58.83 -29.03
C PRO E 232 9.07 -59.91 -29.96
N PRO E 233 7.99 -59.68 -30.73
CA PRO E 233 7.54 -60.70 -31.68
C PRO E 233 8.64 -60.93 -32.74
N LEU E 234 8.75 -62.19 -33.21
CA LEU E 234 9.73 -62.65 -34.20
C LEU E 234 11.17 -62.74 -33.67
N CYS E 235 11.35 -62.67 -32.33
CA CYS E 235 12.66 -62.76 -31.66
C CYS E 235 13.40 -64.07 -31.95
N ASP E 236 12.65 -65.19 -32.04
CA ASP E 236 13.15 -66.53 -32.30
C ASP E 236 13.71 -66.71 -33.72
N MET E 237 13.46 -65.74 -34.63
CA MET E 237 13.92 -65.78 -36.02
C MET E 237 15.22 -65.00 -36.23
N HIS E 238 15.94 -65.34 -37.31
CA HIS E 238 17.18 -64.67 -37.74
C HIS E 238 16.82 -63.26 -38.19
N PRO E 239 17.65 -62.23 -37.91
CA PRO E 239 17.29 -60.85 -38.30
C PRO E 239 16.89 -60.63 -39.75
N MET E 240 17.49 -61.37 -40.69
CA MET E 240 17.18 -61.28 -42.12
C MET E 240 15.75 -61.78 -42.41
N ARG E 241 15.33 -62.87 -41.72
CA ARG E 241 13.99 -63.45 -41.86
C ARG E 241 12.96 -62.51 -41.22
N ALA E 242 13.34 -61.86 -40.10
CA ALA E 242 12.51 -60.90 -39.37
C ALA E 242 12.28 -59.63 -40.19
N LEU E 243 13.32 -59.17 -40.94
CA LEU E 243 13.26 -58.02 -41.85
C LEU E 243 12.30 -58.32 -43.00
N PHE E 244 12.31 -59.58 -43.49
CA PHE E 244 11.41 -60.07 -44.55
C PHE E 244 9.96 -60.22 -44.04
N LEU E 245 9.79 -60.79 -42.83
CA LEU E 245 8.48 -61.07 -42.21
C LEU E 245 7.68 -59.88 -41.71
N ILE E 246 8.33 -58.88 -41.06
CA ILE E 246 7.64 -57.68 -40.52
C ILE E 246 6.69 -56.99 -41.53
N PRO E 247 7.10 -56.64 -42.78
CA PRO E 247 6.15 -56.00 -43.71
C PRO E 247 5.06 -56.93 -44.24
N ARG E 248 5.31 -58.26 -44.17
CA ARG E 248 4.43 -59.31 -44.68
C ARG E 248 3.42 -59.88 -43.68
N ASN E 249 3.87 -60.21 -42.45
CA ASN E 249 3.02 -60.75 -41.39
C ASN E 249 1.99 -59.71 -40.95
N PRO E 250 0.78 -60.12 -40.49
CA PRO E 250 -0.18 -59.11 -40.00
C PRO E 250 0.30 -58.54 -38.67
N ALA E 251 -0.18 -57.33 -38.30
CA ALA E 251 0.18 -56.63 -37.07
C ALA E 251 0.17 -57.56 -35.84
N PRO E 252 1.29 -57.61 -35.07
CA PRO E 252 1.34 -58.54 -33.93
C PRO E 252 0.30 -58.27 -32.84
N ARG E 253 0.08 -59.28 -32.00
CA ARG E 253 -0.82 -59.26 -30.86
C ARG E 253 -0.16 -60.00 -29.70
N LEU E 254 -0.70 -59.80 -28.48
CA LEU E 254 -0.19 -60.45 -27.28
C LEU E 254 -0.58 -61.93 -27.31
N LYS E 255 0.39 -62.80 -26.96
CA LYS E 255 0.22 -64.27 -26.94
C LYS E 255 -0.84 -64.76 -25.93
N SER E 256 -0.85 -64.18 -24.71
CA SER E 256 -1.80 -64.54 -23.63
C SER E 256 -3.16 -63.81 -23.75
N LYS E 257 -4.23 -64.48 -23.28
CA LYS E 257 -5.59 -63.93 -23.28
C LYS E 257 -5.89 -63.19 -21.96
N LYS E 258 -4.95 -63.26 -20.99
CA LYS E 258 -5.06 -62.64 -19.66
C LYS E 258 -5.05 -61.10 -19.66
N TRP E 259 -4.43 -60.47 -20.69
CA TRP E 259 -4.33 -59.01 -20.82
C TRP E 259 -5.69 -58.37 -21.02
N SER E 260 -5.88 -57.18 -20.40
CA SER E 260 -7.11 -56.39 -20.44
C SER E 260 -7.48 -55.97 -21.86
N LYS E 261 -8.78 -55.66 -22.06
CA LYS E 261 -9.35 -55.18 -23.33
C LYS E 261 -8.75 -53.82 -23.71
N LYS E 262 -8.46 -52.96 -22.70
CA LYS E 262 -7.85 -51.64 -22.86
C LYS E 262 -6.41 -51.77 -23.40
N PHE E 263 -5.61 -52.70 -22.84
CA PHE E 263 -4.23 -52.96 -23.26
C PHE E 263 -4.19 -53.55 -24.66
N GLN E 264 -5.13 -54.47 -24.95
CA GLN E 264 -5.32 -55.14 -26.24
C GLN E 264 -5.65 -54.11 -27.33
N SER E 265 -6.52 -53.14 -26.98
CA SER E 265 -6.95 -52.06 -27.87
C SER E 265 -5.77 -51.11 -28.17
N PHE E 266 -4.90 -50.88 -27.17
CA PHE E 266 -3.71 -50.01 -27.27
C PHE E 266 -2.71 -50.57 -28.24
N ILE E 267 -2.39 -51.88 -28.12
CA ILE E 267 -1.47 -52.62 -28.99
C ILE E 267 -1.95 -52.56 -30.44
N GLU E 268 -3.27 -52.76 -30.64
CA GLU E 268 -3.93 -52.69 -31.96
C GLU E 268 -3.85 -51.28 -32.57
N SER E 269 -3.90 -50.22 -31.71
CA SER E 269 -3.80 -48.82 -32.13
C SER E 269 -2.37 -48.46 -32.53
N CYS E 270 -1.36 -48.91 -31.74
CA CYS E 270 0.06 -48.67 -32.01
C CYS E 270 0.51 -49.44 -33.24
N LEU E 271 0.03 -50.70 -33.39
CA LEU E 271 0.39 -51.59 -34.50
C LEU E 271 -0.62 -51.56 -35.65
N VAL E 272 -0.51 -50.53 -36.49
CA VAL E 272 -1.31 -50.35 -37.69
C VAL E 272 -0.27 -50.33 -38.79
N LYS E 273 -0.20 -51.42 -39.61
CA LYS E 273 0.77 -51.57 -40.70
C LYS E 273 0.79 -50.34 -41.63
N ASN E 274 -0.41 -49.78 -41.90
CA ASN E 274 -0.59 -48.57 -42.70
C ASN E 274 -0.29 -47.36 -41.81
N HIS E 275 0.92 -46.76 -41.98
CA HIS E 275 1.37 -45.60 -41.21
C HIS E 275 0.45 -44.39 -41.38
N SER E 276 -0.21 -44.28 -42.56
CA SER E 276 -1.18 -43.23 -42.88
C SER E 276 -2.44 -43.34 -41.99
N GLN E 277 -2.79 -44.58 -41.59
CA GLN E 277 -3.94 -44.89 -40.72
C GLN E 277 -3.53 -45.05 -39.25
N ARG E 278 -2.21 -45.05 -38.96
CA ARG E 278 -1.66 -45.16 -37.60
C ARG E 278 -1.85 -43.83 -36.84
N PRO E 279 -2.28 -43.84 -35.54
CA PRO E 279 -2.48 -42.57 -34.82
C PRO E 279 -1.16 -41.85 -34.51
N GLU E 282 0.21 -38.07 -29.55
CA GLU E 282 -0.83 -37.08 -29.31
C GLU E 282 -2.19 -37.77 -29.20
N GLN E 283 -2.65 -38.40 -30.31
CA GLN E 283 -3.89 -39.18 -30.36
C GLN E 283 -3.71 -40.40 -29.46
N LEU E 284 -2.52 -41.05 -29.52
CA LEU E 284 -2.16 -42.22 -28.71
C LEU E 284 -2.09 -41.91 -27.23
N MET E 285 -1.73 -40.65 -26.88
CA MET E 285 -1.66 -40.18 -25.49
C MET E 285 -3.07 -40.11 -24.88
N LYS E 286 -4.08 -39.80 -25.72
CA LYS E 286 -5.48 -39.69 -25.33
C LYS E 286 -6.19 -41.06 -25.27
N HIS E 287 -5.50 -42.15 -25.67
CA HIS E 287 -6.06 -43.52 -25.64
C HIS E 287 -6.32 -43.95 -24.20
N PRO E 288 -7.50 -44.57 -23.93
CA PRO E 288 -7.85 -45.00 -22.56
C PRO E 288 -6.76 -45.72 -21.75
N PHE E 289 -5.91 -46.54 -22.41
CA PHE E 289 -4.83 -47.28 -21.73
C PHE E 289 -3.77 -46.35 -21.13
N ILE E 290 -3.47 -45.24 -21.83
CA ILE E 290 -2.48 -44.24 -21.41
C ILE E 290 -3.14 -43.17 -20.53
N ARG E 291 -4.33 -42.69 -20.95
CA ARG E 291 -5.11 -41.65 -20.28
C ARG E 291 -5.71 -42.07 -18.93
N ASP E 292 -6.22 -43.31 -18.81
CA ASP E 292 -6.85 -43.78 -17.58
C ASP E 292 -5.98 -44.68 -16.70
N GLN E 293 -5.05 -44.06 -15.94
CA GLN E 293 -4.16 -44.72 -14.99
C GLN E 293 -4.41 -44.05 -13.61
N PRO E 294 -5.48 -44.48 -12.89
CA PRO E 294 -5.84 -43.79 -11.64
C PRO E 294 -4.91 -44.01 -10.47
N ASN E 295 -4.20 -45.16 -10.45
CA ASN E 295 -3.31 -45.53 -9.37
C ASN E 295 -1.84 -45.24 -9.72
N GLU E 296 -1.57 -44.11 -10.39
CA GLU E 296 -0.25 -43.67 -10.85
C GLU E 296 0.80 -43.51 -9.72
N ARG E 297 0.40 -42.91 -8.59
CA ARG E 297 1.27 -42.69 -7.44
C ARG E 297 1.72 -44.01 -6.78
N GLN E 298 0.79 -44.97 -6.67
CA GLN E 298 1.04 -46.28 -6.07
C GLN E 298 1.87 -47.18 -6.99
N VAL E 299 1.64 -47.12 -8.32
CA VAL E 299 2.38 -47.88 -9.33
C VAL E 299 3.85 -47.51 -9.31
N ARG E 300 4.15 -46.19 -9.17
CA ARG E 300 5.51 -45.66 -9.07
C ARG E 300 6.19 -46.18 -7.79
N ILE E 301 5.45 -46.23 -6.66
CA ILE E 301 5.92 -46.74 -5.36
C ILE E 301 6.22 -48.25 -5.43
N GLN E 302 5.34 -49.02 -6.12
CA GLN E 302 5.47 -50.46 -6.34
C GLN E 302 6.72 -50.78 -7.17
N LEU E 303 6.96 -50.00 -8.26
CA LEU E 303 8.12 -50.15 -9.13
C LEU E 303 9.41 -49.80 -8.35
N LYS E 304 9.34 -48.76 -7.49
CA LYS E 304 10.43 -48.28 -6.62
C LYS E 304 10.84 -49.32 -5.57
N ASP E 305 9.88 -50.18 -5.16
CA ASP E 305 10.06 -51.28 -4.21
C ASP E 305 10.63 -52.54 -4.93
N HIS E 306 10.24 -52.73 -6.21
CA HIS E 306 10.74 -53.83 -7.06
C HIS E 306 12.22 -53.59 -7.40
N ILE E 307 12.59 -52.31 -7.60
CA ILE E 307 13.97 -51.88 -7.87
C ILE E 307 14.85 -52.12 -6.65
N ASP E 308 14.34 -51.79 -5.44
CA ASP E 308 15.04 -51.98 -4.15
C ASP E 308 15.27 -53.46 -3.83
N ARG E 309 14.36 -54.36 -4.29
CA ARG E 309 14.46 -55.81 -4.11
C ARG E 309 15.62 -56.37 -4.96
N THR E 310 15.94 -55.72 -6.10
CA THR E 310 17.04 -56.10 -6.99
C THR E 310 18.38 -55.64 -6.39
#